data_6PBO
# 
_entry.id   6PBO 
# 
_audit_conform.dict_name       mmcif_pdbx.dic 
_audit_conform.dict_version    5.380 
_audit_conform.dict_location   http://mmcif.pdb.org/dictionaries/ascii/mmcif_pdbx.dic 
# 
loop_
_database_2.database_id 
_database_2.database_code 
_database_2.pdbx_database_accession 
_database_2.pdbx_DOI 
PDB   6PBO         pdb_00006pbo 10.2210/pdb6pbo/pdb 
WWPDB D_1000242266 ?            ?                   
# 
_pdbx_database_related.db_name        PDB 
_pdbx_database_related.details        . 
_pdbx_database_related.db_id          6P9Z 
_pdbx_database_related.content_type   unspecified 
# 
_pdbx_database_status.status_code                     REL 
_pdbx_database_status.status_code_sf                  REL 
_pdbx_database_status.status_code_mr                  ? 
_pdbx_database_status.entry_id                        6PBO 
_pdbx_database_status.recvd_initial_deposition_date   2019-06-14 
_pdbx_database_status.SG_entry                        N 
_pdbx_database_status.deposit_site                    RCSB 
_pdbx_database_status.process_site                    RCSB 
_pdbx_database_status.status_code_cs                  ? 
_pdbx_database_status.methods_development_category    ? 
_pdbx_database_status.pdb_format_compatible           Y 
_pdbx_database_status.status_code_nmr_data            ? 
# 
loop_
_audit_author.name 
_audit_author.pdbx_ordinal 
_audit_author.identifier_ORCID 
'Reeve, S.M.'  1 0000-0003-2064-405X 
'Wright, D.L.' 2 0000-0003-4634-3351 
# 
_citation.abstract                  ? 
_citation.abstract_id_CAS           ? 
_citation.book_id_ISBN              ? 
_citation.book_publisher            ? 
_citation.book_publisher_city       ? 
_citation.book_title                ? 
_citation.coordinate_linkage        ? 
_citation.country                   US 
_citation.database_id_Medline       ? 
_citation.details                   ? 
_citation.id                        primary 
_citation.journal_abbrev            'Acs Infect Dis.' 
_citation.journal_id_ASTM           ? 
_citation.journal_id_CSD            ? 
_citation.journal_id_ISSN           2373-8227 
_citation.journal_full              ? 
_citation.journal_issue             ? 
_citation.journal_volume            5 
_citation.language                  ? 
_citation.page_first                1896 
_citation.page_last                 1906 
_citation.title                     
;Toward Broad Spectrum Dihydrofolate Reductase Inhibitors Targeting Trimethoprim Resistant Enzymes Identified in Clinical Isolates of Methicillin ResistantStaphylococcus aureus.
;
_citation.year                      2019 
_citation.database_id_CSD           ? 
_citation.pdbx_database_id_DOI      10.1021/acsinfecdis.9b00222 
_citation.pdbx_database_id_PubMed   31565920 
_citation.unpublished_flag          ? 
# 
loop_
_citation_author.citation_id 
_citation_author.name 
_citation_author.ordinal 
_citation_author.identifier_ORCID 
primary 'Reeve, S.M.'     1  ? 
primary 'Si, D.'          2  ? 
primary 'Krucinska, J.'   3  ? 
primary 'Yan, Y.'         4  ? 
primary 'Viswanathan, K.' 5  ? 
primary 'Wang, S.'        6  ? 
primary 'Holt, G.T.'      7  ? 
primary 'Frenkel, M.S.'   8  ? 
primary 'Ojewole, A.A.'   9  ? 
primary 'Estrada, A.'     10 ? 
primary 'Agabiti, S.S.'   11 ? 
primary 'Alverson, J.B.'  12 ? 
primary 'Gibson, N.D.'    13 ? 
primary 'Priestley, N.D.' 14 ? 
primary 'Wiemer, A.J.'    15 ? 
primary 'Donald, B.R.'    16 ? 
primary 'Wright, D.L.'    17 ? 
# 
_cell.angle_alpha                  90.00 
_cell.angle_alpha_esd              ? 
_cell.angle_beta                   90.00 
_cell.angle_beta_esd               ? 
_cell.angle_gamma                  120.00 
_cell.angle_gamma_esd              ? 
_cell.entry_id                     6PBO 
_cell.details                      ? 
_cell.formula_units_Z              ? 
_cell.length_a                     78.940 
_cell.length_a_esd                 ? 
_cell.length_b                     78.940 
_cell.length_b_esd                 ? 
_cell.length_c                     108.270 
_cell.length_c_esd                 ? 
_cell.volume                       ? 
_cell.volume_esd                   ? 
_cell.Z_PDB                        12 
_cell.reciprocal_angle_alpha       ? 
_cell.reciprocal_angle_beta        ? 
_cell.reciprocal_angle_gamma       ? 
_cell.reciprocal_angle_alpha_esd   ? 
_cell.reciprocal_angle_beta_esd    ? 
_cell.reciprocal_angle_gamma_esd   ? 
_cell.reciprocal_length_a          ? 
_cell.reciprocal_length_b          ? 
_cell.reciprocal_length_c          ? 
_cell.reciprocal_length_a_esd      ? 
_cell.reciprocal_length_b_esd      ? 
_cell.reciprocal_length_c_esd      ? 
_cell.pdbx_unique_axis             ? 
# 
_symmetry.entry_id                         6PBO 
_symmetry.cell_setting                     ? 
_symmetry.Int_Tables_number                178 
_symmetry.space_group_name_Hall            ? 
_symmetry.space_group_name_H-M             'P 61 2 2' 
_symmetry.pdbx_full_space_group_name_H-M   ? 
# 
loop_
_entity.id 
_entity.type 
_entity.src_method 
_entity.pdbx_description 
_entity.formula_weight 
_entity.pdbx_number_of_molecules 
_entity.pdbx_ec 
_entity.pdbx_mutation 
_entity.pdbx_fragment 
_entity.details 
1 polymer     man 'Dihydrofolate reductase'                                                                                    
18015.557 1  1.5.1.3 ? ? ? 
2 non-polymer syn '(4-{6-[(2S)-4-(2,4-diamino-6-ethylpyrimidin-5-yl)but-3-yn-2-yl]-2H-1,3-benzodioxol-4-yl}phenyl)acetic acid' 
444.482   1  ?       ? ? ? 
3 non-polymer syn 'Tricyclic NADPH'                                                                                            
745.421   1  ?       ? ? ? 
4 non-polymer syn 'NADP NICOTINAMIDE-ADENINE-DINUCLEOTIDE PHOSPHATE'                                                           
743.405   1  ?       ? ? ? 
5 water       nat water                                                                                                        
18.015    45 ?       ? ? ? 
# 
_entity_name_com.entity_id   1 
_entity_name_com.name        DHFR 
# 
_entity_poly.entity_id                      1 
_entity_poly.type                           'polypeptide(L)' 
_entity_poly.nstd_linkage                   no 
_entity_poly.nstd_monomer                   no 
_entity_poly.pdbx_seq_one_letter_code       
;TLSILVAHDLQRVIGFENQLPWHLPNDLKHVKKLSTGHTLVMGRKTFESIGKPLPNRRNVVLTSDTSFNVEGVDVIHSIE
DIYQLPGHVFIFGGQTLFEEMIDKVDDMYITVIEGKFRGDTFFPPYTFEDWEVASSVEGKLDEKNTIPHTFLHLIRK
;
_entity_poly.pdbx_seq_one_letter_code_can   
;TLSILVAHDLQRVIGFENQLPWHLPNDLKHVKKLSTGHTLVMGRKTFESIGKPLPNRRNVVLTSDTSFNVEGVDVIHSIE
DIYQLPGHVFIFGGQTLFEEMIDKVDDMYITVIEGKFRGDTFFPPYTFEDWEVASSVEGKLDEKNTIPHTFLHLIRK
;
_entity_poly.pdbx_strand_id                 X 
_entity_poly.pdbx_target_identifier         ? 
# 
loop_
_entity_poly_seq.entity_id 
_entity_poly_seq.num 
_entity_poly_seq.mon_id 
_entity_poly_seq.hetero 
1 1   THR n 
1 2   LEU n 
1 3   SER n 
1 4   ILE n 
1 5   LEU n 
1 6   VAL n 
1 7   ALA n 
1 8   HIS n 
1 9   ASP n 
1 10  LEU n 
1 11  GLN n 
1 12  ARG n 
1 13  VAL n 
1 14  ILE n 
1 15  GLY n 
1 16  PHE n 
1 17  GLU n 
1 18  ASN n 
1 19  GLN n 
1 20  LEU n 
1 21  PRO n 
1 22  TRP n 
1 23  HIS n 
1 24  LEU n 
1 25  PRO n 
1 26  ASN n 
1 27  ASP n 
1 28  LEU n 
1 29  LYS n 
1 30  HIS n 
1 31  VAL n 
1 32  LYS n 
1 33  LYS n 
1 34  LEU n 
1 35  SER n 
1 36  THR n 
1 37  GLY n 
1 38  HIS n 
1 39  THR n 
1 40  LEU n 
1 41  VAL n 
1 42  MET n 
1 43  GLY n 
1 44  ARG n 
1 45  LYS n 
1 46  THR n 
1 47  PHE n 
1 48  GLU n 
1 49  SER n 
1 50  ILE n 
1 51  GLY n 
1 52  LYS n 
1 53  PRO n 
1 54  LEU n 
1 55  PRO n 
1 56  ASN n 
1 57  ARG n 
1 58  ARG n 
1 59  ASN n 
1 60  VAL n 
1 61  VAL n 
1 62  LEU n 
1 63  THR n 
1 64  SER n 
1 65  ASP n 
1 66  THR n 
1 67  SER n 
1 68  PHE n 
1 69  ASN n 
1 70  VAL n 
1 71  GLU n 
1 72  GLY n 
1 73  VAL n 
1 74  ASP n 
1 75  VAL n 
1 76  ILE n 
1 77  HIS n 
1 78  SER n 
1 79  ILE n 
1 80  GLU n 
1 81  ASP n 
1 82  ILE n 
1 83  TYR n 
1 84  GLN n 
1 85  LEU n 
1 86  PRO n 
1 87  GLY n 
1 88  HIS n 
1 89  VAL n 
1 90  PHE n 
1 91  ILE n 
1 92  PHE n 
1 93  GLY n 
1 94  GLY n 
1 95  GLN n 
1 96  THR n 
1 97  LEU n 
1 98  PHE n 
1 99  GLU n 
1 100 GLU n 
1 101 MET n 
1 102 ILE n 
1 103 ASP n 
1 104 LYS n 
1 105 VAL n 
1 106 ASP n 
1 107 ASP n 
1 108 MET n 
1 109 TYR n 
1 110 ILE n 
1 111 THR n 
1 112 VAL n 
1 113 ILE n 
1 114 GLU n 
1 115 GLY n 
1 116 LYS n 
1 117 PHE n 
1 118 ARG n 
1 119 GLY n 
1 120 ASP n 
1 121 THR n 
1 122 PHE n 
1 123 PHE n 
1 124 PRO n 
1 125 PRO n 
1 126 TYR n 
1 127 THR n 
1 128 PHE n 
1 129 GLU n 
1 130 ASP n 
1 131 TRP n 
1 132 GLU n 
1 133 VAL n 
1 134 ALA n 
1 135 SER n 
1 136 SER n 
1 137 VAL n 
1 138 GLU n 
1 139 GLY n 
1 140 LYS n 
1 141 LEU n 
1 142 ASP n 
1 143 GLU n 
1 144 LYS n 
1 145 ASN n 
1 146 THR n 
1 147 ILE n 
1 148 PRO n 
1 149 HIS n 
1 150 THR n 
1 151 PHE n 
1 152 LEU n 
1 153 HIS n 
1 154 LEU n 
1 155 ILE n 
1 156 ARG n 
1 157 LYS n 
# 
_entity_src_gen.entity_id                          1 
_entity_src_gen.pdbx_src_id                        1 
_entity_src_gen.pdbx_alt_source_flag               sample 
_entity_src_gen.pdbx_seq_type                      'Biological sequence' 
_entity_src_gen.pdbx_beg_seq_num                   1 
_entity_src_gen.pdbx_end_seq_num                   157 
_entity_src_gen.gene_src_common_name               ? 
_entity_src_gen.gene_src_genus                     ? 
_entity_src_gen.pdbx_gene_src_gene                 folA 
_entity_src_gen.gene_src_species                   ? 
_entity_src_gen.gene_src_strain                    ? 
_entity_src_gen.gene_src_tissue                    ? 
_entity_src_gen.gene_src_tissue_fraction           ? 
_entity_src_gen.gene_src_details                   ? 
_entity_src_gen.pdbx_gene_src_fragment             ? 
_entity_src_gen.pdbx_gene_src_scientific_name      'Staphylococcus aureus' 
_entity_src_gen.pdbx_gene_src_ncbi_taxonomy_id     1280 
_entity_src_gen.pdbx_gene_src_variant              ? 
_entity_src_gen.pdbx_gene_src_cell_line            ? 
_entity_src_gen.pdbx_gene_src_atcc                 43300 
_entity_src_gen.pdbx_gene_src_organ                ? 
_entity_src_gen.pdbx_gene_src_organelle            ? 
_entity_src_gen.pdbx_gene_src_cell                 ? 
_entity_src_gen.pdbx_gene_src_cellular_location    ? 
_entity_src_gen.host_org_common_name               ? 
_entity_src_gen.pdbx_host_org_scientific_name      'Escherichia coli BL21(DE3)' 
_entity_src_gen.pdbx_host_org_ncbi_taxonomy_id     469008 
_entity_src_gen.host_org_genus                     ? 
_entity_src_gen.pdbx_host_org_gene                 ? 
_entity_src_gen.pdbx_host_org_organ                ? 
_entity_src_gen.host_org_species                   ? 
_entity_src_gen.pdbx_host_org_tissue               ? 
_entity_src_gen.pdbx_host_org_tissue_fraction      ? 
_entity_src_gen.pdbx_host_org_strain               'BL21(DE3)' 
_entity_src_gen.pdbx_host_org_variant              ? 
_entity_src_gen.pdbx_host_org_cell_line            ? 
_entity_src_gen.pdbx_host_org_atcc                 ? 
_entity_src_gen.pdbx_host_org_culture_collection   ? 
_entity_src_gen.pdbx_host_org_cell                 ? 
_entity_src_gen.pdbx_host_org_organelle            ? 
_entity_src_gen.pdbx_host_org_cellular_location    ? 
_entity_src_gen.pdbx_host_org_vector_type          ? 
_entity_src_gen.pdbx_host_org_vector               ? 
_entity_src_gen.host_org_details                   ? 
_entity_src_gen.expression_system_id               ? 
_entity_src_gen.plasmid_name                       ? 
_entity_src_gen.plasmid_details                    ? 
_entity_src_gen.pdbx_description                   ? 
# 
_struct_ref.id                         1 
_struct_ref.db_name                    UNP 
_struct_ref.db_code                    DYR_STAAU 
_struct_ref.pdbx_db_accession          P0A017 
_struct_ref.pdbx_db_isoform            ? 
_struct_ref.entity_id                  1 
_struct_ref.pdbx_seq_one_letter_code   
;TLSILVAHDLQRVIGFENQLPWHLPNDLKHVKKLSTGHTLVMGRKTFESIGKPLPNRRNVVLTSDTSFNVEGVDVIHSIE
DIYQLPGHVFIFGGQTLFEEMIDKVDDMYITVIEGKFRGDTFFPPYTFEDWEVASSVEGKLDEKNTIPHTFLHLIRK
;
_struct_ref.pdbx_align_begin           2 
# 
_struct_ref_seq.align_id                      1 
_struct_ref_seq.ref_id                        1 
_struct_ref_seq.pdbx_PDB_id_code              6PBO 
_struct_ref_seq.pdbx_strand_id                X 
_struct_ref_seq.seq_align_beg                 1 
_struct_ref_seq.pdbx_seq_align_beg_ins_code   ? 
_struct_ref_seq.seq_align_end                 157 
_struct_ref_seq.pdbx_seq_align_end_ins_code   ? 
_struct_ref_seq.pdbx_db_accession             P0A017 
_struct_ref_seq.db_align_beg                  2 
_struct_ref_seq.pdbx_db_align_beg_ins_code    ? 
_struct_ref_seq.db_align_end                  158 
_struct_ref_seq.pdbx_db_align_end_ins_code    ? 
_struct_ref_seq.pdbx_auth_seq_align_beg       1 
_struct_ref_seq.pdbx_auth_seq_align_end       157 
# 
loop_
_chem_comp.id 
_chem_comp.type 
_chem_comp.mon_nstd_flag 
_chem_comp.name 
_chem_comp.pdbx_synonyms 
_chem_comp.formula 
_chem_comp.formula_weight 
ALA 'L-peptide linking' y ALANINE ?                                            'C3 H7 N O2'        89.093  
ARG 'L-peptide linking' y ARGININE ?                                            'C6 H15 N4 O2 1'    175.209 
ASN 'L-peptide linking' y ASPARAGINE ?                                            'C4 H8 N2 O3'       132.118 
ASP 'L-peptide linking' y 'ASPARTIC ACID' ?                                            'C4 H7 N O4'        133.103 
GLN 'L-peptide linking' y GLUTAMINE ?                                            'C5 H10 N2 O3'      146.144 
GLU 'L-peptide linking' y 'GLUTAMIC ACID' ?                                            'C5 H9 N O4'        147.129 
GLY 'peptide linking'   y GLYCINE ?                                            'C2 H5 N O2'        75.067  
HIS 'L-peptide linking' y HISTIDINE ?                                            'C6 H10 N3 O2 1'    156.162 
HOH non-polymer         . WATER ?                                            'H2 O'              18.015  
ILE 'L-peptide linking' y ISOLEUCINE ?                                            'C6 H13 N O2'       131.173 
LEU 'L-peptide linking' y LEUCINE ?                                            'C6 H13 N O2'       131.173 
LYS 'L-peptide linking' y LYSINE ?                                            'C6 H15 N2 O2 1'    147.195 
MET 'L-peptide linking' y METHIONINE ?                                            'C5 H11 N O2 S'     149.211 
NAP non-polymer         . 'NADP NICOTINAMIDE-ADENINE-DINUCLEOTIDE PHOSPHATE' 
;2'-MONOPHOSPHOADENOSINE 5'-DIPHOSPHORIBOSE
;
'C21 H28 N7 O17 P3' 743.405 
O71 non-polymer         . 
'(4-{6-[(2S)-4-(2,4-diamino-6-ethylpyrimidin-5-yl)but-3-yn-2-yl]-2H-1,3-benzodioxol-4-yl}phenyl)acetic acid' ? 'C25 H24 N4 O4'     
444.482 
PHE 'L-peptide linking' y PHENYLALANINE ?                                            'C9 H11 N O2'       165.189 
PRO 'L-peptide linking' y PROLINE ?                                            'C5 H9 N O2'        115.130 
SER 'L-peptide linking' y SERINE ?                                            'C3 H7 N O3'        105.093 
THR 'L-peptide linking' y THREONINE ?                                            'C4 H9 N O3'        119.119 
TRP 'L-peptide linking' y TRYPTOPHAN ?                                            'C11 H12 N2 O2'     204.225 
TYR 'L-peptide linking' y TYROSINE ?                                            'C9 H11 N O3'       181.189 
VAL 'L-peptide linking' y VALINE ?                                            'C5 H11 N O2'       117.146 
XNP non-polymer         . 'Tricyclic NADPH' ?                                            'C21 H30 N7 O17 P3' 745.421 
# 
_exptl.absorpt_coefficient_mu     ? 
_exptl.absorpt_correction_T_max   ? 
_exptl.absorpt_correction_T_min   ? 
_exptl.absorpt_correction_type    ? 
_exptl.absorpt_process_details    ? 
_exptl.entry_id                   6PBO 
_exptl.crystals_number            1 
_exptl.details                    ? 
_exptl.method                     'X-RAY DIFFRACTION' 
_exptl.method_details             ? 
# 
_exptl_crystal.colour                      ? 
_exptl_crystal.density_diffrn              ? 
_exptl_crystal.density_Matthews            2.70 
_exptl_crystal.density_method              ? 
_exptl_crystal.density_percent_sol         54.49 
_exptl_crystal.description                 ? 
_exptl_crystal.F_000                       ? 
_exptl_crystal.id                          1 
_exptl_crystal.preparation                 ? 
_exptl_crystal.size_max                    ? 
_exptl_crystal.size_mid                    ? 
_exptl_crystal.size_min                    ? 
_exptl_crystal.size_rad                    ? 
_exptl_crystal.colour_lustre               ? 
_exptl_crystal.colour_modifier             ? 
_exptl_crystal.colour_primary              ? 
_exptl_crystal.density_meas                ? 
_exptl_crystal.density_meas_esd            ? 
_exptl_crystal.density_meas_gt             ? 
_exptl_crystal.density_meas_lt             ? 
_exptl_crystal.density_meas_temp           ? 
_exptl_crystal.density_meas_temp_esd       ? 
_exptl_crystal.density_meas_temp_gt        ? 
_exptl_crystal.density_meas_temp_lt        ? 
_exptl_crystal.pdbx_crystal_image_url      ? 
_exptl_crystal.pdbx_crystal_image_format   ? 
_exptl_crystal.pdbx_mosaicity              ? 
_exptl_crystal.pdbx_mosaicity_esd          ? 
# 
_exptl_crystal_grow.apparatus       ? 
_exptl_crystal_grow.atmosphere      ? 
_exptl_crystal_grow.crystal_id      1 
_exptl_crystal_grow.details         ? 
_exptl_crystal_grow.method          'VAPOR DIFFUSION, HANGING DROP' 
_exptl_crystal_grow.method_ref      ? 
_exptl_crystal_grow.pH              ? 
_exptl_crystal_grow.pressure        ? 
_exptl_crystal_grow.pressure_esd    ? 
_exptl_crystal_grow.seeding         ? 
_exptl_crystal_grow.seeding_ref     ? 
_exptl_crystal_grow.temp            278 
_exptl_crystal_grow.temp_details    ? 
_exptl_crystal_grow.temp_esd        ? 
_exptl_crystal_grow.time            ? 
_exptl_crystal_grow.pdbx_details    '0.1 MES, pH 6.0, 0.1M sodium acetate, 15% PEG 10K and 20% gamma-butyrolactone' 
_exptl_crystal_grow.pdbx_pH_range   ? 
# 
_diffrn.ambient_environment              ? 
_diffrn.ambient_temp                     100 
_diffrn.ambient_temp_details             ? 
_diffrn.ambient_temp_esd                 ? 
_diffrn.crystal_id                       1 
_diffrn.crystal_support                  ? 
_diffrn.crystal_treatment                ? 
_diffrn.details                          ? 
_diffrn.id                               1 
_diffrn.ambient_pressure                 ? 
_diffrn.ambient_pressure_esd             ? 
_diffrn.ambient_pressure_gt              ? 
_diffrn.ambient_pressure_lt              ? 
_diffrn.ambient_temp_gt                  ? 
_diffrn.ambient_temp_lt                  ? 
_diffrn.pdbx_serial_crystal_experiment   N 
# 
_diffrn_detector.details                      ? 
_diffrn_detector.detector                     PIXEL 
_diffrn_detector.diffrn_id                    1 
_diffrn_detector.type                         'DECTRIS EIGER X 16M' 
_diffrn_detector.area_resol_mean              ? 
_diffrn_detector.dtime                        ? 
_diffrn_detector.pdbx_frames_total            ? 
_diffrn_detector.pdbx_collection_time_total   ? 
_diffrn_detector.pdbx_collection_date         2017-12-10 
_diffrn_detector.pdbx_frequency               ? 
# 
_diffrn_radiation.collimation                      ? 
_diffrn_radiation.diffrn_id                        1 
_diffrn_radiation.filter_edge                      ? 
_diffrn_radiation.inhomogeneity                    ? 
_diffrn_radiation.monochromator                    'Double crystal' 
_diffrn_radiation.polarisn_norm                    ? 
_diffrn_radiation.polarisn_ratio                   ? 
_diffrn_radiation.probe                            ? 
_diffrn_radiation.type                             ? 
_diffrn_radiation.xray_symbol                      ? 
_diffrn_radiation.wavelength_id                    1 
_diffrn_radiation.pdbx_monochromatic_or_laue_m_l   M 
_diffrn_radiation.pdbx_wavelength_list             ? 
_diffrn_radiation.pdbx_wavelength                  ? 
_diffrn_radiation.pdbx_diffrn_protocol             'SINGLE WAVELENGTH' 
_diffrn_radiation.pdbx_analyzer                    ? 
_diffrn_radiation.pdbx_scattering_type             x-ray 
# 
_diffrn_radiation_wavelength.id           1 
_diffrn_radiation_wavelength.wavelength   0.95 
_diffrn_radiation_wavelength.wt           1.0 
# 
_diffrn_source.current                     ? 
_diffrn_source.details                     ? 
_diffrn_source.diffrn_id                   1 
_diffrn_source.power                       ? 
_diffrn_source.size                        ? 
_diffrn_source.source                      SYNCHROTRON 
_diffrn_source.target                      ? 
_diffrn_source.type                        'SSRL BEAMLINE BL14-1' 
_diffrn_source.voltage                     ? 
_diffrn_source.take-off_angle              ? 
_diffrn_source.pdbx_wavelength_list        0.95 
_diffrn_source.pdbx_wavelength             ? 
_diffrn_source.pdbx_synchrotron_beamline   BL14-1 
_diffrn_source.pdbx_synchrotron_site       SSRL 
# 
_reflns.B_iso_Wilson_estimate            ? 
_reflns.entry_id                         6PBO 
_reflns.data_reduction_details           ? 
_reflns.data_reduction_method            ? 
_reflns.d_resolution_high                1.649 
_reflns.d_resolution_low                 39.47 
_reflns.details                          ? 
_reflns.limit_h_max                      ? 
_reflns.limit_h_min                      ? 
_reflns.limit_k_max                      ? 
_reflns.limit_k_min                      ? 
_reflns.limit_l_max                      ? 
_reflns.limit_l_min                      ? 
_reflns.number_all                       ? 
_reflns.number_obs                       23971 
_reflns.observed_criterion               ? 
_reflns.observed_criterion_F_max         ? 
_reflns.observed_criterion_F_min         ? 
_reflns.observed_criterion_I_max         ? 
_reflns.observed_criterion_I_min         ? 
_reflns.observed_criterion_sigma_F       ? 
_reflns.observed_criterion_sigma_I       ? 
_reflns.percent_possible_obs             97.07 
_reflns.R_free_details                   ? 
_reflns.Rmerge_F_all                     ? 
_reflns.Rmerge_F_obs                     ? 
_reflns.Friedel_coverage                 ? 
_reflns.number_gt                        ? 
_reflns.threshold_expression             ? 
_reflns.pdbx_redundancy                  11.2 
_reflns.pdbx_Rmerge_I_obs                0.115 
_reflns.pdbx_Rmerge_I_all                ? 
_reflns.pdbx_Rsym_value                  ? 
_reflns.pdbx_netI_over_av_sigmaI         ? 
_reflns.pdbx_netI_over_sigmaI            10.9 
_reflns.pdbx_res_netI_over_av_sigmaI_2   ? 
_reflns.pdbx_res_netI_over_sigmaI_2      ? 
_reflns.pdbx_chi_squared                 ? 
_reflns.pdbx_scaling_rejects             ? 
_reflns.pdbx_d_res_high_opt              ? 
_reflns.pdbx_d_res_low_opt               ? 
_reflns.pdbx_d_res_opt_method            ? 
_reflns.phase_calculation_details        ? 
_reflns.pdbx_Rrim_I_all                  ? 
_reflns.pdbx_Rpim_I_all                  ? 
_reflns.pdbx_d_opt                       ? 
_reflns.pdbx_number_measured_all         ? 
_reflns.pdbx_diffrn_id                   1 
_reflns.pdbx_ordinal                     1 
_reflns.pdbx_CC_half                     ? 
_reflns.pdbx_R_split                     ? 
_reflns.pdbx_CC_star                     ? 
# 
_reflns_shell.d_res_high                  1.649 
_reflns_shell.d_res_low                   1.708 
_reflns_shell.meanI_over_sigI_all         ? 
_reflns_shell.meanI_over_sigI_obs         ? 
_reflns_shell.number_measured_all         ? 
_reflns_shell.number_measured_obs         ? 
_reflns_shell.number_possible             ? 
_reflns_shell.number_unique_all           ? 
_reflns_shell.number_unique_obs           2394 
_reflns_shell.percent_possible_all        99.21 
_reflns_shell.percent_possible_obs        ? 
_reflns_shell.Rmerge_F_all                ? 
_reflns_shell.Rmerge_F_obs                ? 
_reflns_shell.Rmerge_I_all                ? 
_reflns_shell.Rmerge_I_obs                0.658 
_reflns_shell.meanI_over_sigI_gt          ? 
_reflns_shell.meanI_over_uI_all           ? 
_reflns_shell.meanI_over_uI_gt            ? 
_reflns_shell.number_measured_gt          ? 
_reflns_shell.number_unique_gt            ? 
_reflns_shell.percent_possible_gt         ? 
_reflns_shell.Rmerge_F_gt                 ? 
_reflns_shell.Rmerge_I_gt                 ? 
_reflns_shell.pdbx_redundancy             10.3 
_reflns_shell.pdbx_Rsym_value             ? 
_reflns_shell.pdbx_chi_squared            ? 
_reflns_shell.pdbx_netI_over_sigmaI_all   ? 
_reflns_shell.pdbx_netI_over_sigmaI_obs   ? 
_reflns_shell.pdbx_Rrim_I_all             ? 
_reflns_shell.pdbx_Rpim_I_all             ? 
_reflns_shell.pdbx_rejects                ? 
_reflns_shell.pdbx_ordinal                1 
_reflns_shell.pdbx_diffrn_id              1 
_reflns_shell.pdbx_CC_half                ? 
_reflns_shell.pdbx_R_split                ? 
_reflns_shell.pdbx_CC_star                ? 
# 
_refine.aniso_B[1][1]                            ? 
_refine.aniso_B[1][2]                            ? 
_refine.aniso_B[1][3]                            ? 
_refine.aniso_B[2][2]                            ? 
_refine.aniso_B[2][3]                            ? 
_refine.aniso_B[3][3]                            ? 
_refine.B_iso_max                                ? 
_refine.B_iso_mean                               ? 
_refine.B_iso_min                                ? 
_refine.correlation_coeff_Fo_to_Fc               ? 
_refine.correlation_coeff_Fo_to_Fc_free          ? 
_refine.details                                  ? 
_refine.diff_density_max                         ? 
_refine.diff_density_max_esd                     ? 
_refine.diff_density_min                         ? 
_refine.diff_density_min_esd                     ? 
_refine.diff_density_rms                         ? 
_refine.diff_density_rms_esd                     ? 
_refine.entry_id                                 6PBO 
_refine.pdbx_refine_id                           'X-RAY DIFFRACTION' 
_refine.ls_abs_structure_details                 ? 
_refine.ls_abs_structure_Flack                   ? 
_refine.ls_abs_structure_Flack_esd               ? 
_refine.ls_abs_structure_Rogers                  ? 
_refine.ls_abs_structure_Rogers_esd              ? 
_refine.ls_d_res_high                            1.649 
_refine.ls_d_res_low                             39.47 
_refine.ls_extinction_coef                       ? 
_refine.ls_extinction_coef_esd                   ? 
_refine.ls_extinction_expression                 ? 
_refine.ls_extinction_method                     ? 
_refine.ls_goodness_of_fit_all                   ? 
_refine.ls_goodness_of_fit_all_esd               ? 
_refine.ls_goodness_of_fit_obs                   ? 
_refine.ls_goodness_of_fit_obs_esd               ? 
_refine.ls_hydrogen_treatment                    ? 
_refine.ls_matrix_type                           ? 
_refine.ls_number_constraints                    ? 
_refine.ls_number_parameters                     ? 
_refine.ls_number_reflns_all                     ? 
_refine.ls_number_reflns_obs                     23956 
_refine.ls_number_reflns_R_free                  1998 
_refine.ls_number_reflns_R_work                  ? 
_refine.ls_number_restraints                     ? 
_refine.ls_percent_reflns_obs                    97.09 
_refine.ls_percent_reflns_R_free                 8.34 
_refine.ls_R_factor_all                          ? 
_refine.ls_R_factor_obs                          0.2612 
_refine.ls_R_factor_R_free                       0.2966 
_refine.ls_R_factor_R_free_error                 ? 
_refine.ls_R_factor_R_free_error_details         ? 
_refine.ls_R_factor_R_work                       0.2579 
_refine.ls_R_Fsqd_factor_obs                     ? 
_refine.ls_R_I_factor_obs                        ? 
_refine.ls_redundancy_reflns_all                 ? 
_refine.ls_redundancy_reflns_obs                 ? 
_refine.ls_restrained_S_all                      ? 
_refine.ls_restrained_S_obs                      ? 
_refine.ls_shift_over_esd_max                    ? 
_refine.ls_shift_over_esd_mean                   ? 
_refine.ls_structure_factor_coef                 ? 
_refine.ls_weighting_details                     ? 
_refine.ls_weighting_scheme                      ? 
_refine.ls_wR_factor_all                         ? 
_refine.ls_wR_factor_obs                         ? 
_refine.ls_wR_factor_R_free                      ? 
_refine.ls_wR_factor_R_work                      ? 
_refine.occupancy_max                            ? 
_refine.occupancy_min                            ? 
_refine.solvent_model_details                    ? 
_refine.solvent_model_param_bsol                 ? 
_refine.solvent_model_param_ksol                 ? 
_refine.ls_R_factor_gt                           ? 
_refine.ls_goodness_of_fit_gt                    ? 
_refine.ls_goodness_of_fit_ref                   ? 
_refine.ls_shift_over_su_max                     ? 
_refine.ls_shift_over_su_max_lt                  ? 
_refine.ls_shift_over_su_mean                    ? 
_refine.ls_shift_over_su_mean_lt                 ? 
_refine.pdbx_ls_sigma_I                          ? 
_refine.pdbx_ls_sigma_F                          1.33 
_refine.pdbx_ls_sigma_Fsqd                       ? 
_refine.pdbx_data_cutoff_high_absF               ? 
_refine.pdbx_data_cutoff_high_rms_absF           ? 
_refine.pdbx_data_cutoff_low_absF                ? 
_refine.pdbx_isotropic_thermal_model             ? 
_refine.pdbx_ls_cross_valid_method               'FREE R-VALUE' 
_refine.pdbx_method_to_determine_struct          'MOLECULAR REPLACEMENT' 
_refine.pdbx_starting_model                      3F0Q 
_refine.pdbx_stereochemistry_target_values       ? 
_refine.pdbx_R_Free_selection_details            ? 
_refine.pdbx_stereochem_target_val_spec_case     ? 
_refine.pdbx_overall_ESU_R                       ? 
_refine.pdbx_overall_ESU_R_Free                  ? 
_refine.pdbx_solvent_vdw_probe_radii             1.11 
_refine.pdbx_solvent_ion_probe_radii             ? 
_refine.pdbx_solvent_shrinkage_radii             0.90 
_refine.pdbx_real_space_R                        ? 
_refine.pdbx_density_correlation                 ? 
_refine.pdbx_pd_number_of_powder_patterns        ? 
_refine.pdbx_pd_number_of_points                 ? 
_refine.pdbx_pd_meas_number_of_points            ? 
_refine.pdbx_pd_proc_ls_prof_R_factor            ? 
_refine.pdbx_pd_proc_ls_prof_wR_factor           ? 
_refine.pdbx_pd_Marquardt_correlation_coeff      ? 
_refine.pdbx_pd_Fsqrd_R_factor                   ? 
_refine.pdbx_pd_ls_matrix_band_width             ? 
_refine.pdbx_overall_phase_error                 37.25 
_refine.pdbx_overall_SU_R_free_Cruickshank_DPI   ? 
_refine.pdbx_overall_SU_R_free_Blow_DPI          ? 
_refine.pdbx_overall_SU_R_Blow_DPI               ? 
_refine.pdbx_TLS_residual_ADP_flag               ? 
_refine.pdbx_diffrn_id                           1 
_refine.overall_SU_B                             ? 
_refine.overall_SU_ML                            0.41 
_refine.overall_SU_R_Cruickshank_DPI             ? 
_refine.overall_SU_R_free                        ? 
_refine.overall_FOM_free_R_set                   ? 
_refine.overall_FOM_work_R_set                   ? 
_refine.pdbx_average_fsc_overall                 ? 
_refine.pdbx_average_fsc_work                    ? 
_refine.pdbx_average_fsc_free                    ? 
# 
_refine_hist.pdbx_refine_id                   'X-RAY DIFFRACTION' 
_refine_hist.cycle_id                         LAST 
_refine_hist.pdbx_number_atoms_protein        1273 
_refine_hist.pdbx_number_atoms_nucleic_acid   0 
_refine_hist.pdbx_number_atoms_ligand         129 
_refine_hist.number_atoms_solvent             45 
_refine_hist.number_atoms_total               1447 
_refine_hist.d_res_high                       1.649 
_refine_hist.d_res_low                        39.47 
# 
loop_
_refine_ls_restr.pdbx_refine_id 
_refine_ls_restr.criterion 
_refine_ls_restr.dev_ideal 
_refine_ls_restr.dev_ideal_target 
_refine_ls_restr.number 
_refine_ls_restr.rejects 
_refine_ls_restr.type 
_refine_ls_restr.weight 
_refine_ls_restr.pdbx_restraint_function 
'X-RAY DIFFRACTION' ? 0.008  ? 1453 ? f_bond_d           ? ? 
'X-RAY DIFFRACTION' ? 1.776  ? 1996 ? f_angle_d          ? ? 
'X-RAY DIFFRACTION' ? 10.695 ? 1240 ? f_dihedral_angle_d ? ? 
'X-RAY DIFFRACTION' ? 0.137  ? 224  ? f_chiral_restr     ? ? 
'X-RAY DIFFRACTION' ? 0.007  ? 237  ? f_plane_restr      ? ? 
# 
_refine_ls_shell.pdbx_refine_id                   'X-RAY DIFFRACTION' 
_refine_ls_shell.d_res_high                       1.6490 
_refine_ls_shell.d_res_low                        1.6903 
_refine_ls_shell.number_reflns_all                ? 
_refine_ls_shell.number_reflns_obs                ? 
_refine_ls_shell.number_reflns_R_free             142 
_refine_ls_shell.number_reflns_R_work             1638 
_refine_ls_shell.percent_reflns_obs               99 
_refine_ls_shell.percent_reflns_R_free            ? 
_refine_ls_shell.R_factor_all                     ? 
_refine_ls_shell.R_factor_obs                     ? 
_refine_ls_shell.R_factor_R_free                  0.4846 
_refine_ls_shell.R_factor_R_free_error            ? 
_refine_ls_shell.R_factor_R_work                  0.4544 
_refine_ls_shell.redundancy_reflns_all            ? 
_refine_ls_shell.redundancy_reflns_obs            ? 
_refine_ls_shell.wR_factor_all                    ? 
_refine_ls_shell.wR_factor_obs                    ? 
_refine_ls_shell.wR_factor_R_free                 ? 
_refine_ls_shell.wR_factor_R_work                 ? 
_refine_ls_shell.pdbx_total_number_of_bins_used   ? 
_refine_ls_shell.pdbx_phase_error                 ? 
_refine_ls_shell.pdbx_fsc_work                    ? 
_refine_ls_shell.pdbx_fsc_free                    ? 
# 
_struct.entry_id                     6PBO 
_struct.title                        'Staphylococcus aureus Dihydrofolate reductase in complex with NADPH and UCP1232' 
_struct.pdbx_model_details           ? 
_struct.pdbx_formula_weight          ? 
_struct.pdbx_formula_weight_method   ? 
_struct.pdbx_model_type_details      ? 
_struct.pdbx_CASP_flag               N 
# 
_struct_keywords.entry_id        6PBO 
_struct_keywords.text            'DHFR, methotrexate, antifolate, NADPH, ANTIMICROBIAL PROTEIN' 
_struct_keywords.pdbx_keywords   'ANTIMICROBIAL PROTEIN' 
# 
loop_
_struct_asym.id 
_struct_asym.pdbx_blank_PDB_chainid_flag 
_struct_asym.pdbx_modified 
_struct_asym.entity_id 
_struct_asym.details 
A N N 1 ? 
B N N 2 ? 
C N N 3 ? 
D N N 4 ? 
E N N 5 ? 
# 
loop_
_struct_conf.conf_type_id 
_struct_conf.id 
_struct_conf.pdbx_PDB_helix_id 
_struct_conf.beg_label_comp_id 
_struct_conf.beg_label_asym_id 
_struct_conf.beg_label_seq_id 
_struct_conf.pdbx_beg_PDB_ins_code 
_struct_conf.end_label_comp_id 
_struct_conf.end_label_asym_id 
_struct_conf.end_label_seq_id 
_struct_conf.pdbx_end_PDB_ins_code 
_struct_conf.beg_auth_comp_id 
_struct_conf.beg_auth_asym_id 
_struct_conf.beg_auth_seq_id 
_struct_conf.end_auth_comp_id 
_struct_conf.end_auth_asym_id 
_struct_conf.end_auth_seq_id 
_struct_conf.pdbx_PDB_helix_class 
_struct_conf.details 
_struct_conf.pdbx_PDB_helix_length 
HELX_P HELX_P1 AA1 LEU A 24 ? THR A 36  ? LEU X 24 THR X 36  1 ? 13 
HELX_P HELX_P2 AA2 ARG A 44 ? GLY A 51  ? ARG X 44 GLY X 51  1 ? 8  
HELX_P HELX_P3 AA3 SER A 78 ? TYR A 83  ? SER X 78 TYR X 83  1 ? 6  
HELX_P HELX_P4 AA4 GLY A 94 ? ILE A 102 ? GLY X 94 ILE X 102 1 ? 9  
# 
_struct_conf_type.id          HELX_P 
_struct_conf_type.criteria    ? 
_struct_conf_type.reference   ? 
# 
_struct_mon_prot_cis.pdbx_id                1 
_struct_mon_prot_cis.label_comp_id          GLY 
_struct_mon_prot_cis.label_seq_id           93 
_struct_mon_prot_cis.label_asym_id          A 
_struct_mon_prot_cis.label_alt_id           . 
_struct_mon_prot_cis.pdbx_PDB_ins_code      ? 
_struct_mon_prot_cis.auth_comp_id           GLY 
_struct_mon_prot_cis.auth_seq_id            93 
_struct_mon_prot_cis.auth_asym_id           X 
_struct_mon_prot_cis.pdbx_label_comp_id_2   GLY 
_struct_mon_prot_cis.pdbx_label_seq_id_2    94 
_struct_mon_prot_cis.pdbx_label_asym_id_2   A 
_struct_mon_prot_cis.pdbx_PDB_ins_code_2    ? 
_struct_mon_prot_cis.pdbx_auth_comp_id_2    GLY 
_struct_mon_prot_cis.pdbx_auth_seq_id_2     94 
_struct_mon_prot_cis.pdbx_auth_asym_id_2    X 
_struct_mon_prot_cis.pdbx_PDB_model_num     1 
_struct_mon_prot_cis.pdbx_omega_angle       2.69 
# 
loop_
_struct_sheet.id 
_struct_sheet.type 
_struct_sheet.number_strands 
_struct_sheet.details 
AA1 ? 8 ? 
AA2 ? 2 ? 
# 
loop_
_struct_sheet_order.sheet_id 
_struct_sheet_order.range_id_1 
_struct_sheet_order.range_id_2 
_struct_sheet_order.offset 
_struct_sheet_order.sense 
AA1 1 2 ? parallel      
AA1 2 3 ? parallel      
AA1 3 4 ? parallel      
AA1 4 5 ? parallel      
AA1 5 6 ? parallel      
AA1 6 7 ? anti-parallel 
AA1 7 8 ? anti-parallel 
AA2 1 2 ? anti-parallel 
# 
loop_
_struct_sheet_range.sheet_id 
_struct_sheet_range.id 
_struct_sheet_range.beg_label_comp_id 
_struct_sheet_range.beg_label_asym_id 
_struct_sheet_range.beg_label_seq_id 
_struct_sheet_range.pdbx_beg_PDB_ins_code 
_struct_sheet_range.end_label_comp_id 
_struct_sheet_range.end_label_asym_id 
_struct_sheet_range.end_label_seq_id 
_struct_sheet_range.pdbx_end_PDB_ins_code 
_struct_sheet_range.beg_auth_comp_id 
_struct_sheet_range.beg_auth_asym_id 
_struct_sheet_range.beg_auth_seq_id 
_struct_sheet_range.end_auth_comp_id 
_struct_sheet_range.end_auth_asym_id 
_struct_sheet_range.end_auth_seq_id 
AA1 1 ASP A 74  ? ILE A 76  ? ASP X 74  ILE X 76  
AA1 2 ARG A 58  ? LEU A 62  ? ARG X 58  LEU X 62  
AA1 3 THR A 39  ? GLY A 43  ? THR X 39  GLY X 43  
AA1 4 VAL A 89  ? GLY A 93  ? VAL X 89  GLY X 93  
AA1 5 LEU A 2   ? ASP A 9   ? LEU X 2   ASP X 9   
AA1 6 ASP A 107 ? ILE A 113 ? ASP X 107 ILE X 113 
AA1 7 HIS A 149 ? ARG A 156 ? HIS X 149 ARG X 156 
AA1 8 TRP A 131 ? GLU A 138 ? TRP X 131 GLU X 138 
AA2 1 VAL A 13  ? GLY A 15  ? VAL X 13  GLY X 15  
AA2 2 THR A 121 ? PHE A 122 ? THR X 121 PHE X 122 
# 
loop_
_pdbx_struct_sheet_hbond.sheet_id 
_pdbx_struct_sheet_hbond.range_id_1 
_pdbx_struct_sheet_hbond.range_id_2 
_pdbx_struct_sheet_hbond.range_1_label_atom_id 
_pdbx_struct_sheet_hbond.range_1_label_comp_id 
_pdbx_struct_sheet_hbond.range_1_label_asym_id 
_pdbx_struct_sheet_hbond.range_1_label_seq_id 
_pdbx_struct_sheet_hbond.range_1_PDB_ins_code 
_pdbx_struct_sheet_hbond.range_1_auth_atom_id 
_pdbx_struct_sheet_hbond.range_1_auth_comp_id 
_pdbx_struct_sheet_hbond.range_1_auth_asym_id 
_pdbx_struct_sheet_hbond.range_1_auth_seq_id 
_pdbx_struct_sheet_hbond.range_2_label_atom_id 
_pdbx_struct_sheet_hbond.range_2_label_comp_id 
_pdbx_struct_sheet_hbond.range_2_label_asym_id 
_pdbx_struct_sheet_hbond.range_2_label_seq_id 
_pdbx_struct_sheet_hbond.range_2_PDB_ins_code 
_pdbx_struct_sheet_hbond.range_2_auth_atom_id 
_pdbx_struct_sheet_hbond.range_2_auth_comp_id 
_pdbx_struct_sheet_hbond.range_2_auth_asym_id 
_pdbx_struct_sheet_hbond.range_2_auth_seq_id 
AA1 1 2 O ASP A 74  ? O ASP X 74  N ASN A 59  ? N ASN X 59  
AA1 2 3 O VAL A 60  ? O VAL X 60  N LEU A 40  ? N LEU X 40  
AA1 3 4 N VAL A 41  ? N VAL X 41  O PHE A 92  ? O PHE X 92  
AA1 4 5 O ILE A 91  ? O ILE X 91  N SER A 3   ? N SER X 3   
AA1 5 6 N HIS A 8   ? N HIS X 8   O ILE A 113 ? O ILE X 113 
AA1 6 7 N ILE A 110 ? N ILE X 110 O LEU A 152 ? O LEU X 152 
AA1 7 8 O ILE A 155 ? O ILE X 155 N GLU A 132 ? N GLU X 132 
AA2 1 2 N ILE A 14  ? N ILE X 14  O THR A 121 ? O THR X 121 
# 
loop_
_struct_site.id 
_struct_site.pdbx_evidence_code 
_struct_site.pdbx_auth_asym_id 
_struct_site.pdbx_auth_comp_id 
_struct_site.pdbx_auth_seq_id 
_struct_site.pdbx_auth_ins_code 
_struct_site.pdbx_num_residues 
_struct_site.details 
AC1 Software X O71 201 ? 15 'binding site for residue O71 X 201' 
AC2 Software X XNP 202 ? 24 'binding site for residue XNP X 202' 
AC3 Software X NAP 203 ? 29 'binding site for residue NAP X 203' 
# 
loop_
_struct_site_gen.id 
_struct_site_gen.site_id 
_struct_site_gen.pdbx_num_res 
_struct_site_gen.label_comp_id 
_struct_site_gen.label_asym_id 
_struct_site_gen.label_seq_id 
_struct_site_gen.pdbx_auth_ins_code 
_struct_site_gen.auth_comp_id 
_struct_site_gen.auth_asym_id 
_struct_site_gen.auth_seq_id 
_struct_site_gen.label_atom_id 
_struct_site_gen.label_alt_id 
_struct_site_gen.symmetry 
_struct_site_gen.details 
1  AC1 15 LEU A 5   ? LEU X 5   . ? 1_555 ? 
2  AC1 15 VAL A 6   ? VAL X 6   . ? 1_555 ? 
3  AC1 15 ALA A 7   ? ALA X 7   . ? 1_555 ? 
4  AC1 15 LEU A 20  ? LEU X 20  . ? 1_555 ? 
5  AC1 15 ASP A 27  ? ASP X 27  . ? 1_555 ? 
6  AC1 15 LEU A 28  ? LEU X 28  . ? 1_555 ? 
7  AC1 15 VAL A 31  ? VAL X 31  . ? 1_555 ? 
8  AC1 15 LYS A 32  ? LYS X 32  . ? 1_555 ? 
9  AC1 15 ILE A 50  ? ILE X 50  . ? 1_555 ? 
10 AC1 15 ARG A 57  ? ARG X 57  . ? 1_555 ? 
11 AC1 15 PHE A 92  ? PHE X 92  . ? 1_555 ? 
12 AC1 15 THR A 111 ? THR X 111 . ? 1_555 ? 
13 AC1 15 XNP C .   ? XNP X 202 . ? 1_555 ? 
14 AC1 15 NAP D .   ? NAP X 203 . ? 1_555 ? 
15 AC1 15 HOH E .   ? HOH X 326 . ? 1_555 ? 
16 AC2 24 ILE A 14  ? ILE X 14  . ? 1_555 ? 
17 AC2 24 ASN A 18  ? ASN X 18  . ? 1_555 ? 
18 AC2 24 GLN A 19  ? GLN X 19  . ? 1_555 ? 
19 AC2 24 LEU A 20  ? LEU X 20  . ? 1_555 ? 
20 AC2 24 GLY A 43  ? GLY X 43  . ? 1_555 ? 
21 AC2 24 ARG A 44  ? ARG X 44  . ? 1_555 ? 
22 AC2 24 LYS A 45  ? LYS X 45  . ? 1_555 ? 
23 AC2 24 THR A 46  ? THR X 46  . ? 1_555 ? 
24 AC2 24 LEU A 62  ? LEU X 62  . ? 1_555 ? 
25 AC2 24 THR A 63  ? THR X 63  . ? 1_555 ? 
26 AC2 24 SER A 64  ? SER X 64  . ? 1_555 ? 
27 AC2 24 GLY A 94  ? GLY X 94  . ? 1_555 ? 
28 AC2 24 GLN A 95  ? GLN X 95  . ? 1_555 ? 
29 AC2 24 THR A 96  ? THR X 96  . ? 1_555 ? 
30 AC2 24 GLU A 100 ? GLU X 100 . ? 1_555 ? 
31 AC2 24 THR A 121 ? THR X 121 . ? 1_555 ? 
32 AC2 24 O71 B .   ? O71 X 201 . ? 1_555 ? 
33 AC2 24 NAP D .   ? NAP X 203 . ? 1_555 ? 
34 AC2 24 HOH E .   ? HOH X 301 . ? 1_555 ? 
35 AC2 24 HOH E .   ? HOH X 304 . ? 1_555 ? 
36 AC2 24 HOH E .   ? HOH X 309 . ? 1_555 ? 
37 AC2 24 HOH E .   ? HOH X 321 . ? 1_555 ? 
38 AC2 24 HOH E .   ? HOH X 338 . ? 1_555 ? 
39 AC2 24 HOH E .   ? HOH X 339 . ? 1_555 ? 
40 AC3 29 VAL A 6   ? VAL X 6   . ? 1_555 ? 
41 AC3 29 ALA A 7   ? ALA X 7   . ? 1_555 ? 
42 AC3 29 ILE A 14  ? ILE X 14  . ? 1_555 ? 
43 AC3 29 GLY A 15  ? GLY X 15  . ? 1_555 ? 
44 AC3 29 GLN A 19  ? GLN X 19  . ? 1_555 ? 
45 AC3 29 GLY A 43  ? GLY X 43  . ? 1_555 ? 
46 AC3 29 ARG A 44  ? ARG X 44  . ? 1_555 ? 
47 AC3 29 LYS A 45  ? LYS X 45  . ? 1_555 ? 
48 AC3 29 THR A 46  ? THR X 46  . ? 1_555 ? 
49 AC3 29 LEU A 62  ? LEU X 62  . ? 1_555 ? 
50 AC3 29 THR A 63  ? THR X 63  . ? 1_555 ? 
51 AC3 29 SER A 64  ? SER X 64  . ? 1_555 ? 
52 AC3 29 HIS A 77  ? HIS X 77  . ? 1_555 ? 
53 AC3 29 ILE A 79  ? ILE X 79  . ? 1_555 ? 
54 AC3 29 PHE A 92  ? PHE X 92  . ? 1_555 ? 
55 AC3 29 GLY A 93  ? GLY X 93  . ? 1_555 ? 
56 AC3 29 GLY A 94  ? GLY X 94  . ? 1_555 ? 
57 AC3 29 GLN A 95  ? GLN X 95  . ? 1_555 ? 
58 AC3 29 THR A 96  ? THR X 96  . ? 1_555 ? 
59 AC3 29 LEU A 97  ? LEU X 97  . ? 1_555 ? 
60 AC3 29 GLU A 100 ? GLU X 100 . ? 1_555 ? 
61 AC3 29 THR A 121 ? THR X 121 . ? 1_555 ? 
62 AC3 29 O71 B .   ? O71 X 201 . ? 1_555 ? 
63 AC3 29 XNP C .   ? XNP X 202 . ? 1_555 ? 
64 AC3 29 HOH E .   ? HOH X 301 . ? 1_555 ? 
65 AC3 29 HOH E .   ? HOH X 309 . ? 1_555 ? 
66 AC3 29 HOH E .   ? HOH X 321 . ? 1_555 ? 
67 AC3 29 HOH E .   ? HOH X 338 . ? 1_555 ? 
68 AC3 29 HOH E .   ? HOH X 339 . ? 1_555 ? 
# 
_atom_sites.entry_id                    6PBO 
_atom_sites.Cartn_transf_matrix[1][1]   ? 
_atom_sites.Cartn_transf_matrix[1][2]   ? 
_atom_sites.Cartn_transf_matrix[1][3]   ? 
_atom_sites.Cartn_transf_matrix[2][1]   ? 
_atom_sites.Cartn_transf_matrix[2][2]   ? 
_atom_sites.Cartn_transf_matrix[2][3]   ? 
_atom_sites.Cartn_transf_matrix[3][1]   ? 
_atom_sites.Cartn_transf_matrix[3][2]   ? 
_atom_sites.Cartn_transf_matrix[3][3]   ? 
_atom_sites.Cartn_transf_vector[1]      ? 
_atom_sites.Cartn_transf_vector[2]      ? 
_atom_sites.Cartn_transf_vector[3]      ? 
_atom_sites.fract_transf_matrix[1][1]   -0.00099633 
_atom_sites.fract_transf_matrix[1][2]   0.01458301 
_atom_sites.fract_transf_matrix[1][3]   0.00056221 
_atom_sites.fract_transf_matrix[2][1]   -0.00517528 
_atom_sites.fract_transf_matrix[2][2]   0.00742600 
_atom_sites.fract_transf_matrix[2][3]   -0.01149127 
_atom_sites.fract_transf_matrix[3][1]   -0.00856039 
_atom_sites.fract_transf_matrix[3][2]   -0.00071566 
_atom_sites.fract_transf_matrix[3][3]   0.00339283 
_atom_sites.fract_transf_vector[1]      -0.401557 
_atom_sites.fract_transf_vector[2]      -0.173527 
_atom_sites.fract_transf_vector[3]      0.356407 
_atom_sites.solution_primary            ? 
_atom_sites.solution_secondary          ? 
_atom_sites.solution_hydrogens          ? 
_atom_sites.special_details             ? 
# 
loop_
_atom_type.symbol 
C 
N 
O 
P 
S 
# 
loop_
_atom_site.group_PDB 
_atom_site.id 
_atom_site.type_symbol 
_atom_site.label_atom_id 
_atom_site.label_alt_id 
_atom_site.label_comp_id 
_atom_site.label_asym_id 
_atom_site.label_entity_id 
_atom_site.label_seq_id 
_atom_site.pdbx_PDB_ins_code 
_atom_site.Cartn_x 
_atom_site.Cartn_y 
_atom_site.Cartn_z 
_atom_site.occupancy 
_atom_site.B_iso_or_equiv 
_atom_site.pdbx_formal_charge 
_atom_site.auth_seq_id 
_atom_site.auth_comp_id 
_atom_site.auth_asym_id 
_atom_site.auth_atom_id 
_atom_site.pdbx_PDB_model_num 
ATOM   1    N N     . THR A 1 1   ? 15.003  3.916   -4.132  1.00 44.05 ? 1   THR X N     1 
ATOM   2    C CA    . THR A 1 1   ? 13.667  4.500   -4.243  1.00 38.48 ? 1   THR X CA    1 
ATOM   3    C C     . THR A 1 1   ? 12.646  3.791   -3.338  1.00 33.53 ? 1   THR X C     1 
ATOM   4    O O     . THR A 1 1   ? 12.371  2.600   -3.486  1.00 27.67 ? 1   THR X O     1 
ATOM   5    C CB    . THR A 1 1   ? 13.161  4.463   -5.693  1.00 40.05 ? 1   THR X CB    1 
ATOM   6    O OG1   . THR A 1 1   ? 14.266  4.661   -6.585  1.00 49.19 ? 1   THR X OG1   1 
ATOM   7    C CG2   . THR A 1 1   ? 12.114  5.549   -5.915  1.00 29.40 ? 1   THR X CG2   1 
ATOM   8    N N     . LEU A 1 2   ? 12.084  4.565   -2.413  1.00 26.24 ? 2   LEU X N     1 
ATOM   9    C CA    . LEU A 1 2   ? 11.170  4.079   -1.390  1.00 29.10 ? 2   LEU X CA    1 
ATOM   10   C C     . LEU A 1 2   ? 9.844   4.811   -1.538  1.00 24.23 ? 2   LEU X C     1 
ATOM   11   O O     . LEU A 1 2   ? 9.797   6.038   -1.384  1.00 24.87 ? 2   LEU X O     1 
ATOM   12   C CB    . LEU A 1 2   ? 11.776  4.316   -0.005  1.00 30.13 ? 2   LEU X CB    1 
ATOM   13   C CG    . LEU A 1 2   ? 11.127  3.699   1.238   1.00 31.91 ? 2   LEU X CG    1 
ATOM   14   C CD1   . LEU A 1 2   ? 10.759  2.239   1.047   1.00 24.95 ? 2   LEU X CD1   1 
ATOM   15   C CD2   . LEU A 1 2   ? 12.033  3.895   2.451   1.00 36.37 ? 2   LEU X CD2   1 
ATOM   16   N N     . SER A 1 3   ? 8.774   4.061   -1.816  1.00 25.47 ? 3   SER X N     1 
ATOM   17   C CA    . SER A 1 3   ? 7.451   4.623   -2.080  1.00 22.35 ? 3   SER X CA    1 
ATOM   18   C C     . SER A 1 3   ? 6.408   3.995   -1.167  1.00 24.12 ? 3   SER X C     1 
ATOM   19   O O     . SER A 1 3   ? 6.546   2.847   -0.738  1.00 20.64 ? 3   SER X O     1 
ATOM   20   C CB    . SER A 1 3   ? 7.010   4.388   -3.531  1.00 18.73 ? 3   SER X CB    1 
ATOM   21   O OG    . SER A 1 3   ? 8.043   4.768   -4.427  1.00 24.46 ? 3   SER X OG    1 
ATOM   22   N N     . ILE A 1 4   ? 5.354   4.756   -0.887  1.00 17.46 ? 4   ILE X N     1 
ATOM   23   C CA    . ILE A 1 4   ? 4.133   4.177   -0.338  1.00 18.22 ? 4   ILE X CA    1 
ATOM   24   C C     . ILE A 1 4   ? 3.238   3.751   -1.496  1.00 18.09 ? 4   ILE X C     1 
ATOM   25   O O     . ILE A 1 4   ? 3.295   4.309   -2.596  1.00 15.23 ? 4   ILE X O     1 
ATOM   26   C CB    . ILE A 1 4   ? 3.452   5.174   0.623   1.00 16.90 ? 4   ILE X CB    1 
ATOM   27   C CG1   . ILE A 1 4   ? 4.074   5.039   2.014   1.00 16.72 ? 4   ILE X CG1   1 
ATOM   28   C CG2   . ILE A 1 4   ? 1.937   5.001   0.673   1.00 13.11 ? 4   ILE X CG2   1 
ATOM   29   C CD1   . ILE A 1 4   ? 3.515   6.007   3.054   1.00 18.54 ? 4   ILE X CD1   1 
ATOM   30   N N     . LEU A 1 5   ? 2.469   2.689   -1.278  1.00 16.05 ? 5   LEU X N     1 
ATOM   31   C CA    . LEU A 1 5   ? 1.442   2.247   -2.209  1.00 13.63 ? 5   LEU X CA    1 
ATOM   32   C C     . LEU A 1 5   ? 0.196   1.942   -1.389  1.00 18.33 ? 5   LEU X C     1 
ATOM   33   O O     . LEU A 1 5   ? 0.233   1.061   -0.525  1.00 17.04 ? 5   LEU X O     1 
ATOM   34   C CB    . LEU A 1 5   ? 1.917   1.016   -2.992  1.00 18.47 ? 5   LEU X CB    1 
ATOM   35   C CG    . LEU A 1 5   ? 0.956   0.368   -3.983  1.00 16.18 ? 5   LEU X CG    1 
ATOM   36   C CD1   . LEU A 1 5   ? 0.432   1.441   -4.954  1.00 15.64 ? 5   LEU X CD1   1 
ATOM   37   C CD2   . LEU A 1 5   ? 1.649   -0.801  -4.729  1.00 13.84 ? 5   LEU X CD2   1 
ATOM   38   N N     . VAL A 1 6   ? -0.894  2.679   -1.627  1.00 14.94 ? 6   VAL X N     1 
ATOM   39   C CA    . VAL A 1 6   ? -2.064  2.586   -0.750  1.00 12.79 ? 6   VAL X CA    1 
ATOM   40   C C     . VAL A 1 6   ? -3.324  2.978   -1.516  1.00 15.29 ? 6   VAL X C     1 
ATOM   41   O O     . VAL A 1 6   ? -3.297  3.858   -2.380  1.00 13.10 ? 6   VAL X O     1 
ATOM   42   C CB    . VAL A 1 6   ? -1.878  3.491   0.491   1.00 12.84 ? 6   VAL X CB    1 
ATOM   43   C CG1   . VAL A 1 6   ? -1.725  4.958   0.054   1.00 15.58 ? 6   VAL X CG1   1 
ATOM   44   C CG2   . VAL A 1 6   ? -3.011  3.323   1.491   1.00 14.91 ? 6   VAL X CG2   1 
ATOM   45   N N     . ALA A 1 7   ? -4.439  2.334   -1.176  1.00 11.84 ? 7   ALA X N     1 
ATOM   46   C CA    . ALA A 1 7   ? -5.771  2.807   -1.538  1.00 13.79 ? 7   ALA X CA    1 
ATOM   47   C C     . ALA A 1 7   ? -6.475  3.266   -0.263  1.00 16.56 ? 7   ALA X C     1 
ATOM   48   O O     . ALA A 1 7   ? -6.526  2.529   0.723   1.00 13.97 ? 7   ALA X O     1 
ATOM   49   C CB    . ALA A 1 7   ? -6.569  1.705   -2.251  1.00 15.63 ? 7   ALA X CB    1 
ATOM   50   N N     . HIS A 1 8   ? -6.979  4.498   -0.251  1.00 12.25 ? 8   HIS X N     1 
ATOM   51   C CA    . HIS A 1 8   ? -7.715  4.944   0.921   1.00 17.48 ? 8   HIS X CA    1 
ATOM   52   C C     . HIS A 1 8   ? -8.922  5.754   0.482   1.00 18.67 ? 8   HIS X C     1 
ATOM   53   O O     . HIS A 1 8   ? -8.913  6.361   -0.589  1.00 18.54 ? 8   HIS X O     1 
ATOM   54   C CB    . HIS A 1 8   ? -6.805  5.720   1.909   1.00 12.42 ? 8   HIS X CB    1 
ATOM   55   C CG    . HIS A 1 8   ? -6.489  7.139   1.529   1.00 13.55 ? 8   HIS X CG    1 
ATOM   56   N ND1   . HIS A 1 8   ? -7.441  8.132   1.481   1.00 14.78 ? 8   HIS X ND1   1 
ATOM   57   C CD2   . HIS A 1 8   ? -5.306  7.742   1.273   1.00 13.22 ? 8   HIS X CD2   1 
ATOM   58   C CE1   . HIS A 1 8   ? -6.865  9.278   1.162   1.00 12.25 ? 8   HIS X CE1   1 
ATOM   59   N NE2   . HIS A 1 8   ? -5.568  9.071   1.041   1.00 16.12 ? 8   HIS X NE2   1 
ATOM   60   N N     . ASP A 1 9   ? -9.968  5.730   1.308   1.00 15.25 ? 9   ASP X N     1 
ATOM   61   C CA    . ASP A 1 9   ? -11.225 6.384   0.969   1.00 15.07 ? 9   ASP X CA    1 
ATOM   62   C C     . ASP A 1 9   ? -11.196 7.851   1.409   1.00 16.87 ? 9   ASP X C     1 
ATOM   63   O O     . ASP A 1 9   ? -10.159 8.396   1.797   1.00 12.85 ? 9   ASP X O     1 
ATOM   64   C CB    . ASP A 1 9   ? -12.405 5.594   1.553   1.00 15.04 ? 9   ASP X CB    1 
ATOM   65   C CG    . ASP A 1 9   ? -12.757 5.985   3.007   1.00 16.61 ? 9   ASP X CG    1 
ATOM   66   O OD1   . ASP A 1 9   ? -12.026 6.730   3.708   1.00 14.49 ? 9   ASP X OD1   1 
ATOM   67   O OD2   . ASP A 1 9   ? -13.805 5.520   3.456   1.00 14.62 ? 9   ASP X OD2   1 
ATOM   68   N N     . LEU A 1 10  ? -12.358 8.495   1.394   1.00 11.60 ? 10  LEU X N     1 
ATOM   69   C CA    . LEU A 1 10  ? -12.420 9.931   1.655   1.00 17.45 ? 10  LEU X CA    1 
ATOM   70   C C     . LEU A 1 10  ? -12.051 10.274  3.086   1.00 15.53 ? 10  LEU X C     1 
ATOM   71   O O     . LEU A 1 10  ? -11.660 11.409  3.371   1.00 15.13 ? 10  LEU X O     1 
ATOM   72   C CB    . LEU A 1 10  ? -13.830 10.449  1.336   1.00 13.93 ? 10  LEU X CB    1 
ATOM   73   C CG    . LEU A 1 10  ? -14.194 10.468  -0.148  1.00 18.56 ? 10  LEU X CG    1 
ATOM   74   C CD1   . LEU A 1 10  ? -15.667 10.795  -0.379  1.00 16.26 ? 10  LEU X CD1   1 
ATOM   75   C CD2   . LEU A 1 10  ? -13.289 11.432  -0.879  1.00 19.99 ? 10  LEU X CD2   1 
ATOM   76   N N     . GLN A 1 11  ? -12.176 9.331   3.999   1.00 15.82 ? 11  GLN X N     1 
ATOM   77   C CA    . GLN A 1 11  ? -11.802 9.588   5.381   1.00 17.57 ? 11  GLN X CA    1 
ATOM   78   C C     . GLN A 1 11  ? -10.500 8.883   5.742   1.00 16.76 ? 11  GLN X C     1 
ATOM   79   O O     . GLN A 1 11  ? -10.173 8.759   6.928   1.00 14.96 ? 11  GLN X O     1 
ATOM   80   C CB    . GLN A 1 11  ? -12.964 9.185   6.292   1.00 19.46 ? 11  GLN X CB    1 
ATOM   81   C CG    . GLN A 1 11  ? -14.191 10.049  5.992   1.00 27.68 ? 11  GLN X CG    1 
ATOM   82   C CD    . GLN A 1 11  ? -15.420 9.708   6.804   1.00 31.17 ? 11  GLN X CD    1 
ATOM   83   O OE1   . GLN A 1 11  ? -15.828 8.547   6.892   1.00 25.96 ? 11  GLN X OE1   1 
ATOM   84   N NE2   . GLN A 1 11  ? -16.030 10.732  7.395   1.00 33.02 ? 11  GLN X NE2   1 
ATOM   85   N N     . ARG A 1 12  ? -9.768  8.409   4.723   1.00 19.61 ? 12  ARG X N     1 
ATOM   86   C CA    . ARG A 1 12  ? -8.507  7.672   4.819   1.00 10.18 ? 12  ARG X CA    1 
ATOM   87   C C     . ARG A 1 12  ? -8.668  6.260   5.383   1.00 13.93 ? 12  ARG X C     1 
ATOM   88   O O     . ARG A 1 12  ? -7.687  5.672   5.847   1.00 11.31 ? 12  ARG X O     1 
ATOM   89   C CB    . ARG A 1 12  ? -7.462  8.444   5.631   1.00 14.09 ? 12  ARG X CB    1 
ATOM   90   C CG    . ARG A 1 12  ? -6.753  9.502   4.811   1.00 13.50 ? 12  ARG X CG    1 
ATOM   91   C CD    . ARG A 1 12  ? -5.837  10.376  5.658   1.00 14.42 ? 12  ARG X CD    1 
ATOM   92   N NE    . ARG A 1 12  ? -6.618  11.241  6.533   1.00 17.65 ? 12  ARG X NE    1 
ATOM   93   C CZ    . ARG A 1 12  ? -6.858  10.976  7.817   1.00 20.23 ? 12  ARG X CZ    1 
ATOM   94   N NH1   . ARG A 1 12  ? -6.374  9.863   8.387   1.00 10.72 ? 12  ARG X NH1   1 
ATOM   95   N NH2   . ARG A 1 12  ? -7.591  11.822  8.521   1.00 18.36 ? 12  ARG X NH2   1 
ATOM   96   N N     . VAL A 1 13  ? -9.880  5.702   5.351   1.00 15.60 ? 13  VAL X N     1 
ATOM   97   C CA    . VAL A 1 13  ? -10.045 4.287   5.668   1.00 16.05 ? 13  VAL X CA    1 
ATOM   98   C C     . VAL A 1 13  ? -9.246  3.471   4.664   1.00 16.63 ? 13  VAL X C     1 
ATOM   99   O O     . VAL A 1 13  ? -9.302  3.728   3.453   1.00 14.02 ? 13  VAL X O     1 
ATOM   100  C CB    . VAL A 1 13  ? -11.534 3.897   5.648   1.00 17.19 ? 13  VAL X CB    1 
ATOM   101  C CG1   . VAL A 1 13  ? -11.710 2.348   5.598   1.00 13.84 ? 13  VAL X CG1   1 
ATOM   102  C CG2   . VAL A 1 13  ? -12.263 4.491   6.858   1.00 17.00 ? 13  VAL X CG2   1 
ATOM   103  N N     . ILE A 1 14  ? -8.474  2.506   5.161   1.00 14.43 ? 14  ILE X N     1 
ATOM   104  C CA    . ILE A 1 14  ? -7.843  1.517   4.296   1.00 16.53 ? 14  ILE X CA    1 
ATOM   105  C C     . ILE A 1 14  ? -8.338  0.099   4.547   1.00 16.72 ? 14  ILE X C     1 
ATOM   106  O O     . ILE A 1 14  ? -8.159  -0.767  3.670   1.00 18.69 ? 14  ILE X O     1 
ATOM   107  C CB    . ILE A 1 14  ? -6.302  1.562   4.406   1.00 15.37 ? 14  ILE X CB    1 
ATOM   108  C CG1   . ILE A 1 14  ? -5.841  1.130   5.801   1.00 14.92 ? 14  ILE X CG1   1 
ATOM   109  C CG2   . ILE A 1 14  ? -5.757  2.953   4.089   1.00 15.21 ? 14  ILE X CG2   1 
ATOM   110  C CD1   . ILE A 1 14  ? -4.327  1.042   5.925   1.00 13.91 ? 14  ILE X CD1   1 
ATOM   111  N N     . GLY A 1 15  ? -8.943  -0.190  5.699   1.00 14.17 ? 15  GLY X N     1 
ATOM   112  C CA    . GLY A 1 15  ? -9.327  -1.559  5.985   1.00 19.05 ? 15  GLY X CA    1 
ATOM   113  C C     . GLY A 1 15  ? -10.459 -1.665  6.979   1.00 17.98 ? 15  GLY X C     1 
ATOM   114  O O     . GLY A 1 15  ? -10.710 -0.757  7.782   1.00 15.30 ? 15  GLY X O     1 
ATOM   115  N N     . PHE A 1 16  ? -11.137 -2.810  6.924   1.00 15.48 ? 16  PHE X N     1 
ATOM   116  C CA    . PHE A 1 16  ? -12.153 -3.154  7.907   1.00 16.84 ? 16  PHE X CA    1 
ATOM   117  C C     . PHE A 1 16  ? -12.121 -4.657  8.126   1.00 25.35 ? 16  PHE X C     1 
ATOM   118  O O     . PHE A 1 16  ? -12.298 -5.419  7.172   1.00 19.87 ? 16  PHE X O     1 
ATOM   119  C CB    . PHE A 1 16  ? -13.552 -2.716  7.452   1.00 17.28 ? 16  PHE X CB    1 
ATOM   120  C CG    . PHE A 1 16  ? -14.636 -3.044  8.451   1.00 22.77 ? 16  PHE X CG    1 
ATOM   121  C CD1   . PHE A 1 16  ? -15.573 -4.023  8.187   1.00 22.44 ? 16  PHE X CD1   1 
ATOM   122  C CD2   . PHE A 1 16  ? -14.702 -2.379  9.663   1.00 20.36 ? 16  PHE X CD2   1 
ATOM   123  C CE1   . PHE A 1 16  ? -16.556 -4.334  9.105   1.00 22.17 ? 16  PHE X CE1   1 
ATOM   124  C CE2   . PHE A 1 16  ? -15.694 -2.684  10.586  1.00 24.22 ? 16  PHE X CE2   1 
ATOM   125  C CZ    . PHE A 1 16  ? -16.618 -3.662  10.305  1.00 30.99 ? 16  PHE X CZ    1 
ATOM   126  N N     . GLU A 1 17  ? -11.911 -5.072  9.374   1.00 18.06 ? 17  GLU X N     1 
ATOM   127  C CA    . GLU A 1 17  ? -11.907 -6.486  9.760   1.00 23.86 ? 17  GLU X CA    1 
ATOM   128  C C     . GLU A 1 17  ? -11.033 -7.316  8.828   1.00 23.00 ? 17  GLU X C     1 
ATOM   129  O O     . GLU A 1 17  ? -11.470 -8.302  8.229   1.00 27.22 ? 17  GLU X O     1 
ATOM   130  C CB    . GLU A 1 17  ? -13.328 -7.034  9.819   1.00 23.30 ? 17  GLU X CB    1 
ATOM   131  C CG    . GLU A 1 17  ? -14.141 -6.330  10.886  1.00 29.51 ? 17  GLU X CG    1 
ATOM   132  C CD    . GLU A 1 17  ? -15.388 -7.070  11.237  1.00 35.73 ? 17  GLU X CD    1 
ATOM   133  O OE1   . GLU A 1 17  ? -15.988 -7.673  10.325  1.00 36.52 ? 17  GLU X OE1   1 
ATOM   134  O OE2   . GLU A 1 17  ? -15.762 -7.056  12.425  1.00 38.46 ? 17  GLU X OE2   1 
ATOM   135  N N     . ASN A 1 18  ? -9.787  -6.876  8.693   1.00 20.69 ? 18  ASN X N     1 
ATOM   136  C CA    . ASN A 1 18  ? -8.711  -7.547  7.972   1.00 25.67 ? 18  ASN X CA    1 
ATOM   137  C C     . ASN A 1 18  ? -8.933  -7.630  6.470   1.00 22.87 ? 18  ASN X C     1 
ATOM   138  O O     . ASN A 1 18  ? -8.207  -8.365  5.794   1.00 22.45 ? 18  ASN X O     1 
ATOM   139  C CB    . ASN A 1 18  ? -8.439  -8.950  8.527   1.00 30.28 ? 18  ASN X CB    1 
ATOM   140  C CG    . ASN A 1 18  ? -7.247  -8.973  9.449   1.00 33.07 ? 18  ASN X CG    1 
ATOM   141  O OD1   . ASN A 1 18  ? -7.342  -8.597  10.625  1.00 42.97 ? 18  ASN X OD1   1 
ATOM   142  N ND2   . ASN A 1 18  ? -6.092  -9.377  8.911   1.00 37.73 ? 18  ASN X ND2   1 
ATOM   143  N N     . GLN A 1 19  ? -9.881  -6.873  5.923   1.00 21.95 ? 19  GLN X N     1 
ATOM   144  C CA    . GLN A 1 19  ? -10.188 -6.895  4.503   1.00 21.91 ? 19  GLN X CA    1 
ATOM   145  C C     . GLN A 1 19  ? -10.228 -5.479  3.942   1.00 24.40 ? 19  GLN X C     1 
ATOM   146  O O     . GLN A 1 19  ? -10.347 -4.492  4.678   1.00 22.19 ? 19  GLN X O     1 
ATOM   147  C CB    . GLN A 1 19  ? -11.522 -7.586  4.242   1.00 25.87 ? 19  GLN X CB    1 
ATOM   148  C CG    . GLN A 1 19  ? -11.531 -9.047  4.607   1.00 26.96 ? 19  GLN X CG    1 
ATOM   149  C CD    . GLN A 1 19  ? -12.681 -9.768  3.966   1.00 35.13 ? 19  GLN X CD    1 
ATOM   150  O OE1   . GLN A 1 19  ? -12.799 -9.801  2.739   1.00 43.02 ? 19  GLN X OE1   1 
ATOM   151  N NE2   . GLN A 1 19  ? -13.552 -10.342 4.786   1.00 48.69 ? 19  GLN X NE2   1 
ATOM   152  N N     . LEU A 1 20  ? -10.114 -5.390  2.624   1.00 19.08 ? 20  LEU X N     1 
ATOM   153  C CA    . LEU A 1 20  ? -10.410 -4.138  1.936   1.00 21.79 ? 20  LEU X CA    1 
ATOM   154  C C     . LEU A 1 20  ? -11.910 -3.907  2.000   1.00 24.92 ? 20  LEU X C     1 
ATOM   155  O O     . LEU A 1 20  ? -12.672 -4.844  1.769   1.00 22.83 ? 20  LEU X O     1 
ATOM   156  C CB    . LEU A 1 20  ? -9.977  -4.196  0.467   1.00 21.36 ? 20  LEU X CB    1 
ATOM   157  C CG    . LEU A 1 20  ? -8.549  -4.608  0.149   1.00 27.21 ? 20  LEU X CG    1 
ATOM   158  C CD1   . LEU A 1 20  ? -8.374  -4.781  -1.368  1.00 25.57 ? 20  LEU X CD1   1 
ATOM   159  C CD2   . LEU A 1 20  ? -7.604  -3.562  0.716   1.00 21.34 ? 20  LEU X CD2   1 
ATOM   160  N N     . PRO A 1 21  ? -12.374 -2.692  2.307   1.00 21.79 ? 21  PRO X N     1 
ATOM   161  C CA    . PRO A 1 21  ? -13.829 -2.468  2.381   1.00 19.39 ? 21  PRO X CA    1 
ATOM   162  C C     . PRO A 1 21  ? -14.523 -2.473  1.044   1.00 21.11 ? 21  PRO X C     1 
ATOM   163  O O     . PRO A 1 21  ? -15.756 -2.560  1.015   1.00 25.58 ? 21  PRO X O     1 
ATOM   164  C CB    . PRO A 1 21  ? -13.942 -1.088  3.034   1.00 12.50 ? 21  PRO X CB    1 
ATOM   165  C CG    . PRO A 1 21  ? -12.638 -0.932  3.806   1.00 23.12 ? 21  PRO X CG    1 
ATOM   166  C CD    . PRO A 1 21  ? -11.617 -1.572  2.893   1.00 21.89 ? 21  PRO X CD    1 
ATOM   167  N N     . TRP A 1 22  ? -13.790 -2.369  -0.057  1.00 25.43 ? 22  TRP X N     1 
ATOM   168  C CA    . TRP A 1 22  ? -14.372 -2.126  -1.369  1.00 24.67 ? 22  TRP X CA    1 
ATOM   169  C C     . TRP A 1 22  ? -13.791 -3.102  -2.381  1.00 25.10 ? 22  TRP X C     1 
ATOM   170  O O     . TRP A 1 22  ? -12.733 -3.694  -2.168  1.00 19.35 ? 22  TRP X O     1 
ATOM   171  C CB    . TRP A 1 22  ? -14.096 -0.696  -1.833  1.00 21.46 ? 22  TRP X CB    1 
ATOM   172  C CG    . TRP A 1 22  ? -12.664 -0.345  -1.645  1.00 20.52 ? 22  TRP X CG    1 
ATOM   173  C CD1   . TRP A 1 22  ? -11.604 -0.737  -2.427  1.00 20.91 ? 22  TRP X CD1   1 
ATOM   174  C CD2   . TRP A 1 22  ? -12.115 0.459   -0.600  1.00 16.95 ? 22  TRP X CD2   1 
ATOM   175  N NE1   . TRP A 1 22  ? -10.431 -0.226  -1.923  1.00 19.07 ? 22  TRP X NE1   1 
ATOM   176  C CE2   . TRP A 1 22  ? -10.718 0.521   -0.808  1.00 16.37 ? 22  TRP X CE2   1 
ATOM   177  C CE3   . TRP A 1 22  ? -12.669 1.149   0.481   1.00 15.80 ? 22  TRP X CE3   1 
ATOM   178  C CZ2   . TRP A 1 22  ? -9.876  1.227   0.031   1.00 16.92 ? 22  TRP X CZ2   1 
ATOM   179  C CZ3   . TRP A 1 22  ? -11.832 1.857   1.306   1.00 13.74 ? 22  TRP X CZ3   1 
ATOM   180  C CH2   . TRP A 1 22  ? -10.451 1.890   1.085   1.00 19.67 ? 22  TRP X CH2   1 
ATOM   181  N N     . HIS A 1 23  ? -14.478 -3.215  -3.518  1.00 31.74 ? 23  HIS X N     1 
ATOM   182  C CA    . HIS A 1 23  ? -14.089 -4.089  -4.622  1.00 32.16 ? 23  HIS X CA    1 
ATOM   183  C C     . HIS A 1 23  ? -13.842 -3.221  -5.849  1.00 29.63 ? 23  HIS X C     1 
ATOM   184  O O     . HIS A 1 23  ? -14.786 -2.725  -6.469  1.00 29.29 ? 23  HIS X O     1 
ATOM   185  C CB    . HIS A 1 23  ? -15.168 -5.132  -4.903  1.00 34.56 ? 23  HIS X CB    1 
ATOM   186  C CG    . HIS A 1 23  ? -15.751 -5.746  -3.669  1.00 40.86 ? 23  HIS X CG    1 
ATOM   187  N ND1   . HIS A 1 23  ? -16.710 -5.114  -2.906  1.00 43.80 ? 23  HIS X ND1   1 
ATOM   188  C CD2   . HIS A 1 23  ? -15.511 -6.934  -3.064  1.00 46.81 ? 23  HIS X CD2   1 
ATOM   189  C CE1   . HIS A 1 23  ? -17.036 -5.886  -1.884  1.00 47.49 ? 23  HIS X CE1   1 
ATOM   190  N NE2   . HIS A 1 23  ? -16.324 -6.995  -1.957  1.00 55.70 ? 23  HIS X NE2   1 
ATOM   191  N N     . LEU A 1 24  ? -12.574 -3.048  -6.205  1.00 26.50 ? 24  LEU X N     1 
ATOM   192  C CA    . LEU A 1 24  ? -12.186 -2.176  -7.306  1.00 26.68 ? 24  LEU X CA    1 
ATOM   193  C C     . LEU A 1 24  ? -11.130 -2.899  -8.122  1.00 26.68 ? 24  LEU X C     1 
ATOM   194  O O     . LEU A 1 24  ? -9.930  -2.780  -7.842  1.00 24.78 ? 24  LEU X O     1 
ATOM   195  C CB    . LEU A 1 24  ? -11.657 -0.842  -6.782  1.00 25.26 ? 24  LEU X CB    1 
ATOM   196  C CG    . LEU A 1 24  ? -11.793 0.357   -7.723  1.00 27.97 ? 24  LEU X CG    1 
ATOM   197  C CD1   . LEU A 1 24  ? -13.187 0.418   -8.360  1.00 24.63 ? 24  LEU X CD1   1 
ATOM   198  C CD2   . LEU A 1 24  ? -11.484 1.635   -6.956  1.00 19.69 ? 24  LEU X CD2   1 
ATOM   199  N N     . PRO A 1 25  ? -11.544 -3.690  -9.128  1.00 28.02 ? 25  PRO X N     1 
ATOM   200  C CA    . PRO A 1 25  ? -10.555 -4.423  -9.941  1.00 24.98 ? 25  PRO X CA    1 
ATOM   201  C C     . PRO A 1 25  ? -9.499  -3.549  -10.586 1.00 24.30 ? 25  PRO X C     1 
ATOM   202  O O     . PRO A 1 25  ? -8.343  -3.972  -10.639 1.00 25.47 ? 25  PRO X O     1 
ATOM   203  C CB    . PRO A 1 25  ? -11.415 -5.126  -11.003 1.00 29.25 ? 25  PRO X CB    1 
ATOM   204  C CG    . PRO A 1 25  ? -12.740 -5.339  -10.324 1.00 30.28 ? 25  PRO X CG    1 
ATOM   205  C CD    . PRO A 1 25  ? -12.924 -4.147  -9.386  1.00 27.81 ? 25  PRO X CD    1 
ATOM   206  N N     . ASN A 1 26  ? -9.840  -2.345  -11.070 1.00 22.89 ? 26  ASN X N     1 
ATOM   207  C CA    . ASN A 1 26  ? -8.822  -1.478  -11.675 1.00 24.94 ? 26  ASN X CA    1 
ATOM   208  C C     . ASN A 1 26  ? -7.694  -1.128  -10.703 1.00 23.34 ? 26  ASN X C     1 
ATOM   209  O O     . ASN A 1 26  ? -6.543  -0.944  -11.127 1.00 24.17 ? 26  ASN X O     1 
ATOM   210  C CB    . ASN A 1 26  ? -9.458  -0.189  -12.207 1.00 23.57 ? 26  ASN X CB    1 
ATOM   211  C CG    . ASN A 1 26  ? -10.358 -0.430  -13.408 1.00 28.14 ? 26  ASN X CG    1 
ATOM   212  O OD1   . ASN A 1 26  ? -10.384 -1.528  -13.972 1.00 34.94 ? 26  ASN X OD1   1 
ATOM   213  N ND2   . ASN A 1 26  ? -11.101 0.598   -13.808 1.00 33.17 ? 26  ASN X ND2   1 
ATOM   214  N N     . ASP A 1 27  ? -7.998  -1.006  -9.410  1.00 21.81 ? 27  ASP X N     1 
ATOM   215  C CA    . ASP A 1 27  ? -6.939  -0.751  -8.438  1.00 24.14 ? 27  ASP X CA    1 
ATOM   216  C C     . ASP A 1 27  ? -6.022  -1.962  -8.282  1.00 18.40 ? 27  ASP X C     1 
ATOM   217  O O     . ASP A 1 27  ? -4.813  -1.810  -8.096  1.00 15.80 ? 27  ASP X O     1 
ATOM   218  C CB    . ASP A 1 27  ? -7.536  -0.343  -7.092  1.00 20.81 ? 27  ASP X CB    1 
ATOM   219  C CG    . ASP A 1 27  ? -6.480  0.086   -6.094  1.00 21.14 ? 27  ASP X CG    1 
ATOM   220  O OD1   . ASP A 1 27  ? -6.619  -0.294  -4.926  1.00 22.71 ? 27  ASP X OD1   1 
ATOM   221  O OD2   . ASP A 1 27  ? -5.529  0.814   -6.460  1.00 20.06 ? 27  ASP X OD2   1 
ATOM   222  N N     . LEU A 1 28  ? -6.568  -3.172  -8.372  1.00 19.80 ? 28  LEU X N     1 
ATOM   223  C CA    . LEU A 1 28  ? -5.710  -4.349  -8.397  1.00 22.19 ? 28  LEU X CA    1 
ATOM   224  C C     . LEU A 1 28  ? -4.751  -4.296  -9.577  1.00 22.12 ? 28  LEU X C     1 
ATOM   225  O O     . LEU A 1 28  ? -3.564  -4.609  -9.431  1.00 20.65 ? 28  LEU X O     1 
ATOM   226  C CB    . LEU A 1 28  ? -6.557  -5.620  -8.466  1.00 21.01 ? 28  LEU X CB    1 
ATOM   227  C CG    . LEU A 1 28  ? -6.700  -6.439  -7.189  1.00 32.66 ? 28  LEU X CG    1 
ATOM   228  C CD1   . LEU A 1 28  ? -7.709  -5.765  -6.285  1.00 31.67 ? 28  LEU X CD1   1 
ATOM   229  C CD2   . LEU A 1 28  ? -7.128  -7.857  -7.549  1.00 31.31 ? 28  LEU X CD2   1 
ATOM   230  N N     . LYS A 1 29  ? -5.249  -3.904  -10.763 1.00 17.30 ? 29  LYS X N     1 
ATOM   231  C CA    . LYS A 1 29  ? -4.375  -3.783  -11.932 1.00 19.37 ? 29  LYS X CA    1 
ATOM   232  C C     . LYS A 1 29  ? -3.322  -2.710  -11.723 1.00 17.61 ? 29  LYS X C     1 
ATOM   233  O O     . LYS A 1 29  ? -2.163  -2.884  -12.120 1.00 23.50 ? 29  LYS X O     1 
ATOM   234  C CB    . LYS A 1 29  ? -5.186  -3.474  -13.200 1.00 26.15 ? 29  LYS X CB    1 
ATOM   235  C CG    . LYS A 1 29  ? -5.907  -4.666  -13.861 1.00 37.71 ? 29  LYS X CG    1 
ATOM   236  C CD    . LYS A 1 29  ? -7.034  -5.225  -13.000 1.00 38.11 ? 29  LYS X CD    1 
ATOM   237  C CE    . LYS A 1 29  ? -7.091  -6.751  -12.978 1.00 46.51 ? 29  LYS X CE    1 
ATOM   238  N NZ    . LYS A 1 29  ? -8.141  -7.208  -12.025 1.00 46.50 ? 29  LYS X NZ    1 
ATOM   239  N N     . HIS A 1 30  ? -3.717  -1.585  -11.125 1.00 22.11 ? 30  HIS X N     1 
ATOM   240  C CA    . HIS A 1 30  ? -2.788  -0.513  -10.771 1.00 21.00 ? 30  HIS X CA    1 
ATOM   241  C C     . HIS A 1 30  ? -1.630  -1.034  -9.929  1.00 17.97 ? 30  HIS X C     1 
ATOM   242  O O     . HIS A 1 30  ? -0.467  -0.708  -10.177 1.00 20.83 ? 30  HIS X O     1 
ATOM   243  C CB    . HIS A 1 30  ? -3.569  0.572   -10.017 1.00 17.63 ? 30  HIS X CB    1 
ATOM   244  C CG    . HIS A 1 30  ? -2.762  1.765   -9.600  1.00 16.98 ? 30  HIS X CG    1 
ATOM   245  N ND1   . HIS A 1 30  ? -2.203  2.649   -10.501 1.00 20.25 ? 30  HIS X ND1   1 
ATOM   246  C CD2   . HIS A 1 30  ? -2.490  2.266   -8.371  1.00 21.56 ? 30  HIS X CD2   1 
ATOM   247  C CE1   . HIS A 1 30  ? -1.590  3.620   -9.848  1.00 22.13 ? 30  HIS X CE1   1 
ATOM   248  N NE2   . HIS A 1 30  ? -1.754  3.416   -8.552  1.00 23.35 ? 30  HIS X NE2   1 
ATOM   249  N N     . VAL A 1 31  ? -1.942  -1.835  -8.913  1.00 20.43 ? 31  VAL X N     1 
ATOM   250  C CA    . VAL A 1 31  ? -0.917  -2.369  -8.017  1.00 14.59 ? 31  VAL X CA    1 
ATOM   251  C C     . VAL A 1 31  ? 0.012   -3.320  -8.761  1.00 21.39 ? 31  VAL X C     1 
ATOM   252  O O     . VAL A 1 31  ? 1.238   -3.280  -8.585  1.00 20.66 ? 31  VAL X O     1 
ATOM   253  C CB    . VAL A 1 31  ? -1.590  -3.062  -6.817  1.00 16.12 ? 31  VAL X CB    1 
ATOM   254  C CG1   . VAL A 1 31  ? -0.621  -4.004  -6.120  1.00 18.37 ? 31  VAL X CG1   1 
ATOM   255  C CG2   . VAL A 1 31  ? -2.124  -2.012  -5.833  1.00 18.22 ? 31  VAL X CG2   1 
ATOM   256  N N     . LYS A 1 32  ? -0.560  -4.192  -9.596  1.00 18.28 ? 32  LYS X N     1 
ATOM   257  C CA    . LYS A 1 32  ? 0.240   -5.142  -10.361 1.00 22.20 ? 32  LYS X CA    1 
ATOM   258  C C     . LYS A 1 32  ? 1.182   -4.431  -11.329 1.00 20.99 ? 32  LYS X C     1 
ATOM   259  O O     . LYS A 1 32  ? 2.346   -4.821  -11.463 1.00 21.87 ? 32  LYS X O     1 
ATOM   260  C CB    . LYS A 1 32  ? -0.696  -6.099  -11.101 1.00 26.97 ? 32  LYS X CB    1 
ATOM   261  C CG    . LYS A 1 32  ? -0.058  -7.338  -11.731 1.00 31.22 ? 32  LYS X CG    1 
ATOM   262  C CD    . LYS A 1 32  ? -1.151  -8.157  -12.404 1.00 29.69 ? 32  LYS X CD    1 
ATOM   263  C CE    . LYS A 1 32  ? -0.617  -9.368  -13.148 1.00 33.00 ? 32  LYS X CE    1 
ATOM   264  N NZ    . LYS A 1 32  ? -1.763  -10.220 -13.608 1.00 42.18 ? 32  LYS X NZ    1 
ATOM   265  N N     . LYS A 1 33  ? 0.702   -3.380  -12.008 1.00 24.82 ? 33  LYS X N     1 
ATOM   266  C CA    . LYS A 1 33  ? 1.565   -2.623  -12.919 1.00 24.55 ? 33  LYS X CA    1 
ATOM   267  C C     . LYS A 1 33  ? 2.701   -1.951  -12.162 1.00 24.90 ? 33  LYS X C     1 
ATOM   268  O O     . LYS A 1 33  ? 3.871   -2.028  -12.565 1.00 25.84 ? 33  LYS X O     1 
ATOM   269  C CB    . LYS A 1 33  ? 0.758   -1.569  -13.677 1.00 25.77 ? 33  LYS X CB    1 
ATOM   270  C CG    . LYS A 1 33  ? -0.432  -2.084  -14.466 1.00 36.11 ? 33  LYS X CG    1 
ATOM   271  C CD    . LYS A 1 33  ? -0.757  -1.173  -15.649 1.00 31.90 ? 33  LYS X CD    1 
ATOM   272  C CE    . LYS A 1 33  ? -2.025  -1.616  -16.355 1.00 42.16 ? 33  LYS X CE    1 
ATOM   273  N NZ    . LYS A 1 33  ? -1.961  -1.343  -17.821 1.00 40.84 ? 33  LYS X NZ    1 
ATOM   274  N N     . LEU A 1 34  ? 2.371   -1.270  -11.065 1.00 23.31 ? 34  LEU X N     1 
ATOM   275  C CA    . LEU A 1 34  ? 3.396   -0.566  -10.304 1.00 24.29 ? 34  LEU X CA    1 
ATOM   276  C C     . LEU A 1 34  ? 4.441   -1.518  -9.727  1.00 22.86 ? 34  LEU X C     1 
ATOM   277  O O     . LEU A 1 34  ? 5.632   -1.188  -9.697  1.00 20.89 ? 34  LEU X O     1 
ATOM   278  C CB    . LEU A 1 34  ? 2.752   0.243   -9.177  1.00 22.23 ? 34  LEU X CB    1 
ATOM   279  C CG    . LEU A 1 34  ? 2.206   1.598   -9.615  1.00 20.34 ? 34  LEU X CG    1 
ATOM   280  C CD1   . LEU A 1 34  ? 1.502   2.328   -8.464  1.00 19.66 ? 34  LEU X CD1   1 
ATOM   281  C CD2   . LEU A 1 34  ? 3.332   2.432   -10.204 1.00 23.55 ? 34  LEU X CD2   1 
ATOM   282  N N     . SER A 1 35  ? 4.023   -2.687  -9.231  1.00 20.57 ? 35  SER X N     1 
ATOM   283  C CA    . SER A 1 35  ? 4.903   -3.429  -8.330  1.00 23.95 ? 35  SER X CA    1 
ATOM   284  C C     . SER A 1 35  ? 5.468   -4.729  -8.894  1.00 20.57 ? 35  SER X C     1 
ATOM   285  O O     . SER A 1 35  ? 6.443   -5.237  -8.333  1.00 21.29 ? 35  SER X O     1 
ATOM   286  C CB    . SER A 1 35  ? 4.197   -3.719  -6.990  1.00 17.12 ? 35  SER X CB    1 
ATOM   287  O OG    . SER A 1 35  ? 3.112   -4.618  -7.107  1.00 21.53 ? 35  SER X OG    1 
ATOM   288  N N     . THR A 1 36  ? 4.914   -5.272  -9.974  1.00 24.35 ? 36  THR X N     1 
ATOM   289  C CA    . THR A 1 36  ? 5.555   -6.414  -10.625 1.00 24.69 ? 36  THR X CA    1 
ATOM   290  C C     . THR A 1 36  ? 7.017   -6.088  -10.932 1.00 23.33 ? 36  THR X C     1 
ATOM   291  O O     . THR A 1 36  ? 7.338   -4.998  -11.405 1.00 20.01 ? 36  THR X O     1 
ATOM   292  C CB    . THR A 1 36  ? 4.810   -6.791  -11.907 1.00 26.62 ? 36  THR X CB    1 
ATOM   293  O OG1   . THR A 1 36  ? 3.468   -7.188  -11.584 1.00 27.24 ? 36  THR X OG1   1 
ATOM   294  C CG2   . THR A 1 36  ? 5.511   -7.945  -12.619 1.00 23.01 ? 36  THR X CG2   1 
ATOM   295  N N     . GLY A 1 37  ? 7.911   -7.018  -10.610 1.00 25.62 ? 37  GLY X N     1 
ATOM   296  C CA    . GLY A 1 37  ? 9.321   -6.793  -10.829 1.00 25.74 ? 37  GLY X CA    1 
ATOM   297  C C     . GLY A 1 37  ? 10.028  -6.025  -9.740  1.00 27.34 ? 37  GLY X C     1 
ATOM   298  O O     . GLY A 1 37  ? 11.242  -5.819  -9.842  1.00 24.75 ? 37  GLY X O     1 
ATOM   299  N N     . HIS A 1 38  ? 9.329   -5.593  -8.694  1.00 27.11 ? 38  HIS X N     1 
ATOM   300  C CA    . HIS A 1 38  ? 10.012  -4.836  -7.650  1.00 25.31 ? 38  HIS X CA    1 
ATOM   301  C C     . HIS A 1 38  ? 9.746   -5.463  -6.290  1.00 25.21 ? 38  HIS X C     1 
ATOM   302  O O     . HIS A 1 38  ? 9.554   -6.676  -6.206  1.00 21.63 ? 38  HIS X O     1 
ATOM   303  C CB    . HIS A 1 38  ? 9.578   -3.370  -7.692  1.00 24.34 ? 38  HIS X CB    1 
ATOM   304  C CG    . HIS A 1 38  ? 9.769   -2.735  -9.031  1.00 24.49 ? 38  HIS X CG    1 
ATOM   305  N ND1   . HIS A 1 38  ? 11.012  -2.391  -9.519  1.00 27.00 ? 38  HIS X ND1   1 
ATOM   306  C CD2   . HIS A 1 38  ? 8.879   -2.403  -9.997  1.00 28.02 ? 38  HIS X CD2   1 
ATOM   307  C CE1   . HIS A 1 38  ? 10.877  -1.858  -10.721 1.00 29.14 ? 38  HIS X CE1   1 
ATOM   308  N NE2   . HIS A 1 38  ? 9.592   -1.849  -11.033 1.00 24.89 ? 38  HIS X NE2   1 
ATOM   309  N N     . THR A 1 39  ? 9.709   -4.658  -5.227  1.00 20.81 ? 39  THR X N     1 
ATOM   310  C CA    . THR A 1 39  ? 9.580   -5.172  -3.868  1.00 20.94 ? 39  THR X CA    1 
ATOM   311  C C     . THR A 1 39  ? 8.370   -4.566  -3.171  1.00 26.18 ? 39  THR X C     1 
ATOM   312  O O     . THR A 1 39  ? 8.160   -3.349  -3.235  1.00 21.45 ? 39  THR X O     1 
ATOM   313  C CB    . THR A 1 39  ? 10.846  -4.881  -3.052  1.00 25.27 ? 39  THR X CB    1 
ATOM   314  O OG1   . THR A 1 39  ? 11.967  -5.535  -3.658  1.00 26.86 ? 39  THR X OG1   1 
ATOM   315  C CG2   . THR A 1 39  ? 10.690  -5.380  -1.611  1.00 22.44 ? 39  THR X CG2   1 
ATOM   316  N N     . LEU A 1 40  ? 7.581   -5.424  -2.510  1.00 20.30 ? 40  LEU X N     1 
ATOM   317  C CA    . LEU A 1 40  ? 6.548   -5.021  -1.557  1.00 16.53 ? 40  LEU X CA    1 
ATOM   318  C C     . LEU A 1 40  ? 7.017   -5.342  -0.140  1.00 26.49 ? 40  LEU X C     1 
ATOM   319  O O     . LEU A 1 40  ? 7.493   -6.456  0.126   1.00 23.55 ? 40  LEU X O     1 
ATOM   320  C CB    . LEU A 1 40  ? 5.227   -5.741  -1.819  1.00 19.08 ? 40  LEU X CB    1 
ATOM   321  C CG    . LEU A 1 40  ? 4.484   -5.530  -3.137  1.00 15.66 ? 40  LEU X CG    1 
ATOM   322  C CD1   . LEU A 1 40  ? 3.213   -6.357  -3.131  1.00 21.55 ? 40  LEU X CD1   1 
ATOM   323  C CD2   . LEU A 1 40  ? 4.169   -4.058  -3.343  1.00 15.97 ? 40  LEU X CD2   1 
ATOM   324  N N     . VAL A 1 41  ? 6.869   -4.374  0.762   1.00 19.43 ? 41  VAL X N     1 
ATOM   325  C CA    . VAL A 1 41  ? 7.133   -4.547  2.191   1.00 20.82 ? 41  VAL X CA    1 
ATOM   326  C C     . VAL A 1 41  ? 5.807   -4.334  2.907   1.00 20.48 ? 41  VAL X C     1 
ATOM   327  O O     . VAL A 1 41  ? 5.154   -3.298  2.721   1.00 20.22 ? 41  VAL X O     1 
ATOM   328  C CB    . VAL A 1 41  ? 8.202   -3.563  2.705   1.00 17.69 ? 41  VAL X CB    1 
ATOM   329  C CG1   . VAL A 1 41  ? 8.361   -3.645  4.239   1.00 23.41 ? 41  VAL X CG1   1 
ATOM   330  C CG2   . VAL A 1 41  ? 9.510   -3.780  2.006   1.00 17.31 ? 41  VAL X CG2   1 
ATOM   331  N N     . MET A 1 42  ? 5.396   -5.306  3.711   1.00 16.61 ? 42  MET X N     1 
ATOM   332  C CA    . MET A 1 42  ? 4.128   -5.181  4.406   1.00 14.06 ? 42  MET X CA    1 
ATOM   333  C C     . MET A 1 42  ? 4.244   -5.692  5.835   1.00 17.61 ? 42  MET X C     1 
ATOM   334  O O     . MET A 1 42  ? 5.066   -6.559  6.135   1.00 16.35 ? 42  MET X O     1 
ATOM   335  C CB    . MET A 1 42  ? 3.034   -5.948  3.665   1.00 18.56 ? 42  MET X CB    1 
ATOM   336  C CG    . MET A 1 42  ? 3.282   -7.463  3.641   1.00 17.63 ? 42  MET X CG    1 
ATOM   337  S SD    . MET A 1 42  ? 2.275   -8.261  2.392   1.00 24.25 ? 42  MET X SD    1 
ATOM   338  C CE    . MET A 1 42  ? 3.269   -8.052  0.914   1.00 17.39 ? 42  MET X CE    1 
ATOM   339  N N     . GLY A 1 43  ? 3.391   -5.160  6.711   1.00 19.19 ? 43  GLY X N     1 
ATOM   340  C CA    . GLY A 1 43  ? 3.276   -5.712  8.047   1.00 18.42 ? 43  GLY X CA    1 
ATOM   341  C C     . GLY A 1 43  ? 2.675   -7.107  8.039   1.00 17.88 ? 43  GLY X C     1 
ATOM   342  O O     . GLY A 1 43  ? 2.096   -7.569  7.054   1.00 14.97 ? 43  GLY X O     1 
ATOM   343  N N     . ARG A 1 44  ? 2.821   -7.782  9.183   1.00 19.52 ? 44  ARG X N     1 
ATOM   344  C CA    . ARG A 1 44  ? 2.377   -9.168  9.308   1.00 16.56 ? 44  ARG X CA    1 
ATOM   345  C C     . ARG A 1 44  ? 0.888   -9.319  9.044   1.00 19.34 ? 44  ARG X C     1 
ATOM   346  O O     . ARG A 1 44  ? 0.463   -10.286 8.400   1.00 17.41 ? 44  ARG X O     1 
ATOM   347  C CB    . ARG A 1 44  ? 2.711   -9.706  10.701  1.00 16.83 ? 44  ARG X CB    1 
ATOM   348  C CG    . ARG A 1 44  ? 2.411   -11.207 10.862  1.00 20.36 ? 44  ARG X CG    1 
ATOM   349  C CD    . ARG A 1 44  ? 1.102   -11.423 11.622  1.00 25.30 ? 44  ARG X CD    1 
ATOM   350  N NE    . ARG A 1 44  ? 1.112   -10.740 12.916  1.00 24.91 ? 44  ARG X NE    1 
ATOM   351  C CZ    . ARG A 1 44  ? 0.060   -10.641 13.723  1.00 22.28 ? 44  ARG X CZ    1 
ATOM   352  N NH1   . ARG A 1 44  ? -1.098  -11.178 13.358  1.00 26.63 ? 44  ARG X NH1   1 
ATOM   353  N NH2   . ARG A 1 44  ? 0.165   -10.012 14.894  1.00 18.56 ? 44  ARG X NH2   1 
ATOM   354  N N     . LYS A 1 45  ? 0.071   -8.390  9.557   1.00 18.44 ? 45  LYS X N     1 
ATOM   355  C CA    . LYS A 1 45  ? -1.378  -8.529  9.416   1.00 18.96 ? 45  LYS X CA    1 
ATOM   356  C C     . LYS A 1 45  ? -1.831  -8.271  7.980   1.00 15.41 ? 45  LYS X C     1 
ATOM   357  O O     . LYS A 1 45  ? -2.775  -8.910  7.491   1.00 18.15 ? 45  LYS X O     1 
ATOM   358  C CB    . LYS A 1 45  ? -2.080  -7.587  10.393  1.00 20.56 ? 45  LYS X CB    1 
ATOM   359  C CG    . LYS A 1 45  ? -1.943  -8.023  11.857  1.00 22.94 ? 45  LYS X CG    1 
ATOM   360  C CD    . LYS A 1 45  ? -2.279  -6.885  12.815  1.00 20.27 ? 45  LYS X CD    1 
ATOM   361  C CE    . LYS A 1 45  ? -2.626  -7.422  14.197  1.00 24.31 ? 45  LYS X CE    1 
ATOM   362  N NZ    . LYS A 1 45  ? -2.988  -6.300  15.117  1.00 29.50 ? 45  LYS X NZ    1 
ATOM   363  N N     . THR A 1 46  ? -1.194  -7.313  7.300   1.00 18.37 ? 46  THR X N     1 
ATOM   364  C CA    . THR A 1 46  ? -1.435  -7.143  5.873   1.00 17.64 ? 46  THR X CA    1 
ATOM   365  C C     . THR A 1 46  ? -1.138  -8.436  5.129   1.00 19.77 ? 46  THR X C     1 
ATOM   366  O O     . THR A 1 46  ? -1.925  -8.880  4.286   1.00 22.11 ? 46  THR X O     1 
ATOM   367  C CB    . THR A 1 46  ? -0.588  -6.000  5.312   1.00 15.64 ? 46  THR X CB    1 
ATOM   368  O OG1   . THR A 1 46  ? -0.949  -4.774  5.959   1.00 18.27 ? 46  THR X OG1   1 
ATOM   369  C CG2   . THR A 1 46  ? -0.833  -5.849  3.804   1.00 20.56 ? 46  THR X CG2   1 
ATOM   370  N N     . PHE A 1 47  ? -0.008  -9.068  5.439   1.00 17.81 ? 47  PHE X N     1 
ATOM   371  C CA    . PHE A 1 47  ? 0.315   -10.296 4.732   1.00 22.11 ? 47  PHE X CA    1 
ATOM   372  C C     . PHE A 1 47  ? -0.745  -11.360 4.978   1.00 23.09 ? 47  PHE X C     1 
ATOM   373  O O     . PHE A 1 47  ? -1.209  -12.015 4.037   1.00 21.05 ? 47  PHE X O     1 
ATOM   374  C CB    . PHE A 1 47  ? 1.677   -10.848 5.121   1.00 18.37 ? 47  PHE X CB    1 
ATOM   375  C CG    . PHE A 1 47  ? 1.918   -12.203 4.520   1.00 22.91 ? 47  PHE X CG    1 
ATOM   376  C CD1   . PHE A 1 47  ? 1.914   -13.345 5.309   1.00 22.68 ? 47  PHE X CD1   1 
ATOM   377  C CD2   . PHE A 1 47  ? 2.036   -12.342 3.139   1.00 25.83 ? 47  PHE X CD2   1 
ATOM   378  C CE1   . PHE A 1 47  ? 2.084   -14.592 4.746   1.00 25.32 ? 47  PHE X CE1   1 
ATOM   379  C CE2   . PHE A 1 47  ? 2.210   -13.589 2.565   1.00 22.83 ? 47  PHE X CE2   1 
ATOM   380  C CZ    . PHE A 1 47  ? 2.232   -14.720 3.371   1.00 27.15 ? 47  PHE X CZ    1 
ATOM   381  N N     . GLU A 1 48  ? -1.142  -11.543 6.241   1.00 18.93 ? 48  GLU X N     1 
ATOM   382  C CA    . GLU A 1 48  ? -2.146  -12.558 6.549   1.00 25.01 ? 48  GLU X CA    1 
ATOM   383  C C     . GLU A 1 48  ? -3.472  -12.270 5.855   1.00 22.83 ? 48  GLU X C     1 
ATOM   384  O O     . GLU A 1 48  ? -4.222  -13.200 5.542   1.00 28.15 ? 48  GLU X O     1 
ATOM   385  C CB    . GLU A 1 48  ? -2.367  -12.652 8.059   1.00 29.14 ? 48  GLU X CB    1 
ATOM   386  C CG    . GLU A 1 48  ? -1.117  -12.881 8.868   1.00 28.22 ? 48  GLU X CG    1 
ATOM   387  C CD    . GLU A 1 48  ? -0.682  -14.304 8.881   1.00 35.19 ? 48  GLU X CD    1 
ATOM   388  O OE1   . GLU A 1 48  ? -1.204  -15.097 8.069   1.00 41.36 ? 48  GLU X OE1   1 
ATOM   389  O OE2   . GLU A 1 48  ? 0.175   -14.638 9.731   1.00 42.52 ? 48  GLU X OE2   1 
ATOM   390  N N     . SER A 1 49  ? -3.780  -10.997 5.607   1.00 24.01 ? 49  SER X N     1 
ATOM   391  C CA    . SER A 1 49  ? -5.032  -10.673 4.942   1.00 20.81 ? 49  SER X CA    1 
ATOM   392  C C     . SER A 1 49  ? -5.000  -11.055 3.475   1.00 30.94 ? 49  SER X C     1 
ATOM   393  O O     . SER A 1 49  ? -6.047  -11.402 2.908   1.00 30.16 ? 49  SER X O     1 
ATOM   394  C CB    . SER A 1 49  ? -5.335  -9.188  5.084   1.00 25.56 ? 49  SER X CB    1 
ATOM   395  O OG    . SER A 1 49  ? -4.376  -8.426  4.385   1.00 25.40 ? 49  SER X OG    1 
ATOM   396  N N     . ILE A 1 50  ? -3.827  -10.982 2.837   1.00 28.63 ? 50  ILE X N     1 
ATOM   397  C CA    A ILE A 1 50  ? -3.689  -11.394 1.437   0.70 27.33 ? 50  ILE X CA    1 
ATOM   398  C CA    B ILE A 1 50  ? -3.779  -11.391 1.442   0.30 27.33 ? 50  ILE X CA    1 
ATOM   399  C C     . ILE A 1 50  ? -3.736  -12.915 1.326   1.00 32.07 ? 50  ILE X C     1 
ATOM   400  O O     . ILE A 1 50  ? -4.341  -13.479 0.407   1.00 38.40 ? 50  ILE X O     1 
ATOM   401  C CB    A ILE A 1 50  ? -2.380  -10.843 0.837   0.70 23.93 ? 50  ILE X CB    1 
ATOM   402  C CB    B ILE A 1 50  ? -2.617  -10.700 0.699   0.30 24.75 ? 50  ILE X CB    1 
ATOM   403  C CG1   A ILE A 1 50  ? -2.286  -9.326  0.957   0.70 24.70 ? 50  ILE X CG1   1 
ATOM   404  C CG1   B ILE A 1 50  ? -1.252  -11.247 1.104   0.30 25.15 ? 50  ILE X CG1   1 
ATOM   405  C CG2   A ILE A 1 50  ? -2.236  -11.252 -0.621  0.70 25.44 ? 50  ILE X CG2   1 
ATOM   406  C CG2   B ILE A 1 50  ? -2.658  -9.203  0.948   0.30 24.68 ? 50  ILE X CG2   1 
ATOM   407  C CD1   A ILE A 1 50  ? -0.919  -8.798  0.505   0.70 21.91 ? 50  ILE X CD1   1 
ATOM   408  C CD1   B ILE A 1 50  ? -0.096  -10.433 0.550   0.30 23.98 ? 50  ILE X CD1   1 
ATOM   409  N N     . GLY A 1 51  ? -3.071  -13.606 2.257   1.00 26.86 ? 51  GLY X N     1 
ATOM   410  C CA    . GLY A 1 51  ? -3.094  -15.057 2.295   1.00 31.00 ? 51  GLY X CA    1 
ATOM   411  C C     . GLY A 1 51  ? -1.825  -15.714 1.802   1.00 31.51 ? 51  GLY X C     1 
ATOM   412  O O     . GLY A 1 51  ? -1.331  -16.675 2.400   1.00 29.00 ? 51  GLY X O     1 
ATOM   413  N N     . LYS A 1 52  ? -1.291  -15.202 0.701   1.00 33.10 ? 52  LYS X N     1 
ATOM   414  C CA    . LYS A 1 52  ? -0.105  -15.756 0.062   1.00 32.50 ? 52  LYS X CA    1 
ATOM   415  C C     . LYS A 1 52  ? 0.623   -14.616 -0.634  1.00 27.26 ? 52  LYS X C     1 
ATOM   416  O O     . LYS A 1 52  ? 0.033   -13.555 -0.868  1.00 27.82 ? 52  LYS X O     1 
ATOM   417  C CB    . LYS A 1 52  ? -0.472  -16.871 -0.933  1.00 34.30 ? 52  LYS X CB    1 
ATOM   418  C CG    . LYS A 1 52  ? -1.099  -18.128 -0.300  0.58 41.62 ? 52  LYS X CG    1 
ATOM   419  C CD    . LYS A 1 52  ? -0.034  -19.112 0.187   0.88 40.40 ? 52  LYS X CD    1 
ATOM   420  C CE    . LYS A 1 52  ? -0.618  -20.479 0.566   1.00 45.62 ? 52  LYS X CE    1 
ATOM   421  N NZ    . LYS A 1 52  ? -0.877  -20.622 2.036   1.00 51.26 ? 52  LYS X NZ    1 
ATOM   422  N N     . PRO A 1 53  ? 1.913   -14.776 -0.948  1.00 28.80 ? 53  PRO X N     1 
ATOM   423  C CA    . PRO A 1 53  ? 2.637   -13.695 -1.634  1.00 22.22 ? 53  PRO X CA    1 
ATOM   424  C C     . PRO A 1 53  ? 2.013   -13.339 -2.978  1.00 23.87 ? 53  PRO X C     1 
ATOM   425  O O     . PRO A 1 53  ? 1.359   -14.156 -3.626  1.00 21.30 ? 53  PRO X O     1 
ATOM   426  C CB    . PRO A 1 53  ? 4.054   -14.262 -1.817  1.00 26.25 ? 53  PRO X CB    1 
ATOM   427  C CG    . PRO A 1 53  ? 3.952   -15.738 -1.538  1.00 26.42 ? 53  PRO X CG    1 
ATOM   428  C CD    . PRO A 1 53  ? 2.804   -15.890 -0.586  1.00 29.03 ? 53  PRO X CD    1 
ATOM   429  N N     . LEU A 1 54  ? 2.224   -12.105 -3.391  1.00 26.49 ? 54  LEU X N     1 
ATOM   430  C CA    . LEU A 1 54  ? 1.748   -11.705 -4.705  1.00 22.79 ? 54  LEU X CA    1 
ATOM   431  C C     . LEU A 1 54  ? 2.778   -12.090 -5.766  1.00 17.96 ? 54  LEU X C     1 
ATOM   432  O O     . LEU A 1 54  ? 3.980   -11.962 -5.537  1.00 21.68 ? 54  LEU X O     1 
ATOM   433  C CB    . LEU A 1 54  ? 1.492   -10.198 -4.743  1.00 22.87 ? 54  LEU X CB    1 
ATOM   434  C CG    . LEU A 1 54  ? 0.302   -9.708  -3.909  1.00 21.71 ? 54  LEU X CG    1 
ATOM   435  C CD1   . LEU A 1 54  ? 0.275   -8.188  -3.866  1.00 26.55 ? 54  LEU X CD1   1 
ATOM   436  C CD2   . LEU A 1 54  ? -0.997  -10.226 -4.476  1.00 28.45 ? 54  LEU X CD2   1 
ATOM   437  N N     . PRO A 1 55  ? 2.333   -12.527 -6.940  1.00 24.12 ? 55  PRO X N     1 
ATOM   438  C CA    . PRO A 1 55  ? 3.263   -13.133 -7.901  1.00 24.88 ? 55  PRO X CA    1 
ATOM   439  C C     . PRO A 1 55  ? 4.184   -12.120 -8.551  1.00 25.89 ? 55  PRO X C     1 
ATOM   440  O O     . PRO A 1 55  ? 3.851   -10.939 -8.700  1.00 26.08 ? 55  PRO X O     1 
ATOM   441  C CB    . PRO A 1 55  ? 2.331   -13.770 -8.942  1.00 24.47 ? 55  PRO X CB    1 
ATOM   442  C CG    . PRO A 1 55  ? 0.968   -13.817 -8.291  1.00 24.17 ? 55  PRO X CG    1 
ATOM   443  C CD    . PRO A 1 55  ? 0.935   -12.619 -7.396  1.00 23.36 ? 55  PRO X CD    1 
ATOM   444  N N     . ASN A 1 56  ? 5.362   -12.615 -8.935  1.00 23.20 ? 56  ASN X N     1 
ATOM   445  C CA    . ASN A 1 56  ? 6.292   -11.938 -9.845  1.00 26.81 ? 56  ASN X CA    1 
ATOM   446  C C     . ASN A 1 56  ? 6.852   -10.656 -9.253  1.00 28.76 ? 56  ASN X C     1 
ATOM   447  O O     . ASN A 1 56  ? 7.150   -9.701  -9.976  1.00 28.21 ? 56  ASN X O     1 
ATOM   448  C CB    . ASN A 1 56  ? 5.646   -11.663 -11.209 1.00 28.84 ? 56  ASN X CB    1 
ATOM   449  C CG    . ASN A 1 56  ? 5.144   -12.930 -11.876 1.00 28.47 ? 56  ASN X CG    1 
ATOM   450  O OD1   . ASN A 1 56  ? 3.997   -13.006 -12.298 1.00 27.64 ? 56  ASN X OD1   1 
ATOM   451  N ND2   . ASN A 1 56  ? 6.001   -13.938 -11.950 1.00 29.96 ? 56  ASN X ND2   1 
ATOM   452  N N     . ARG A 1 57  ? 7.020   -10.642 -7.936  1.00 27.98 ? 57  ARG X N     1 
ATOM   453  C CA    . ARG A 1 57  ? 7.697   -9.554  -7.252  1.00 22.67 ? 57  ARG X CA    1 
ATOM   454  C C     . ARG A 1 57  ? 8.173   -10.096 -5.921  1.00 25.61 ? 57  ARG X C     1 
ATOM   455  O O     . ARG A 1 57  ? 7.709   -11.139 -5.458  1.00 20.83 ? 57  ARG X O     1 
ATOM   456  C CB    . ARG A 1 57  ? 6.784   -8.337  -7.049  1.00 23.75 ? 57  ARG X CB    1 
ATOM   457  C CG    . ARG A 1 57  ? 5.651   -8.557  -6.053  1.00 20.07 ? 57  ARG X CG    1 
ATOM   458  C CD    . ARG A 1 57  ? 4.420   -7.784  -6.502  1.00 24.77 ? 57  ARG X CD    1 
ATOM   459  N NE    . ARG A 1 57  ? 3.620   -8.536  -7.464  1.00 25.66 ? 57  ARG X NE    1 
ATOM   460  C CZ    . ARG A 1 57  ? 2.339   -8.285  -7.719  1.00 26.07 ? 57  ARG X CZ    1 
ATOM   461  N NH1   . ARG A 1 57  ? 1.723   -7.275  -7.109  1.00 22.32 ? 57  ARG X NH1   1 
ATOM   462  N NH2   . ARG A 1 57  ? 1.674   -9.035  -8.581  1.00 22.01 ? 57  ARG X NH2   1 
ATOM   463  N N     . ARG A 1 58  ? 9.104   -9.374  -5.311  1.00 25.95 ? 58  ARG X N     1 
ATOM   464  C CA    . ARG A 1 58  ? 9.592   -9.743  -3.993  1.00 19.84 ? 58  ARG X CA    1 
ATOM   465  C C     . ARG A 1 58  ? 8.599   -9.313  -2.912  1.00 22.90 ? 58  ARG X C     1 
ATOM   466  O O     . ARG A 1 58  ? 8.182   -8.152  -2.875  1.00 24.28 ? 58  ARG X O     1 
ATOM   467  C CB    . ARG A 1 58  ? 10.954  -9.104  -3.744  1.00 22.91 ? 58  ARG X CB    1 
ATOM   468  C CG    . ARG A 1 58  ? 11.635  -9.637  -2.517  1.00 22.25 ? 58  ARG X CG    1 
ATOM   469  C CD    . ARG A 1 58  ? 12.901  -8.861  -2.217  1.00 27.25 ? 58  ARG X CD    1 
ATOM   470  N NE    . ARG A 1 58  ? 13.642  -9.485  -1.129  1.00 28.30 ? 58  ARG X NE    1 
ATOM   471  C CZ    . ARG A 1 58  ? 14.882  -9.163  -0.786  1.00 29.19 ? 58  ARG X CZ    1 
ATOM   472  N NH1   . ARG A 1 58  ? 15.528  -8.221  -1.445  1.00 29.97 ? 58  ARG X NH1   1 
ATOM   473  N NH2   . ARG A 1 58  ? 15.473  -9.786  0.222   1.00 35.17 ? 58  ARG X NH2   1 
ATOM   474  N N     . ASN A 1 59  ? 8.249   -10.259 -2.014  1.00 24.73 ? 59  ASN X N     1 
ATOM   475  C CA    . ASN A 1 59  ? 7.328   -10.063 -0.891  1.00 23.11 ? 59  ASN X CA    1 
ATOM   476  C C     . ASN A 1 59  ? 8.105   -10.083 0.420   1.00 25.87 ? 59  ASN X C     1 
ATOM   477  O O     . ASN A 1 59  ? 8.546   -11.152 0.865   1.00 22.78 ? 59  ASN X O     1 
ATOM   478  C CB    . ASN A 1 59  ? 6.257   -11.155 -0.863  1.00 22.01 ? 59  ASN X CB    1 
ATOM   479  C CG    . ASN A 1 59  ? 5.238   -11.007 -1.972  1.00 22.79 ? 59  ASN X CG    1 
ATOM   480  O OD1   . ASN A 1 59  ? 4.053   -10.768 -1.715  1.00 21.78 ? 59  ASN X OD1   1 
ATOM   481  N ND2   . ASN A 1 59  ? 5.690   -11.153 -3.216  1.00 23.01 ? 59  ASN X ND2   1 
ATOM   482  N N     . VAL A 1 60  ? 8.229   -8.916  1.063   1.00 21.27 ? 60  VAL X N     1 
ATOM   483  C CA    . VAL A 1 60  ? 8.924   -8.772  2.340   1.00 21.25 ? 60  VAL X CA    1 
ATOM   484  C C     . VAL A 1 60  ? 7.903   -8.488  3.436   1.00 24.27 ? 60  VAL X C     1 
ATOM   485  O O     . VAL A 1 60  ? 7.104   -7.549  3.323   1.00 18.20 ? 60  VAL X O     1 
ATOM   486  C CB    . VAL A 1 60  ? 9.982   -7.662  2.282   1.00 19.53 ? 60  VAL X CB    1 
ATOM   487  C CG1   . VAL A 1 60  ? 10.685  -7.525  3.640   1.00 21.53 ? 60  VAL X CG1   1 
ATOM   488  C CG2   . VAL A 1 60  ? 10.976  -7.942  1.159   1.00 21.98 ? 60  VAL X CG2   1 
ATOM   489  N N     . VAL A 1 61  ? 7.935   -9.292  4.501   1.00 21.09 ? 61  VAL X N     1 
ATOM   490  C CA    . VAL A 1 61  ? 7.014   -9.169  5.629   1.00 14.68 ? 61  VAL X CA    1 
ATOM   491  C C     . VAL A 1 61  ? 7.805   -8.761  6.874   1.00 18.36 ? 61  VAL X C     1 
ATOM   492  O O     . VAL A 1 61  ? 8.823   -9.374  7.210   1.00 21.53 ? 61  VAL X O     1 
ATOM   493  C CB    . VAL A 1 61  ? 6.231   -10.476 5.849   1.00 20.74 ? 61  VAL X CB    1 
ATOM   494  C CG1   . VAL A 1 61  ? 5.611   -10.548 7.237   1.00 20.39 ? 61  VAL X CG1   1 
ATOM   495  C CG2   . VAL A 1 61  ? 5.155   -10.627 4.793   1.00 19.77 ? 61  VAL X CG2   1 
ATOM   496  N N     . LEU A 1 62  ? 7.338   -7.712  7.535   1.00 19.87 ? 62  LEU X N     1 
ATOM   497  C CA    . LEU A 1 62  ? 7.909   -7.214  8.778   1.00 20.56 ? 62  LEU X CA    1 
ATOM   498  C C     . LEU A 1 62  ? 7.100   -7.788  9.934   1.00 19.95 ? 62  LEU X C     1 
ATOM   499  O O     . LEU A 1 62  ? 5.868   -7.640  9.972   1.00 19.83 ? 62  LEU X O     1 
ATOM   500  C CB    . LEU A 1 62  ? 7.892   -5.682  8.797   1.00 21.26 ? 62  LEU X CB    1 
ATOM   501  C CG    . LEU A 1 62  ? 8.408   -4.890  9.993   1.00 22.39 ? 62  LEU X CG    1 
ATOM   502  C CD1   . LEU A 1 62  ? 9.837   -5.285  10.357  1.00 20.98 ? 62  LEU X CD1   1 
ATOM   503  C CD2   . LEU A 1 62  ? 8.313   -3.400  9.706   1.00 23.49 ? 62  LEU X CD2   1 
ATOM   504  N N     . THR A 1 63  ? 7.788   -8.476  10.848  1.00 19.21 ? 63  THR X N     1 
ATOM   505  C CA    . THR A 1 63  ? 7.159   -9.122  11.993  1.00 20.04 ? 63  THR X CA    1 
ATOM   506  C C     . THR A 1 63  ? 8.214   -9.300  13.071  1.00 24.32 ? 63  THR X C     1 
ATOM   507  O O     . THR A 1 63  ? 9.395   -9.480  12.764  1.00 23.73 ? 63  THR X O     1 
ATOM   508  C CB    . THR A 1 63  ? 6.532   -10.488 11.620  1.00 19.04 ? 63  THR X CB    1 
ATOM   509  O OG1   . THR A 1 63  ? 6.112   -11.169 12.811  1.00 27.09 ? 63  THR X OG1   1 
ATOM   510  C CG2   . THR A 1 63  ? 7.510   -11.366 10.874  1.00 21.21 ? 63  THR X CG2   1 
ATOM   511  N N     . SER A 1 64  ? 7.788   -9.232  14.335  1.00 24.84 ? 64  SER X N     1 
ATOM   512  C CA    . SER A 1 64  ? 8.713   -9.600  15.400  1.00 25.46 ? 64  SER X CA    1 
ATOM   513  C C     . SER A 1 64  ? 8.808   -11.114 15.589  1.00 28.34 ? 64  SER X C     1 
ATOM   514  O O     . SER A 1 64  ? 9.691   -11.575 16.315  1.00 33.04 ? 64  SER X O     1 
ATOM   515  C CB    . SER A 1 64  ? 8.330   -8.910  16.719  1.00 21.51 ? 64  SER X CB    1 
ATOM   516  O OG    . SER A 1 64  ? 7.051   -9.317  17.194  1.00 23.56 ? 64  SER X OG    1 
ATOM   517  N N     . ASP A 1 65  ? 7.961   -11.891 14.913  1.00 28.07 ? 65  ASP X N     1 
ATOM   518  C CA    . ASP A 1 65  ? 7.904   -13.347 15.086  1.00 28.14 ? 65  ASP X CA    1 
ATOM   519  C C     . ASP A 1 65  ? 9.125   -14.010 14.443  1.00 29.59 ? 65  ASP X C     1 
ATOM   520  O O     . ASP A 1 65  ? 9.248   -14.049 13.215  1.00 24.46 ? 65  ASP X O     1 
ATOM   521  C CB    . ASP A 1 65  ? 6.599   -13.868 14.484  1.00 25.36 ? 65  ASP X CB    1 
ATOM   522  C CG    . ASP A 1 65  ? 6.288   -15.328 14.864  1.00 32.82 ? 65  ASP X CG    1 
ATOM   523  O OD1   . ASP A 1 65  ? 5.194   -15.805 14.481  1.00 26.79 ? 65  ASP X OD1   1 
ATOM   524  O OD2   . ASP A 1 65  ? 7.119   -15.998 15.521  1.00 25.27 ? 65  ASP X OD2   1 
ATOM   525  N N     . THR A 1 66  ? 10.029  -14.546 15.270  1.00 31.87 ? 66  THR X N     1 
ATOM   526  C CA    . THR A 1 66  ? 11.218  -15.215 14.744  1.00 29.84 ? 66  THR X CA    1 
ATOM   527  C C     . THR A 1 66  ? 10.916  -16.596 14.177  1.00 31.59 ? 66  THR X C     1 
ATOM   528  O O     . THR A 1 66  ? 11.786  -17.179 13.522  1.00 32.86 ? 66  THR X O     1 
ATOM   529  C CB    . THR A 1 66  ? 12.292  -15.342 15.823  1.00 29.43 ? 66  THR X CB    1 
ATOM   530  O OG1   . THR A 1 66  ? 11.844  -16.254 16.832  1.00 36.08 ? 66  THR X OG1   1 
ATOM   531  C CG2   . THR A 1 66  ? 12.581  -13.986 16.447  1.00 34.88 ? 66  THR X CG2   1 
ATOM   532  N N     . SER A 1 67  ? 9.720   -17.123 14.401  1.00 26.77 ? 67  SER X N     1 
ATOM   533  C CA    . SER A 1 67  ? 9.295   -18.364 13.764  1.00 29.10 ? 67  SER X CA    1 
ATOM   534  C C     . SER A 1 67  ? 8.617   -18.136 12.422  1.00 26.67 ? 67  SER X C     1 
ATOM   535  O O     . SER A 1 67  ? 8.253   -19.105 11.748  1.00 26.78 ? 67  SER X O     1 
ATOM   536  C CB    . SER A 1 67  ? 8.342   -19.136 14.688  1.00 28.48 ? 67  SER X CB    1 
ATOM   537  O OG    . SER A 1 67  ? 9.023   -19.589 15.841  1.00 29.64 ? 67  SER X OG    1 
ATOM   538  N N     . PHE A 1 68  ? 8.427   -16.887 12.017  1.00 30.29 ? 68  PHE X N     1 
ATOM   539  C CA    . PHE A 1 68  ? 7.703   -16.624 10.784  1.00 25.16 ? 68  PHE X CA    1 
ATOM   540  C C     . PHE A 1 68  ? 8.521   -17.085 9.592   1.00 25.33 ? 68  PHE X C     1 
ATOM   541  O O     . PHE A 1 68  ? 9.702   -16.755 9.456   1.00 31.27 ? 68  PHE X O     1 
ATOM   542  C CB    . PHE A 1 68  ? 7.372   -15.144 10.655  1.00 30.95 ? 68  PHE X CB    1 
ATOM   543  C CG    . PHE A 1 68  ? 6.398   -14.837 9.558   1.00 29.26 ? 68  PHE X CG    1 
ATOM   544  C CD1   . PHE A 1 68  ? 5.036   -14.815 9.811   1.00 34.79 ? 68  PHE X CD1   1 
ATOM   545  C CD2   . PHE A 1 68  ? 6.840   -14.551 8.278   1.00 31.35 ? 68  PHE X CD2   1 
ATOM   546  C CE1   . PHE A 1 68  ? 4.138   -14.519 8.808   1.00 31.71 ? 68  PHE X CE1   1 
ATOM   547  C CE2   . PHE A 1 68  ? 5.941   -14.252 7.269   1.00 27.45 ? 68  PHE X CE2   1 
ATOM   548  C CZ    . PHE A 1 68  ? 4.594   -14.233 7.536   1.00 21.93 ? 68  PHE X CZ    1 
ATOM   549  N N     . ASN A 1 69  ? 7.878   -17.837 8.721   1.00 29.44 ? 69  ASN X N     1 
ATOM   550  C CA    . ASN A 1 69  ? 8.568   -18.487 7.625   1.00 36.49 ? 69  ASN X CA    1 
ATOM   551  C C     . ASN A 1 69  ? 7.522   -18.938 6.623   1.00 42.02 ? 69  ASN X C     1 
ATOM   552  O O     . ASN A 1 69  ? 6.637   -19.736 6.957   1.00 48.10 ? 69  ASN X O     1 
ATOM   553  C CB    . ASN A 1 69  ? 9.395   -19.656 8.152   1.00 41.51 ? 69  ASN X CB    1 
ATOM   554  C CG    . ASN A 1 69  ? 10.300  -20.242 7.111   1.00 48.54 ? 69  ASN X CG    1 
ATOM   555  O OD1   . ASN A 1 69  ? 9.868   -21.071 6.316   1.00 50.94 ? 69  ASN X OD1   1 
ATOM   556  N ND2   . ASN A 1 69  ? 11.569  -19.831 7.112   1.00 42.94 ? 69  ASN X ND2   1 
ATOM   557  N N     . VAL A 1 70  ? 7.571   -18.392 5.413   1.00 37.81 ? 70  VAL X N     1 
ATOM   558  C CA    . VAL A 1 70  ? 6.584   -18.693 4.387   1.00 32.67 ? 70  VAL X CA    1 
ATOM   559  C C     . VAL A 1 70  ? 7.321   -18.829 3.065   1.00 34.56 ? 70  VAL X C     1 
ATOM   560  O O     . VAL A 1 70  ? 8.134   -17.968 2.712   1.00 33.43 ? 70  VAL X O     1 
ATOM   561  C CB    . VAL A 1 70  ? 5.492   -17.606 4.299   1.00 37.62 ? 70  VAL X CB    1 
ATOM   562  C CG1   . VAL A 1 70  ? 4.512   -17.921 3.183   1.00 34.93 ? 70  VAL X CG1   1 
ATOM   563  C CG2   . VAL A 1 70  ? 4.757   -17.446 5.647   1.00 29.39 ? 70  VAL X CG2   1 
ATOM   564  N N     . GLU A 1 71  ? 7.072   -19.924 2.354   1.00 33.99 ? 71  GLU X N     1 
ATOM   565  C CA    . GLU A 1 71  ? 7.633   -20.086 1.022   1.00 34.53 ? 71  GLU X CA    1 
ATOM   566  C C     . GLU A 1 71  ? 7.201   -18.924 0.130   1.00 31.37 ? 71  GLU X C     1 
ATOM   567  O O     . GLU A 1 71  ? 6.002   -18.681 -0.054  1.00 31.72 ? 71  GLU X O     1 
ATOM   568  C CB    . GLU A 1 71  ? 7.183   -21.421 0.431   1.00 36.14 ? 71  GLU X CB    1 
ATOM   569  C CG    . GLU A 1 71  ? 7.585   -21.624 -1.013  1.00 44.70 ? 71  GLU X CG    1 
ATOM   570  C CD    . GLU A 1 71  ? 6.777   -22.714 -1.698  1.00 56.08 ? 71  GLU X CD    1 
ATOM   571  O OE1   . GLU A 1 71  ? 5.556   -22.822 -1.429  1.00 48.70 ? 71  GLU X OE1   1 
ATOM   572  O OE2   . GLU A 1 71  ? 7.370   -23.461 -2.509  1.00 58.32 ? 71  GLU X OE2   1 
ATOM   573  N N     . GLY A 1 72  ? 8.175   -18.195 -0.404  1.00 29.94 ? 72  GLY X N     1 
ATOM   574  C CA    . GLY A 1 72  ? 7.908   -17.059 -1.263  1.00 32.30 ? 72  GLY X CA    1 
ATOM   575  C C     . GLY A 1 72  ? 7.932   -15.715 -0.574  1.00 35.58 ? 72  GLY X C     1 
ATOM   576  O O     . GLY A 1 72  ? 7.580   -14.706 -1.198  1.00 32.84 ? 72  GLY X O     1 
ATOM   577  N N     . VAL A 1 73  ? 8.339   -15.666 0.689   1.00 30.16 ? 73  VAL X N     1 
ATOM   578  C CA    . VAL A 1 73  ? 8.303   -14.454 1.490   1.00 28.36 ? 73  VAL X CA    1 
ATOM   579  C C     . VAL A 1 73  ? 9.657   -14.304 2.167   1.00 27.81 ? 73  VAL X C     1 
ATOM   580  O O     . VAL A 1 73  ? 10.182  -15.264 2.738   1.00 28.51 ? 73  VAL X O     1 
ATOM   581  C CB    . VAL A 1 73  ? 7.160   -14.497 2.527   1.00 23.76 ? 73  VAL X CB    1 
ATOM   582  C CG1   . VAL A 1 73  ? 7.202   -13.294 3.448   1.00 27.24 ? 73  VAL X CG1   1 
ATOM   583  C CG2   . VAL A 1 73  ? 5.817   -14.571 1.836   1.00 27.62 ? 73  VAL X CG2   1 
ATOM   584  N N     . ASP A 1 74  ? 10.225  -13.113 2.075   1.00 23.83 ? 74  ASP X N     1 
ATOM   585  C CA    . ASP A 1 74  ? 11.415  -12.729 2.818   1.00 29.97 ? 74  ASP X CA    1 
ATOM   586  C C     . ASP A 1 74  ? 10.990  -11.967 4.070   1.00 31.86 ? 74  ASP X C     1 
ATOM   587  O O     . ASP A 1 74  ? 10.141  -11.073 4.000   1.00 30.12 ? 74  ASP X O     1 
ATOM   588  C CB    . ASP A 1 74  ? 12.327  -11.854 1.958   1.00 27.94 ? 74  ASP X CB    1 
ATOM   589  C CG    . ASP A 1 74  ? 12.916  -12.601 0.778   1.00 31.80 ? 74  ASP X CG    1 
ATOM   590  O OD1   . ASP A 1 74  ? 12.660  -13.818 0.633   1.00 26.58 ? 74  ASP X OD1   1 
ATOM   591  O OD2   . ASP A 1 74  ? 13.642  -11.958 -0.002  1.00 30.39 ? 74  ASP X OD2   1 
ATOM   592  N N     . VAL A 1 75  ? 11.583  -12.313 5.207   1.00 26.73 ? 75  VAL X N     1 
ATOM   593  C CA    . VAL A 1 75  ? 11.172  -11.787 6.501   1.00 28.45 ? 75  VAL X CA    1 
ATOM   594  C C     . VAL A 1 75  ? 12.233  -10.816 6.994   1.00 28.38 ? 75  VAL X C     1 
ATOM   595  O O     . VAL A 1 75  ? 13.437  -11.096 6.918   1.00 32.09 ? 75  VAL X O     1 
ATOM   596  C CB    . VAL A 1 75  ? 10.930  -12.916 7.518   1.00 31.90 ? 75  VAL X CB    1 
ATOM   597  C CG1   . VAL A 1 75  ? 10.361  -12.363 8.813   1.00 27.93 ? 75  VAL X CG1   1 
ATOM   598  C CG2   . VAL A 1 75  ? 9.987   -13.953 6.936   1.00 38.90 ? 75  VAL X CG2   1 
ATOM   599  N N     . ILE A 1 76  ? 11.790  -9.664  7.478   1.00 27.17 ? 76  ILE X N     1 
ATOM   600  C CA    . ILE A 1 76  ? 12.655  -8.728  8.169   1.00 25.92 ? 76  ILE X CA    1 
ATOM   601  C C     . ILE A 1 76  ? 12.041  -8.489  9.543   1.00 28.03 ? 76  ILE X C     1 
ATOM   602  O O     . ILE A 1 76  ? 10.848  -8.712  9.764   1.00 27.19 ? 76  ILE X O     1 
ATOM   603  C CB    . ILE A 1 76  ? 12.843  -7.410  7.387   1.00 26.35 ? 76  ILE X CB    1 
ATOM   604  C CG1   . ILE A 1 76  ? 11.497  -6.722  7.150   1.00 30.51 ? 76  ILE X CG1   1 
ATOM   605  C CG2   . ILE A 1 76  ? 13.558  -7.678  6.059   1.00 27.64 ? 76  ILE X CG2   1 
ATOM   606  C CD1   . ILE A 1 76  ? 11.601  -5.351  6.496   1.00 23.81 ? 76  ILE X CD1   1 
ATOM   607  N N     . HIS A 1 77  ? 12.877  -8.049  10.483  1.00 28.50 ? 77  HIS X N     1 
ATOM   608  C CA    . HIS A 1 77  ? 12.435  -7.888  11.862  1.00 26.76 ? 77  HIS X CA    1 
ATOM   609  C C     . HIS A 1 77  ? 12.592  -6.471  12.389  1.00 26.79 ? 77  HIS X C     1 
ATOM   610  O O     . HIS A 1 77  ? 12.207  -6.206  13.534  1.00 24.22 ? 77  HIS X O     1 
ATOM   611  C CB    . HIS A 1 77  ? 13.196  -8.861  12.779  1.00 29.07 ? 77  HIS X CB    1 
ATOM   612  C CG    . HIS A 1 77  ? 12.935  -10.298 12.469  1.00 29.17 ? 77  HIS X CG    1 
ATOM   613  N ND1   . HIS A 1 77  ? 11.790  -10.949 12.872  1.00 27.81 ? 77  HIS X ND1   1 
ATOM   614  C CD2   . HIS A 1 77  ? 13.658  -11.204 11.770  1.00 31.64 ? 77  HIS X CD2   1 
ATOM   615  C CE1   . HIS A 1 77  ? 11.822  -12.198 12.445  1.00 29.22 ? 77  HIS X CE1   1 
ATOM   616  N NE2   . HIS A 1 77  ? 12.944  -12.378 11.771  1.00 29.53 ? 77  HIS X NE2   1 
ATOM   617  N N     . SER A 1 78  ? 13.138  -5.556  11.599  1.00 26.66 ? 78  SER X N     1 
ATOM   618  C CA    . SER A 1 78  ? 13.360  -4.192  12.049  1.00 25.35 ? 78  SER X CA    1 
ATOM   619  C C     . SER A 1 78  ? 13.025  -3.244  10.910  1.00 23.43 ? 78  SER X C     1 
ATOM   620  O O     . SER A 1 78  ? 13.296  -3.553  9.746   1.00 30.92 ? 78  SER X O     1 
ATOM   621  C CB    . SER A 1 78  ? 14.810  -3.985  12.505  1.00 29.99 ? 78  SER X CB    1 
ATOM   622  O OG    . SER A 1 78  ? 15.081  -2.614  12.733  1.00 37.19 ? 78  SER X OG    1 
ATOM   623  N N     . ILE A 1 79  ? 12.398  -2.111  11.248  1.00 23.02 ? 79  ILE X N     1 
ATOM   624  C CA    . ILE A 1 79  ? 12.196  -1.047  10.269  1.00 28.04 ? 79  ILE X CA    1 
ATOM   625  C C     . ILE A 1 79  ? 13.490  -0.780  9.515   1.00 29.49 ? 79  ILE X C     1 
ATOM   626  O O     . ILE A 1 79  ? 13.491  -0.607  8.290   1.00 31.24 ? 79  ILE X O     1 
ATOM   627  C CB    . ILE A 1 79  ? 11.668  0.226   10.964  1.00 30.02 ? 79  ILE X CB    1 
ATOM   628  C CG1   . ILE A 1 79  ? 10.158  0.139   11.176  1.00 28.78 ? 79  ILE X CG1   1 
ATOM   629  C CG2   . ILE A 1 79  ? 12.018  1.466   10.166  1.00 38.56 ? 79  ILE X CG2   1 
ATOM   630  C CD1   . ILE A 1 79  ? 9.352   0.340   9.932   1.00 32.05 ? 79  ILE X CD1   1 
ATOM   631  N N     . GLU A 1 80  ? 14.619  -0.795  10.234  1.00 28.05 ? 80  GLU X N     1 
ATOM   632  C CA    . GLU A 1 80  ? 15.909  -0.463  9.638   1.00 30.85 ? 80  GLU X CA    1 
ATOM   633  C C     . GLU A 1 80  ? 16.275  -1.394  8.492   1.00 28.95 ? 80  GLU X C     1 
ATOM   634  O O     . GLU A 1 80  ? 16.982  -0.983  7.569   1.00 33.35 ? 80  GLU X O     1 
ATOM   635  C CB    . GLU A 1 80  ? 17.002  -0.501  10.707  1.00 32.34 ? 80  GLU X CB    1 
ATOM   636  C CG    . GLU A 1 80  ? 16.721  0.408   11.871  1.00 38.04 ? 80  GLU X CG    1 
ATOM   637  C CD    . GLU A 1 80  ? 16.519  1.839   11.424  1.00 44.73 ? 80  GLU X CD    1 
ATOM   638  O OE1   . GLU A 1 80  ? 17.193  2.259   10.454  1.00 49.51 ? 80  GLU X OE1   1 
ATOM   639  O OE2   . GLU A 1 80  ? 15.686  2.540   12.037  1.00 48.84 ? 80  GLU X OE2   1 
ATOM   640  N N     . ASP A 1 81  ? 15.822  -2.651  8.537   1.00 24.49 ? 81  ASP X N     1 
ATOM   641  C CA    . ASP A 1 81  ? 16.109  -3.575  7.446   1.00 24.29 ? 81  ASP X CA    1 
ATOM   642  C C     . ASP A 1 81  ? 15.569  -3.072  6.114   1.00 34.57 ? 81  ASP X C     1 
ATOM   643  O O     . ASP A 1 81  ? 16.147  -3.374  5.061   1.00 30.18 ? 81  ASP X O     1 
ATOM   644  C CB    . ASP A 1 81  ? 15.533  -4.950  7.773   1.00 27.12 ? 81  ASP X CB    1 
ATOM   645  C CG    . ASP A 1 81  ? 16.140  -5.526  9.030   1.00 33.12 ? 81  ASP X CG    1 
ATOM   646  O OD1   . ASP A 1 81  ? 17.248  -5.068  9.371   1.00 31.40 ? 81  ASP X OD1   1 
ATOM   647  O OD2   . ASP A 1 81  ? 15.525  -6.406  9.674   1.00 35.63 ? 81  ASP X OD2   1 
ATOM   648  N N     . ILE A 1 82  ? 14.463  -2.319  6.136   1.00 27.90 ? 82  ILE X N     1 
ATOM   649  C CA    . ILE A 1 82  ? 13.866  -1.838  4.893   1.00 32.20 ? 82  ILE X CA    1 
ATOM   650  C C     . ILE A 1 82  ? 14.891  -1.066  4.081   1.00 28.99 ? 82  ILE X C     1 
ATOM   651  O O     . ILE A 1 82  ? 14.980  -1.220  2.858   1.00 30.52 ? 82  ILE X O     1 
ATOM   652  C CB    . ILE A 1 82  ? 12.621  -0.974  5.174   1.00 25.92 ? 82  ILE X CB    1 
ATOM   653  C CG1   . ILE A 1 82  ? 11.519  -1.805  5.828   1.00 28.65 ? 82  ILE X CG1   1 
ATOM   654  C CG2   . ILE A 1 82  ? 12.124  -0.326  3.868   1.00 27.68 ? 82  ILE X CG2   1 
ATOM   655  C CD1   . ILE A 1 82  ? 10.299  -1.000  6.250   1.00 29.02 ? 82  ILE X CD1   1 
ATOM   656  N N     . TYR A 1 83  ? 15.709  -0.261  4.751   1.00 28.59 ? 83  TYR X N     1 
ATOM   657  C CA    . TYR A 1 83  ? 16.713  0.539   4.060   1.00 36.91 ? 83  TYR X CA    1 
ATOM   658  C C     . TYR A 1 83  ? 17.863  -0.280  3.487   1.00 35.01 ? 83  TYR X C     1 
ATOM   659  O O     . TYR A 1 83  ? 18.810  0.317   2.966   1.00 40.58 ? 83  TYR X O     1 
ATOM   660  C CB    . TYR A 1 83  ? 17.264  1.597   5.006   1.00 31.39 ? 83  TYR X CB    1 
ATOM   661  C CG    . TYR A 1 83  ? 16.190  2.436   5.643   1.00 33.67 ? 83  TYR X CG    1 
ATOM   662  C CD1   . TYR A 1 83  ? 15.430  3.316   4.879   1.00 41.69 ? 83  TYR X CD1   1 
ATOM   663  C CD2   . TYR A 1 83  ? 15.941  2.360   7.006   1.00 33.95 ? 83  TYR X CD2   1 
ATOM   664  C CE1   . TYR A 1 83  ? 14.448  4.097   5.454   1.00 39.37 ? 83  TYR X CE1   1 
ATOM   665  C CE2   . TYR A 1 83  ? 14.964  3.137   7.593   1.00 38.84 ? 83  TYR X CE2   1 
ATOM   666  C CZ    . TYR A 1 83  ? 14.217  4.002   6.814   1.00 40.38 ? 83  TYR X CZ    1 
ATOM   667  O OH    . TYR A 1 83  ? 13.240  4.775   7.399   1.00 45.53 ? 83  TYR X OH    1 
ATOM   668  N N     . GLN A 1 84  ? 17.825  -1.610  3.562   1.00 37.65 ? 84  GLN X N     1 
ATOM   669  C CA    . GLN A 1 84  ? 18.839  -2.452  2.940   1.00 35.55 ? 84  GLN X CA    1 
ATOM   670  C C     . GLN A 1 84  ? 18.304  -3.221  1.748   1.00 36.27 ? 84  GLN X C     1 
ATOM   671  O O     . GLN A 1 84  ? 19.043  -4.013  1.154   1.00 34.91 ? 84  GLN X O     1 
ATOM   672  C CB    . GLN A 1 84  ? 19.430  -3.436  3.957   1.00 37.53 ? 84  GLN X CB    1 
ATOM   673  C CG    . GLN A 1 84  ? 19.820  -2.793  5.264   1.00 38.54 ? 84  GLN X CG    1 
ATOM   674  C CD    . GLN A 1 84  ? 20.923  -1.791  5.076   1.00 39.85 ? 84  GLN X CD    1 
ATOM   675  O OE1   . GLN A 1 84  ? 21.991  -2.125  4.577   1.00 42.57 ? 84  GLN X OE1   1 
ATOM   676  N NE2   . GLN A 1 84  ? 20.680  -0.555  5.486   1.00 45.56 ? 84  GLN X NE2   1 
ATOM   677  N N     . LEU A 1 85  ? 17.046  -3.025  1.400   1.00 31.62 ? 85  LEU X N     1 
ATOM   678  C CA    . LEU A 1 85  ? 16.472  -3.688  0.243   1.00 32.08 ? 85  LEU X CA    1 
ATOM   679  C C     . LEU A 1 85  ? 16.848  -2.930  -1.026  1.00 30.26 ? 85  LEU X C     1 
ATOM   680  O O     . LEU A 1 85  ? 16.669  -1.712  -1.085  1.00 35.57 ? 85  LEU X O     1 
ATOM   681  C CB    . LEU A 1 85  ? 14.958  -3.777  0.395   1.00 29.40 ? 85  LEU X CB    1 
ATOM   682  C CG    . LEU A 1 85  ? 14.587  -4.369  1.757   1.00 32.84 ? 85  LEU X CG    1 
ATOM   683  C CD1   . LEU A 1 85  ? 13.097  -4.288  2.009   1.00 25.83 ? 85  LEU X CD1   1 
ATOM   684  C CD2   . LEU A 1 85  ? 15.077  -5.808  1.815   1.00 28.78 ? 85  LEU X CD2   1 
ATOM   685  N N     . PRO A 1 86  ? 17.392  -3.602  -2.036  1.00 34.44 ? 86  PRO X N     1 
ATOM   686  C CA    . PRO A 1 86  ? 17.704  -2.929  -3.301  1.00 34.29 ? 86  PRO X CA    1 
ATOM   687  C C     . PRO A 1 86  ? 16.470  -2.760  -4.182  1.00 34.50 ? 86  PRO X C     1 
ATOM   688  O O     . PRO A 1 86  ? 15.400  -3.322  -3.937  1.00 32.37 ? 86  PRO X O     1 
ATOM   689  C CB    . PRO A 1 86  ? 18.715  -3.877  -3.960  1.00 29.83 ? 86  PRO X CB    1 
ATOM   690  C CG    . PRO A 1 86  ? 18.358  -5.219  -3.417  1.00 30.85 ? 86  PRO X CG    1 
ATOM   691  C CD    . PRO A 1 86  ? 17.954  -4.962  -1.983  1.00 33.00 ? 86  PRO X CD    1 
ATOM   692  N N     . GLY A 1 87  ? 16.650  -1.982  -5.242  1.00 30.13 ? 87  GLY X N     1 
ATOM   693  C CA    . GLY A 1 87  ? 15.581  -1.802  -6.199  1.00 29.63 ? 87  GLY X CA    1 
ATOM   694  C C     . GLY A 1 87  ? 14.530  -0.828  -5.696  1.00 29.27 ? 87  GLY X C     1 
ATOM   695  O O     . GLY A 1 87  ? 14.736  -0.064  -4.743  1.00 25.56 ? 87  GLY X O     1 
ATOM   696  N N     . HIS A 1 88  ? 13.380  -0.864  -6.360  1.00 29.94 ? 88  HIS X N     1 
ATOM   697  C CA    . HIS A 1 88  ? 12.253  -0.010  -6.005  1.00 25.86 ? 88  HIS X CA    1 
ATOM   698  C C     . HIS A 1 88  ? 11.403  -0.730  -4.960  1.00 24.72 ? 88  HIS X C     1 
ATOM   699  O O     . HIS A 1 88  ? 10.863  -1.808  -5.234  1.00 18.89 ? 88  HIS X O     1 
ATOM   700  C CB    . HIS A 1 88  ? 11.439  0.322   -7.255  1.00 29.33 ? 88  HIS X CB    1 
ATOM   701  C CG    . HIS A 1 88  ? 10.536  1.507   -7.094  1.00 30.14 ? 88  HIS X CG    1 
ATOM   702  N ND1   . HIS A 1 88  ? 9.811   2.038   -8.141  1.00 25.06 ? 88  HIS X ND1   1 
ATOM   703  C CD2   . HIS A 1 88  ? 10.234  2.256   -6.006  1.00 27.86 ? 88  HIS X CD2   1 
ATOM   704  C CE1   . HIS A 1 88  ? 9.106   3.067   -7.704  1.00 30.48 ? 88  HIS X CE1   1 
ATOM   705  N NE2   . HIS A 1 88  ? 9.340   3.217   -6.411  1.00 29.17 ? 88  HIS X NE2   1 
ATOM   706  N N     . VAL A 1 89  ? 11.294  -0.142  -3.767  1.00 19.38 ? 89  VAL X N     1 
ATOM   707  C CA    . VAL A 1 89  ? 10.619  -0.756  -2.625  1.00 20.98 ? 89  VAL X CA    1 
ATOM   708  C C     . VAL A 1 89  ? 9.329   0.015   -2.354  1.00 22.32 ? 89  VAL X C     1 
ATOM   709  O O     . VAL A 1 89  ? 9.360   1.234   -2.142  1.00 22.43 ? 89  VAL X O     1 
ATOM   710  C CB    . VAL A 1 89  ? 11.523  -0.774  -1.380  1.00 26.91 ? 89  VAL X CB    1 
ATOM   711  C CG1   . VAL A 1 89  ? 10.741  -1.220  -0.138  1.00 19.73 ? 89  VAL X CG1   1 
ATOM   712  C CG2   . VAL A 1 89  ? 12.769  -1.652  -1.612  1.00 23.87 ? 89  VAL X CG2   1 
ATOM   713  N N     . PHE A 1 90  ? 8.198   -0.692  -2.372  1.00 18.42 ? 90  PHE X N     1 
ATOM   714  C CA    . PHE A 1 90  ? 6.894   -0.112  -2.063  1.00 22.94 ? 90  PHE X CA    1 
ATOM   715  C C     . PHE A 1 90  ? 6.446   -0.558  -0.676  1.00 23.00 ? 90  PHE X C     1 
ATOM   716  O O     . PHE A 1 90  ? 6.308   -1.763  -0.419  1.00 24.56 ? 90  PHE X O     1 
ATOM   717  C CB    . PHE A 1 90  ? 5.839   -0.529  -3.089  1.00 18.07 ? 90  PHE X CB    1 
ATOM   718  C CG    . PHE A 1 90  ? 6.144   -0.083  -4.493  1.00 25.14 ? 90  PHE X CG    1 
ATOM   719  C CD1   . PHE A 1 90  ? 5.708   1.148   -4.952  1.00 20.81 ? 90  PHE X CD1   1 
ATOM   720  C CD2   . PHE A 1 90  ? 6.864   -0.903  -5.352  1.00 20.60 ? 90  PHE X CD2   1 
ATOM   721  C CE1   . PHE A 1 90  ? 5.995   1.574   -6.240  1.00 25.09 ? 90  PHE X CE1   1 
ATOM   722  C CE2   . PHE A 1 90  ? 7.148   -0.494  -6.643  1.00 22.99 ? 90  PHE X CE2   1 
ATOM   723  C CZ    . PHE A 1 90  ? 6.708   0.749   -7.091  1.00 22.23 ? 90  PHE X CZ    1 
ATOM   724  N N     . ILE A 1 91  ? 6.199   0.409   0.205   1.00 21.00 ? 91  ILE X N     1 
ATOM   725  C CA    . ILE A 1 91  ? 5.522   0.112   1.464   1.00 19.31 ? 91  ILE X CA    1 
ATOM   726  C C     . ILE A 1 91  ? 4.046   -0.138  1.170   1.00 19.35 ? 91  ILE X C     1 
ATOM   727  O O     . ILE A 1 91  ? 3.328   0.757   0.712   1.00 16.52 ? 91  ILE X O     1 
ATOM   728  C CB    . ILE A 1 91  ? 5.699   1.255   2.468   1.00 17.40 ? 91  ILE X CB    1 
ATOM   729  C CG1   . ILE A 1 91  ? 7.170   1.689   2.550   1.00 20.81 ? 91  ILE X CG1   1 
ATOM   730  C CG2   . ILE A 1 91  ? 5.171   0.825   3.830   1.00 18.92 ? 91  ILE X CG2   1 
ATOM   731  C CD1   . ILE A 1 91  ? 8.036   0.817   3.470   1.00 26.16 ? 91  ILE X CD1   1 
ATOM   732  N N     . PHE A 1 92  ? 3.587   -1.360  1.424   1.00 17.35 ? 92  PHE X N     1 
ATOM   733  C CA    . PHE A 1 92  ? 2.278   -1.825  0.983   1.00 19.88 ? 92  PHE X CA    1 
ATOM   734  C C     . PHE A 1 92  ? 1.205   -1.748  2.071   1.00 18.73 ? 92  PHE X C     1 
ATOM   735  O O     . PHE A 1 92  ? 0.015   -1.845  1.745   1.00 17.31 ? 92  PHE X O     1 
ATOM   736  C CB    . PHE A 1 92  ? 2.419   -3.266  0.472   1.00 17.29 ? 92  PHE X CB    1 
ATOM   737  C CG    . PHE A 1 92  ? 1.362   -3.698  -0.484  1.00 19.58 ? 92  PHE X CG    1 
ATOM   738  C CD1   . PHE A 1 92  ? 0.643   -4.867  -0.247  1.00 22.44 ? 92  PHE X CD1   1 
ATOM   739  C CD2   . PHE A 1 92  ? 1.115   -2.986  -1.647  1.00 21.29 ? 92  PHE X CD2   1 
ATOM   740  C CE1   . PHE A 1 92  ? -0.319  -5.300  -1.138  1.00 19.37 ? 92  PHE X CE1   1 
ATOM   741  C CE2   . PHE A 1 92  ? 0.156   -3.419  -2.538  1.00 20.80 ? 92  PHE X CE2   1 
ATOM   742  C CZ    . PHE A 1 92  ? -0.563  -4.573  -2.284  1.00 22.24 ? 92  PHE X CZ    1 
ATOM   743  N N     . GLY A 1 93  ? 1.584   -1.541  3.334   1.00 16.16 ? 93  GLY X N     1 
ATOM   744  C CA    . GLY A 1 93  ? 0.647   -1.460  4.446   1.00 16.55 ? 93  GLY X CA    1 
ATOM   745  C C     . GLY A 1 93  ? 1.071   -2.349  5.596   1.00 16.42 ? 93  GLY X C     1 
ATOM   746  O O     . GLY A 1 93  ? 2.060   -3.072  5.523   1.00 16.31 ? 93  GLY X O     1 
ATOM   747  N N     . GLY A 1 94  ? 0.294   -2.295  6.681   1.00 22.16 ? 94  GLY X N     1 
ATOM   748  C CA    . GLY A 1 94  ? -0.920  -1.495  6.774   1.00 18.72 ? 94  GLY X CA    1 
ATOM   749  C C     . GLY A 1 94  ? -0.785  -0.211  7.581   1.00 17.38 ? 94  GLY X C     1 
ATOM   750  O O     . GLY A 1 94  ? 0.209   0.522   7.441   1.00 16.58 ? 94  GLY X O     1 
ATOM   751  N N     . GLN A 1 95  ? -1.784  0.066   8.426   1.00 16.14 ? 95  GLN X N     1 
ATOM   752  C CA    . GLN A 1 95  ? -1.792  1.317   9.187   1.00 15.76 ? 95  GLN X CA    1 
ATOM   753  C C     . GLN A 1 95  ? -0.503  1.500   9.983   1.00 19.81 ? 95  GLN X C     1 
ATOM   754  O O     . GLN A 1 95  ? 0.109   2.576   9.958   1.00 14.88 ? 95  GLN X O     1 
ATOM   755  C CB    . GLN A 1 95  ? -2.998  1.383   10.125  1.00 13.97 ? 95  GLN X CB    1 
ATOM   756  C CG    . GLN A 1 95  ? -2.870  2.582   11.085  1.00 14.98 ? 95  GLN X CG    1 
ATOM   757  C CD    . GLN A 1 95  ? -4.125  2.881   11.893  1.00 19.22 ? 95  GLN X CD    1 
ATOM   758  O OE1   . GLN A 1 95  ? -5.217  2.406   11.582  1.00 15.05 ? 95  GLN X OE1   1 
ATOM   759  N NE2   . GLN A 1 95  ? -3.964  3.683   12.956  1.00 19.77 ? 95  GLN X NE2   1 
ATOM   760  N N     . THR A 1 96  ? -0.057  0.446   10.678  1.00 16.85 ? 96  THR X N     1 
ATOM   761  C CA    . THR A 1 96  ? 1.131   0.571   11.524  1.00 15.82 ? 96  THR X CA    1 
ATOM   762  C C     . THR A 1 96  ? 2.366   0.877   10.685  1.00 19.55 ? 96  THR X C     1 
ATOM   763  O O     . THR A 1 96  ? 3.162   1.767   11.015  1.00 20.09 ? 96  THR X O     1 
ATOM   764  C CB    . THR A 1 96  ? 1.334   -0.710  12.340  1.00 18.71 ? 96  THR X CB    1 
ATOM   765  O OG1   . THR A 1 96  ? 0.204   -0.917  13.194  1.00 22.35 ? 96  THR X OG1   1 
ATOM   766  C CG2   . THR A 1 96  ? 2.567   -0.592  13.204  1.00 22.02 ? 96  THR X CG2   1 
ATOM   767  N N     . LEU A 1 97  ? 2.535   0.159   9.577   1.00 17.53 ? 97  LEU X N     1 
ATOM   768  C CA    . LEU A 1 97  ? 3.701   0.408   8.743   1.00 17.33 ? 97  LEU X CA    1 
ATOM   769  C C     . LEU A 1 97  ? 3.629   1.780   8.086   1.00 17.91 ? 97  LEU X C     1 
ATOM   770  O O     . LEU A 1 97  ? 4.647   2.481   7.998   1.00 19.88 ? 97  LEU X O     1 
ATOM   771  C CB    . LEU A 1 97  ? 3.857   -0.691  7.692   1.00 21.27 ? 97  LEU X CB    1 
ATOM   772  C CG    . LEU A 1 97  ? 5.293   -0.755  7.174   1.00 22.34 ? 97  LEU X CG    1 
ATOM   773  C CD1   . LEU A 1 97  ? 6.283   -0.746  8.344   1.00 19.10 ? 97  LEU X CD1   1 
ATOM   774  C CD2   . LEU A 1 97  ? 5.520   -1.964  6.315   1.00 21.95 ? 97  LEU X CD2   1 
ATOM   775  N N     . PHE A 1 98  ? 2.441   2.175   7.607   1.00 16.18 ? 98  PHE X N     1 
ATOM   776  C CA    . PHE A 1 98  ? 2.281   3.511   7.027   1.00 17.84 ? 98  PHE X CA    1 
ATOM   777  C C     . PHE A 1 98  ? 2.650   4.589   8.046   1.00 21.01 ? 98  PHE X C     1 
ATOM   778  O O     . PHE A 1 98  ? 3.411   5.519   7.744   1.00 21.26 ? 98  PHE X O     1 
ATOM   779  C CB    . PHE A 1 98  ? 0.839   3.701   6.530   1.00 11.77 ? 98  PHE X CB    1 
ATOM   780  C CG    . PHE A 1 98  ? 0.513   2.931   5.254   1.00 13.92 ? 98  PHE X CG    1 
ATOM   781  C CD1   . PHE A 1 98  ? 1.459   2.788   4.243   1.00 17.54 ? 98  PHE X CD1   1 
ATOM   782  C CD2   . PHE A 1 98  ? -0.743  2.361   5.064   1.00 14.12 ? 98  PHE X CD2   1 
ATOM   783  C CE1   . PHE A 1 98  ? 1.163   2.091   3.071   1.00 16.12 ? 98  PHE X CE1   1 
ATOM   784  C CE2   . PHE A 1 98  ? -1.049  1.654   3.889   1.00 15.40 ? 98  PHE X CE2   1 
ATOM   785  C CZ    . PHE A 1 98  ? -0.101  1.528   2.886   1.00 15.13 ? 98  PHE X CZ    1 
ATOM   786  N N     . GLU A 1 99  ? 2.112   4.478   9.264   1.00 12.23 ? 99  GLU X N     1 
ATOM   787  C CA    . GLU A 1 99  ? 2.492   5.396   10.333  1.00 18.37 ? 99  GLU X CA    1 
ATOM   788  C C     . GLU A 1 99  ? 4.005   5.434   10.541  1.00 21.74 ? 99  GLU X C     1 
ATOM   789  O O     . GLU A 1 99  ? 4.585   6.511   10.712  1.00 21.23 ? 99  GLU X O     1 
ATOM   790  C CB    . GLU A 1 99  ? 1.768   5.006   11.621  1.00 20.62 ? 99  GLU X CB    1 
ATOM   791  C CG    . GLU A 1 99  ? 0.287   5.377   11.599  1.00 18.32 ? 99  GLU X CG    1 
ATOM   792  C CD    . GLU A 1 99  ? -0.486  4.854   12.802  1.00 21.27 ? 99  GLU X CD    1 
ATOM   793  O OE1   . GLU A 1 99  ? -1.718  5.044   12.825  1.00 19.99 ? 99  GLU X OE1   1 
ATOM   794  O OE2   . GLU A 1 99  ? 0.124   4.251   13.717  1.00 21.36 ? 99  GLU X OE2   1 
ATOM   795  N N     . GLU A 1 100 ? 4.671   4.271   10.500  1.00 18.69 ? 100 GLU X N     1 
ATOM   796  C CA    . GLU A 1 100 ? 6.115   4.242   10.710  1.00 20.47 ? 100 GLU X CA    1 
ATOM   797  C C     . GLU A 1 100 ? 6.895   4.859   9.555   1.00 24.63 ? 100 GLU X C     1 
ATOM   798  O O     . GLU A 1 100 ? 8.027   5.308   9.754   1.00 25.69 ? 100 GLU X O     1 
ATOM   799  C CB    . GLU A 1 100 ? 6.576   2.804   10.949  1.00 17.90 ? 100 GLU X CB    1 
ATOM   800  C CG    . GLU A 1 100 ? 6.097   2.283   12.319  1.00 21.81 ? 100 GLU X CG    1 
ATOM   801  C CD    . GLU A 1 100 ? 6.433   0.827   12.565  1.00 23.34 ? 100 GLU X CD    1 
ATOM   802  O OE1   . GLU A 1 100 ? 5.818   -0.034  11.916  1.00 22.62 ? 100 GLU X OE1   1 
ATOM   803  O OE2   . GLU A 1 100 ? 7.307   0.541   13.413  1.00 27.21 ? 100 GLU X OE2   1 
ATOM   804  N N     . MET A 1 101 ? 6.336   4.894   8.346   1.00 21.67 ? 101 MET X N     1 
ATOM   805  C CA    . MET A 1 101 ? 7.158   5.189   7.181   1.00 22.69 ? 101 MET X CA    1 
ATOM   806  C C     . MET A 1 101 ? 6.748   6.419   6.387   1.00 22.12 ? 101 MET X C     1 
ATOM   807  O O     . MET A 1 101 ? 7.517   6.839   5.511   1.00 20.87 ? 101 MET X O     1 
ATOM   808  C CB    . MET A 1 101 ? 7.188   3.981   6.231   1.00 22.61 ? 101 MET X CB    1 
ATOM   809  C CG    . MET A 1 101 ? 7.712   2.686   6.856   1.00 27.26 ? 101 MET X CG    1 
ATOM   810  S SD    . MET A 1 101 ? 9.464   2.709   7.294   1.00 29.68 ? 101 MET X SD    1 
ATOM   811  C CE    . MET A 1 101 ? 10.233  3.141   5.734   1.00 22.14 ? 101 MET X CE    1 
ATOM   812  N N     . ILE A 1 102 ? 5.583   7.018   6.658   1.00 23.60 ? 102 ILE X N     1 
ATOM   813  C CA    . ILE A 1 102 ? 5.130   8.113   5.801   1.00 20.30 ? 102 ILE X CA    1 
ATOM   814  C C     . ILE A 1 102 ? 6.091   9.284   5.854   1.00 26.68 ? 102 ILE X C     1 
ATOM   815  O O     . ILE A 1 102 ? 6.172   10.049  4.892   1.00 27.85 ? 102 ILE X O     1 
ATOM   816  C CB    . ILE A 1 102 ? 3.685   8.554   6.145   1.00 24.81 ? 102 ILE X CB    1 
ATOM   817  C CG1   . ILE A 1 102 ? 3.173   9.561   5.093   1.00 19.97 ? 102 ILE X CG1   1 
ATOM   818  C CG2   . ILE A 1 102 ? 3.561   9.080   7.591   1.00 16.90 ? 102 ILE X CG2   1 
ATOM   819  C CD1   . ILE A 1 102 ? 1.697   9.887   5.209   1.00 16.05 ? 102 ILE X CD1   1 
ATOM   820  N N     . ASP A 1 103 ? 6.868   9.417   6.931   1.00 22.58 ? 103 ASP X N     1 
ATOM   821  C CA    . ASP A 1 103 ? 7.874   10.465  7.024   1.00 24.77 ? 103 ASP X CA    1 
ATOM   822  C C     . ASP A 1 103 ? 9.216   10.075  6.425   1.00 22.93 ? 103 ASP X C     1 
ATOM   823  O O     . ASP A 1 103 ? 10.136  10.887  6.453   1.00 27.16 ? 103 ASP X O     1 
ATOM   824  C CB    . ASP A 1 103 ? 8.085   10.880  8.479   1.00 30.59 ? 103 ASP X CB    1 
ATOM   825  C CG    . ASP A 1 103 ? 6.945   11.709  9.008   1.00 35.28 ? 103 ASP X CG    1 
ATOM   826  O OD1   . ASP A 1 103 ? 6.524   11.486  10.165  1.00 37.00 ? 103 ASP X OD1   1 
ATOM   827  O OD2   . ASP A 1 103 ? 6.444   12.563  8.246   1.00 34.66 ? 103 ASP X OD2   1 
ATOM   828  N N     . LYS A 1 104 ? 9.354   8.860   5.895   1.00 27.66 ? 104 LYS X N     1 
ATOM   829  C CA    . LYS A 1 104 ? 10.607  8.396   5.317   1.00 24.50 ? 104 LYS X CA    1 
ATOM   830  C C     . LYS A 1 104 ? 10.551  8.202   3.812   1.00 26.66 ? 104 LYS X C     1 
ATOM   831  O O     . LYS A 1 104 ? 11.598  8.234   3.160   1.00 24.17 ? 104 LYS X O     1 
ATOM   832  C CB    . LYS A 1 104 ? 11.031  7.058   5.947   1.00 28.90 ? 104 LYS X CB    1 
ATOM   833  C CG    . LYS A 1 104 ? 11.060  7.028   7.469   1.00 32.65 ? 104 LYS X CG    1 
ATOM   834  C CD    . LYS A 1 104 ? 12.028  8.051   8.031   1.00 30.85 ? 104 LYS X CD    1 
ATOM   835  C CE    . LYS A 1 104 ? 12.210  7.865   9.527   1.00 45.62 ? 104 LYS X CE    1 
ATOM   836  N NZ    . LYS A 1 104 ? 10.898  7.738   10.220  1.00 43.68 ? 104 LYS X NZ    1 
ATOM   837  N N     . VAL A 1 105 ? 9.383   8.009   3.251   1.00 22.79 ? 105 VAL X N     1 
ATOM   838  C CA    . VAL A 1 105 ? 9.301   7.590   1.858   1.00 23.56 ? 105 VAL X CA    1 
ATOM   839  C C     . VAL A 1 105 ? 9.583   8.774   0.936   1.00 30.72 ? 105 VAL X C     1 
ATOM   840  O O     . VAL A 1 105 ? 9.391   9.942   1.301   1.00 24.85 ? 105 VAL X O     1 
ATOM   841  C CB    . VAL A 1 105 ? 7.930   6.938   1.580   1.00 22.85 ? 105 VAL X CB    1 
ATOM   842  C CG1   . VAL A 1 105 ? 7.815   5.602   2.351   1.00 18.29 ? 105 VAL X CG1   1 
ATOM   843  C CG2   . VAL A 1 105 ? 6.814   7.860   1.974   1.00 16.86 ? 105 VAL X CG2   1 
ATOM   844  N N     . ASP A 1 106 ? 10.077  8.461   -0.270  1.00 23.50 ? 106 ASP X N     1 
ATOM   845  C CA    . ASP A 1 106 ? 10.334  9.489   -1.267  1.00 25.67 ? 106 ASP X CA    1 
ATOM   846  C C     . ASP A 1 106 ? 9.043   9.980   -1.905  1.00 22.08 ? 106 ASP X C     1 
ATOM   847  O O     . ASP A 1 106 ? 8.917   11.170  -2.220  1.00 23.84 ? 106 ASP X O     1 
ATOM   848  C CB    . ASP A 1 106 ? 11.292  8.949   -2.329  1.00 25.20 ? 106 ASP X CB    1 
ATOM   849  C CG    . ASP A 1 106 ? 12.591  8.443   -1.727  1.00 28.29 ? 106 ASP X CG    1 
ATOM   850  O OD1   . ASP A 1 106 ? 13.207  9.205   -0.956  1.00 30.59 ? 106 ASP X OD1   1 
ATOM   851  O OD2   . ASP A 1 106 ? 12.984  7.286   -1.990  1.00 25.59 ? 106 ASP X OD2   1 
ATOM   852  N N     . ASP A 1 107 ? 8.067   9.096   -2.082  1.00 20.44 ? 107 ASP X N     1 
ATOM   853  C CA    . ASP A 1 107 ? 6.854   9.476   -2.785  1.00 19.50 ? 107 ASP X CA    1 
ATOM   854  C C     . ASP A 1 107 ? 5.754   8.495   -2.417  1.00 18.37 ? 107 ASP X C     1 
ATOM   855  O O     . ASP A 1 107 ? 5.983   7.511   -1.715  1.00 20.25 ? 107 ASP X O     1 
ATOM   856  C CB    . ASP A 1 107 ? 7.100   9.529   -4.292  1.00 18.54 ? 107 ASP X CB    1 
ATOM   857  C CG    . ASP A 1 107 ? 7.564   8.198   -4.869  1.00 20.11 ? 107 ASP X CG    1 
ATOM   858  O OD1   . ASP A 1 107 ? 7.575   8.102   -6.102  1.00 20.36 ? 107 ASP X OD1   1 
ATOM   859  O OD2   . ASP A 1 107 ? 7.922   7.255   -4.127  1.00 21.54 ? 107 ASP X OD2   1 
ATOM   860  N N     . MET A 1 108 ? 4.541   8.793   -2.871  1.00 15.02 ? 108 MET X N     1 
ATOM   861  C CA    . MET A 1 108 ? 3.394   7.955   -2.563  1.00 15.73 ? 108 MET X CA    1 
ATOM   862  C C     . MET A 1 108 ? 2.559   7.770   -3.814  1.00 18.84 ? 108 MET X C     1 
ATOM   863  O O     . MET A 1 108 ? 2.315   8.734   -4.546  1.00 15.96 ? 108 MET X O     1 
ATOM   864  C CB    . MET A 1 108 ? 2.535   8.569   -1.437  1.00 15.04 ? 108 MET X CB    1 
ATOM   865  C CG    . MET A 1 108 ? 3.366   8.920   -0.185  1.00 16.56 ? 108 MET X CG    1 
ATOM   866  S SD    . MET A 1 108 ? 2.384   9.349   1.268   1.00 18.86 ? 108 MET X SD    1 
ATOM   867  C CE    . MET A 1 108 ? 1.479   10.796  0.676   1.00 13.94 ? 108 MET X CE    1 
ATOM   868  N N     . TYR A 1 109 ? 2.137   6.522   -4.047  1.00 17.27 ? 109 TYR X N     1 
ATOM   869  C CA    . TYR A 1 109 ? 1.132   6.164   -5.044  1.00 16.90 ? 109 TYR X CA    1 
ATOM   870  C C     . TYR A 1 109 ? -0.165  5.880   -4.298  1.00 20.22 ? 109 TYR X C     1 
ATOM   871  O O     . TYR A 1 109 ? -0.353  4.792   -3.737  1.00 13.24 ? 109 TYR X O     1 
ATOM   872  C CB    . TYR A 1 109 ? 1.580   4.952   -5.853  1.00 18.15 ? 109 TYR X CB    1 
ATOM   873  C CG    . TYR A 1 109 ? 2.775   5.244   -6.721  1.00 19.14 ? 109 TYR X CG    1 
ATOM   874  C CD1   . TYR A 1 109 ? 4.054   4.920   -6.300  1.00 18.81 ? 109 TYR X CD1   1 
ATOM   875  C CD2   . TYR A 1 109 ? 2.621   5.866   -7.956  1.00 20.51 ? 109 TYR X CD2   1 
ATOM   876  C CE1   . TYR A 1 109 ? 5.139   5.194   -7.084  1.00 19.22 ? 109 TYR X CE1   1 
ATOM   877  C CE2   . TYR A 1 109 ? 3.705   6.143   -8.746  1.00 20.61 ? 109 TYR X CE2   1 
ATOM   878  C CZ    . TYR A 1 109 ? 4.960   5.796   -8.312  1.00 19.22 ? 109 TYR X CZ    1 
ATOM   879  O OH    . TYR A 1 109 ? 6.043   6.066   -9.102  1.00 20.50 ? 109 TYR X OH    1 
ATOM   880  N N     . ILE A 1 110 ? -1.066  6.855   -4.306  1.00 17.74 ? 110 ILE X N     1 
ATOM   881  C CA    . ILE A 1 110 ? -2.330  6.781   -3.581  1.00 15.25 ? 110 ILE X CA    1 
ATOM   882  C C     . ILE A 1 110 ? -3.474  6.599   -4.574  1.00 16.51 ? 110 ILE X C     1 
ATOM   883  O O     . ILE A 1 110 ? -3.601  7.362   -5.539  1.00 12.42 ? 110 ILE X O     1 
ATOM   884  C CB    . ILE A 1 110 ? -2.545  8.041   -2.726  1.00 12.50 ? 110 ILE X CB    1 
ATOM   885  C CG1   . ILE A 1 110 ? -1.388  8.164   -1.722  1.00 16.52 ? 110 ILE X CG1   1 
ATOM   886  C CG2   . ILE A 1 110 ? -3.898  7.997   -2.025  1.00 14.58 ? 110 ILE X CG2   1 
ATOM   887  C CD1   . ILE A 1 110 ? -1.498  9.344   -0.733  1.00 19.69 ? 110 ILE X CD1   1 
ATOM   888  N N     . THR A 1 111 ? -4.329  5.630   -4.313  1.00 12.53 ? 111 THR X N     1 
ATOM   889  C CA    . THR A 1 111 ? -5.626  5.546   -4.973  1.00 11.82 ? 111 THR X CA    1 
ATOM   890  C C     . THR A 1 111 ? -6.692  6.091   -4.027  1.00 13.47 ? 111 THR X C     1 
ATOM   891  O O     . THR A 1 111 ? -7.030  5.451   -3.025  1.00 14.88 ? 111 THR X O     1 
ATOM   892  C CB    . THR A 1 111 ? -5.951  4.116   -5.373  1.00 13.95 ? 111 THR X CB    1 
ATOM   893  O OG1   . THR A 1 111 ? -4.866  3.582   -6.149  1.00 18.01 ? 111 THR X OG1   1 
ATOM   894  C CG2   . THR A 1 111 ? -7.252  4.105   -6.181  1.00 13.84 ? 111 THR X CG2   1 
ATOM   895  N N     . VAL A 1 112 ? -7.216  7.271   -4.330  1.00 17.71 ? 112 VAL X N     1 
ATOM   896  C CA    . VAL A 1 112 ? -8.267  7.831   -3.484  1.00 13.74 ? 112 VAL X CA    1 
ATOM   897  C C     . VAL A 1 112 ? -9.591  7.232   -3.935  1.00 18.15 ? 112 VAL X C     1 
ATOM   898  O O     . VAL A 1 112 ? -9.992  7.379   -5.099  1.00 16.44 ? 112 VAL X O     1 
ATOM   899  C CB    . VAL A 1 112 ? -8.293  9.361   -3.553  1.00 16.28 ? 112 VAL X CB    1 
ATOM   900  C CG1   . VAL A 1 112 ? -9.516  9.895   -2.780  1.00 14.02 ? 112 VAL X CG1   1 
ATOM   901  C CG2   . VAL A 1 112 ? -7.012  9.941   -3.015  1.00 17.06 ? 112 VAL X CG2   1 
ATOM   902  N N     . ILE A 1 113 ? -10.235 6.496   -3.032  1.00 17.44 ? 113 ILE X N     1 
ATOM   903  C CA    . ILE A 1 113 ? -11.572 5.954   -3.258  1.00 17.11 ? 113 ILE X CA    1 
ATOM   904  C C     . ILE A 1 113 ? -12.548 7.051   -2.860  1.00 20.37 ? 113 ILE X C     1 
ATOM   905  O O     . ILE A 1 113 ? -12.600 7.427   -1.687  1.00 19.07 ? 113 ILE X O     1 
ATOM   906  C CB    . ILE A 1 113 ? -11.807 4.686   -2.408  1.00 22.09 ? 113 ILE X CB    1 
ATOM   907  C CG1   . ILE A 1 113 ? -10.613 3.739   -2.465  1.00 22.82 ? 113 ILE X CG1   1 
ATOM   908  C CG2   . ILE A 1 113 ? -13.080 3.956   -2.807  1.00 16.61 ? 113 ILE X CG2   1 
ATOM   909  C CD1   . ILE A 1 113 ? -10.474 3.031   -3.769  1.00 18.69 ? 113 ILE X CD1   1 
ATOM   910  N N     . GLU A 1 114 ? -13.334 7.553   -3.821  1.00 20.45 ? 114 GLU X N     1 
ATOM   911  C CA    . GLU A 1 114 ? -14.211 8.698   -3.561  1.00 19.34 ? 114 GLU X CA    1 
ATOM   912  C C     . GLU A 1 114 ? -15.520 8.252   -2.895  1.00 19.18 ? 114 GLU X C     1 
ATOM   913  O O     . GLU A 1 114 ? -16.625 8.470   -3.390  1.00 18.44 ? 114 GLU X O     1 
ATOM   914  C CB    . GLU A 1 114 ? -14.471 9.480   -4.849  1.00 18.26 ? 114 GLU X CB    1 
ATOM   915  C CG    . GLU A 1 114 ? -13.233 9.691   -5.747  1.00 21.97 ? 114 GLU X CG    1 
ATOM   916  C CD    . GLU A 1 114 ? -12.373 10.879  -5.339  1.00 29.18 ? 114 GLU X CD    1 
ATOM   917  O OE1   . GLU A 1 114 ? -12.738 11.583  -4.373  1.00 28.46 ? 114 GLU X OE1   1 
ATOM   918  O OE2   . GLU A 1 114 ? -11.333 11.120  -5.997  1.00 32.07 ? 114 GLU X OE2   1 
ATOM   919  N N     . GLY A 1 115 ? -15.384 7.646   -1.717  1.00 19.38 ? 115 GLY X N     1 
ATOM   920  C CA    . GLY A 1 115 ? -16.539 7.162   -0.979  1.00 17.41 ? 115 GLY X CA    1 
ATOM   921  C C     . GLY A 1 115 ? -16.205 7.056   0.496   1.00 18.49 ? 115 GLY X C     1 
ATOM   922  O O     . GLY A 1 115 ? -15.042 7.142   0.892   1.00 14.04 ? 115 GLY X O     1 
ATOM   923  N N     . LYS A 1 116 ? -17.247 6.871   1.313   1.00 15.61 ? 116 LYS X N     1 
ATOM   924  C CA    . LYS A 1 116 ? -17.114 6.842   2.772   1.00 14.72 ? 116 LYS X CA    1 
ATOM   925  C C     . LYS A 1 116 ? -17.539 5.469   3.271   1.00 16.88 ? 116 LYS X C     1 
ATOM   926  O O     . LYS A 1 116 ? -18.731 5.147   3.260   1.00 16.20 ? 116 LYS X O     1 
ATOM   927  C CB    . LYS A 1 116 ? -17.954 7.931   3.434   1.00 16.02 ? 116 LYS X CB    1 
ATOM   928  C CG    . LYS A 1 116 ? -17.488 9.349   3.125   1.00 20.28 ? 116 LYS X CG    1 
ATOM   929  C CD    . LYS A 1 116 ? -18.216 10.388  3.974   1.00 23.90 ? 116 LYS X CD    1 
ATOM   930  C CE    . LYS A 1 116 ? -17.544 11.765  3.857   1.00 33.03 ? 116 LYS X CE    1 
ATOM   931  N NZ    . LYS A 1 116 ? -18.239 12.802  4.678   1.00 33.03 ? 116 LYS X NZ    1 
ATOM   932  N N     . PHE A 1 117 ? -16.575 4.669   3.709   1.00 15.24 ? 117 PHE X N     1 
ATOM   933  C CA    . PHE A 1 117 ? -16.811 3.295   4.130   1.00 17.64 ? 117 PHE X CA    1 
ATOM   934  C C     . PHE A 1 117 ? -16.596 3.163   5.635   1.00 14.78 ? 117 PHE X C     1 
ATOM   935  O O     . PHE A 1 117 ? -15.826 3.913   6.247   1.00 13.67 ? 117 PHE X O     1 
ATOM   936  C CB    . PHE A 1 117 ? -15.862 2.314   3.413   1.00 17.21 ? 117 PHE X CB    1 
ATOM   937  C CG    . PHE A 1 117 ? -16.046 2.244   1.919   1.00 18.03 ? 117 PHE X CG    1 
ATOM   938  C CD1   . PHE A 1 117 ? -16.592 1.115   1.325   1.00 18.00 ? 117 PHE X CD1   1 
ATOM   939  C CD2   . PHE A 1 117 ? -15.657 3.291   1.103   1.00 17.19 ? 117 PHE X CD2   1 
ATOM   940  C CE1   . PHE A 1 117 ? -16.745 1.045   -0.054  1.00 16.90 ? 117 PHE X CE1   1 
ATOM   941  C CE2   . PHE A 1 117 ? -15.837 3.227   -0.285  1.00 13.50 ? 117 PHE X CE2   1 
ATOM   942  C CZ    . PHE A 1 117 ? -16.377 2.109   -0.850  1.00 17.09 ? 117 PHE X CZ    1 
ATOM   943  N N     . ARG A 1 118 ? -17.246 2.166   6.223   1.00 17.27 ? 118 ARG X N     1 
ATOM   944  C CA    . ARG A 1 118 ? -16.888 1.765   7.583   1.00 19.01 ? 118 ARG X CA    1 
ATOM   945  C C     . ARG A 1 118 ? -15.482 1.153   7.610   1.00 16.06 ? 118 ARG X C     1 
ATOM   946  O O     . ARG A 1 118 ? -15.178 0.224   6.852   1.00 20.03 ? 118 ARG X O     1 
ATOM   947  C CB    . ARG A 1 118 ? -17.920 0.773   8.135   1.00 19.87 ? 118 ARG X CB    1 
ATOM   948  C CG    . ARG A 1 118 ? -17.616 0.302   9.555   1.00 31.53 ? 118 ARG X CG    1 
ATOM   949  C CD    . ARG A 1 118 ? -18.739 -0.562  10.147  1.00 37.98 ? 118 ARG X CD    1 
ATOM   950  N NE    . ARG A 1 118 ? -19.982 0.186   10.274  1.00 42.50 ? 118 ARG X NE    1 
ATOM   951  C CZ    . ARG A 1 118 ? -21.071 -0.033  9.543   1.00 46.41 ? 118 ARG X CZ    1 
ATOM   952  N NH1   . ARG A 1 118 ? -21.093 -1.003  8.635   1.00 44.05 ? 118 ARG X NH1   1 
ATOM   953  N NH2   . ARG A 1 118 ? -22.146 0.714   9.725   1.00 42.33 ? 118 ARG X NH2   1 
ATOM   954  N N     . GLY A 1 119 ? -14.621 1.664   8.491   1.00 15.67 ? 119 GLY X N     1 
ATOM   955  C CA    . GLY A 1 119 ? -13.265 1.167   8.595   1.00 15.18 ? 119 GLY X CA    1 
ATOM   956  C C     . GLY A 1 119 ? -12.852 1.005   10.040  1.00 14.21 ? 119 GLY X C     1 
ATOM   957  O O     . GLY A 1 119 ? -13.455 1.576   10.946  1.00 12.55 ? 119 GLY X O     1 
ATOM   958  N N     . ASP A 1 120 ? -11.816 0.192   10.245  1.00 16.19 ? 120 ASP X N     1 
ATOM   959  C CA    . ASP A 1 120 ? -11.155 0.112   11.539  1.00 15.42 ? 120 ASP X CA    1 
ATOM   960  C C     . ASP A 1 120 ? -9.659  0.335   11.427  1.00 13.28 ? 120 ASP X C     1 
ATOM   961  O O     . ASP A 1 120 ? -8.956  0.197   12.428  1.00 12.80 ? 120 ASP X O     1 
ATOM   962  C CB    . ASP A 1 120 ? -11.435 -1.239  12.242  1.00 13.98 ? 120 ASP X CB    1 
ATOM   963  C CG    . ASP A 1 120 ? -11.023 -2.448  11.411  1.00 17.92 ? 120 ASP X CG    1 
ATOM   964  O OD1   . ASP A 1 120 ? -11.630 -3.524  11.553  1.00 17.28 ? 120 ASP X OD1   1 
ATOM   965  O OD2   . ASP A 1 120 ? -10.093 -2.332  10.606  1.00 17.62 ? 120 ASP X OD2   1 
ATOM   966  N N     . THR A 1 121 ? -9.151  0.662   10.241  1.00 13.80 ? 121 THR X N     1 
ATOM   967  C CA    . THR A 1 121 ? -7.736  0.909   10.002  1.00 16.13 ? 121 THR X CA    1 
ATOM   968  C C     . THR A 1 121 ? -7.593  2.039   8.986   1.00 14.92 ? 121 THR X C     1 
ATOM   969  O O     . THR A 1 121 ? -8.338  2.103   7.996   1.00 14.05 ? 121 THR X O     1 
ATOM   970  C CB    . THR A 1 121 ? -7.016  -0.347  9.480   1.00 12.29 ? 121 THR X CB    1 
ATOM   971  O OG1   . THR A 1 121 ? -7.675  -0.815  8.306   1.00 27.99 ? 121 THR X OG1   1 
ATOM   972  C CG2   . THR A 1 121 ? -7.047  -1.463  10.501  1.00 18.64 ? 121 THR X CG2   1 
ATOM   973  N N     . PHE A 1 122 ? -6.626  2.917   9.230   1.00 13.42 ? 122 PHE X N     1 
ATOM   974  C CA    . PHE A 1 122 ? -6.584  4.213   8.564   1.00 15.06 ? 122 PHE X CA    1 
ATOM   975  C C     . PHE A 1 122 ? -5.177  4.521   8.081   1.00 14.77 ? 122 PHE X C     1 
ATOM   976  O O     . PHE A 1 122 ? -4.209  4.184   8.752   1.00 14.58 ? 122 PHE X O     1 
ATOM   977  C CB    . PHE A 1 122 ? -7.023  5.327   9.516   1.00 16.33 ? 122 PHE X CB    1 
ATOM   978  C CG    . PHE A 1 122 ? -8.504  5.417   9.710   1.00 15.68 ? 122 PHE X CG    1 
ATOM   979  C CD1   . PHE A 1 122 ? -9.246  6.384   9.032   1.00 15.70 ? 122 PHE X CD1   1 
ATOM   980  C CD2   . PHE A 1 122 ? -9.150  4.569   10.595  1.00 10.57 ? 122 PHE X CD2   1 
ATOM   981  C CE1   . PHE A 1 122 ? -10.617 6.471   9.207   1.00 12.35 ? 122 PHE X CE1   1 
ATOM   982  C CE2   . PHE A 1 122 ? -10.513 4.651   10.767  1.00 17.10 ? 122 PHE X CE2   1 
ATOM   983  C CZ    . PHE A 1 122 ? -11.250 5.610   10.079  1.00 18.87 ? 122 PHE X CZ    1 
ATOM   984  N N     . PHE A 1 123 ? -5.070  5.183   6.920   1.00 12.86 ? 123 PHE X N     1 
ATOM   985  C CA    . PHE A 1 123 ? -3.833  5.830   6.501   1.00 14.89 ? 123 PHE X CA    1 
ATOM   986  C C     . PHE A 1 123 ? -3.660  7.132   7.300   1.00 16.56 ? 123 PHE X C     1 
ATOM   987  O O     . PHE A 1 123 ? -4.644  7.784   7.648   1.00 18.38 ? 123 PHE X O     1 
ATOM   988  C CB    . PHE A 1 123 ? -3.884  6.115   4.993   1.00 13.90 ? 123 PHE X CB    1 
ATOM   989  C CG    . PHE A 1 123 ? -2.568  6.514   4.388   1.00 13.92 ? 123 PHE X CG    1 
ATOM   990  C CD1   . PHE A 1 123 ? -1.606  5.557   4.078   1.00 13.19 ? 123 PHE X CD1   1 
ATOM   991  C CD2   . PHE A 1 123 ? -2.293  7.847   4.117   1.00 15.60 ? 123 PHE X CD2   1 
ATOM   992  C CE1   . PHE A 1 123 ? -0.383  5.914   3.520   1.00 12.69 ? 123 PHE X CE1   1 
ATOM   993  C CE2   . PHE A 1 123 ? -1.069  8.215   3.560   1.00 16.63 ? 123 PHE X CE2   1 
ATOM   994  C CZ    . PHE A 1 123 ? -0.111  7.236   3.260   1.00 15.75 ? 123 PHE X CZ    1 
ATOM   995  N N     . PRO A 1 124 ? -2.428  7.525   7.639   1.00 14.43 ? 124 PRO X N     1 
ATOM   996  C CA    . PRO A 1 124 ? -2.257  8.692   8.515   1.00 12.86 ? 124 PRO X CA    1 
ATOM   997  C C     . PRO A 1 124 ? -2.536  9.986   7.777   1.00 17.35 ? 124 PRO X C     1 
ATOM   998  O O     . PRO A 1 124 ? -2.434  10.047  6.536   1.00 12.85 ? 124 PRO X O     1 
ATOM   999  C CB    . PRO A 1 124 ? -0.784  8.601   8.954   1.00 17.96 ? 124 PRO X CB    1 
ATOM   1000 C CG    . PRO A 1 124 ? -0.122  7.715   7.981   1.00 19.68 ? 124 PRO X CG    1 
ATOM   1001 C CD    . PRO A 1 124 ? -1.168  6.781   7.435   1.00 15.74 ? 124 PRO X CD    1 
ATOM   1002 N N     . PRO A 1 125 ? -2.923  11.049  8.489   1.00 21.95 ? 125 PRO X N     1 
ATOM   1003 C CA    . PRO A 1 125 ? -3.194  12.320  7.817   1.00 18.09 ? 125 PRO X CA    1 
ATOM   1004 C C     . PRO A 1 125 ? -1.939  12.843  7.148   1.00 19.17 ? 125 PRO X C     1 
ATOM   1005 O O     . PRO A 1 125 ? -0.823  12.616  7.610   1.00 20.56 ? 125 PRO X O     1 
ATOM   1006 C CB    . PRO A 1 125 ? -3.646  13.245  8.954   1.00 20.33 ? 125 PRO X CB    1 
ATOM   1007 C CG    . PRO A 1 125 ? -4.116  12.289  10.054  1.00 26.18 ? 125 PRO X CG    1 
ATOM   1008 C CD    . PRO A 1 125 ? -3.147  11.144  9.947   1.00 17.52 ? 125 PRO X CD    1 
ATOM   1009 N N     . TYR A 1 126 ? -2.138  13.497  6.011   1.00 22.09 ? 126 TYR X N     1 
ATOM   1010 C CA    . TYR A 1 126 ? -1.063  14.154  5.286   1.00 21.36 ? 126 TYR X CA    1 
ATOM   1011 C C     . TYR A 1 126 ? -1.645  15.412  4.660   1.00 25.29 ? 126 TYR X C     1 
ATOM   1012 O O     . TYR A 1 126 ? -2.857  15.515  4.458   1.00 26.31 ? 126 TYR X O     1 
ATOM   1013 C CB    . TYR A 1 126 ? -0.446  13.234  4.223   1.00 18.10 ? 126 TYR X CB    1 
ATOM   1014 C CG    . TYR A 1 126 ? -1.442  12.720  3.186   1.00 22.66 ? 126 TYR X CG    1 
ATOM   1015 C CD1   . TYR A 1 126 ? -1.650  13.406  1.991   1.00 24.09 ? 126 TYR X CD1   1 
ATOM   1016 C CD2   . TYR A 1 126 ? -2.171  11.553  3.404   1.00 19.79 ? 126 TYR X CD2   1 
ATOM   1017 C CE1   . TYR A 1 126 ? -2.548  12.951  1.053   1.00 21.49 ? 126 TYR X CE1   1 
ATOM   1018 C CE2   . TYR A 1 126 ? -3.069  11.085  2.467   1.00 16.27 ? 126 TYR X CE2   1 
ATOM   1019 C CZ    . TYR A 1 126 ? -3.263  11.791  1.299   1.00 17.43 ? 126 TYR X CZ    1 
ATOM   1020 O OH    . TYR A 1 126 ? -4.153  11.339  0.347   1.00 14.97 ? 126 TYR X OH    1 
ATOM   1021 N N     . THR A 1 127 ? -0.775  16.377  4.359   1.00 25.48 ? 127 THR X N     1 
ATOM   1022 C CA    . THR A 1 127 ? -1.211  17.671  3.846   1.00 30.02 ? 127 THR X CA    1 
ATOM   1023 C C     . THR A 1 127 ? -0.474  17.980  2.552   1.00 33.02 ? 127 THR X C     1 
ATOM   1024 O O     . THR A 1 127 ? 0.746   17.794  2.464   1.00 29.50 ? 127 THR X O     1 
ATOM   1025 C CB    . THR A 1 127 ? -0.982  18.789  4.875   1.00 32.95 ? 127 THR X CB    1 
ATOM   1026 O OG1   . THR A 1 127 ? -1.293  20.051  4.283   1.00 40.97 ? 127 THR X OG1   1 
ATOM   1027 C CG2   . THR A 1 127 ? 0.463   18.801  5.366   1.00 32.95 ? 127 THR X CG2   1 
ATOM   1028 N N     . PHE A 1 128 ? -1.216  18.461  1.550   1.00 37.43 ? 128 PHE X N     1 
ATOM   1029 C CA    . PHE A 1 128 ? -0.667  18.620  0.210   1.00 32.42 ? 128 PHE X CA    1 
ATOM   1030 C C     . PHE A 1 128 ? 0.372   19.721  0.112   1.00 38.54 ? 128 PHE X C     1 
ATOM   1031 O O     . PHE A 1 128 ? 0.982   19.875  -0.949  1.00 41.45 ? 128 PHE X O     1 
ATOM   1032 C CB    . PHE A 1 128 ? -1.788  18.880  -0.792  1.00 31.78 ? 128 PHE X CB    1 
ATOM   1033 C CG    . PHE A 1 128 ? -2.539  17.645  -1.177  1.00 38.43 ? 128 PHE X CG    1 
ATOM   1034 C CD1   . PHE A 1 128 ? -2.061  16.820  -2.173  1.00 37.30 ? 128 PHE X CD1   1 
ATOM   1035 C CD2   . PHE A 1 128 ? -3.704  17.291  -0.524  1.00 38.48 ? 128 PHE X CD2   1 
ATOM   1036 C CE1   . PHE A 1 128 ? -2.739  15.674  -2.520  1.00 34.96 ? 128 PHE X CE1   1 
ATOM   1037 C CE2   . PHE A 1 128 ? -4.382  16.140  -0.873  1.00 37.81 ? 128 PHE X CE2   1 
ATOM   1038 C CZ    . PHE A 1 128 ? -3.898  15.339  -1.872  1.00 30.37 ? 128 PHE X CZ    1 
ATOM   1039 N N     . GLU A 1 129 ? 0.592   20.490  1.171   1.00 39.76 ? 129 GLU X N     1 
ATOM   1040 C CA    . GLU A 1 129 ? 1.699   21.430  1.180   1.00 41.88 ? 129 GLU X CA    1 
ATOM   1041 C C     . GLU A 1 129 ? 3.008   20.776  1.603   1.00 38.51 ? 129 GLU X C     1 
ATOM   1042 O O     . GLU A 1 129 ? 4.042   21.449  1.639   1.00 34.93 ? 129 GLU X O     1 
ATOM   1043 C CB    . GLU A 1 129 ? 1.367   22.632  2.075   1.00 54.09 ? 129 GLU X CB    1 
ATOM   1044 C CG    . GLU A 1 129 ? -0.086  23.104  1.936   1.00 54.79 ? 129 GLU X CG    1 
ATOM   1045 C CD    . GLU A 1 129 ? -0.315  24.010  0.720   1.00 65.05 ? 129 GLU X CD    1 
ATOM   1046 O OE1   . GLU A 1 129 ? -1.416  24.596  0.613   1.00 67.84 ? 129 GLU X OE1   1 
ATOM   1047 O OE2   . GLU A 1 129 ? 0.599   24.131  -0.129  1.00 59.91 ? 129 GLU X OE2   1 
ATOM   1048 N N     . ASP A 1 130 ? 2.993   19.478  1.899   1.00 30.30 ? 130 ASP X N     1 
ATOM   1049 C CA    . ASP A 1 130 ? 4.222   18.704  2.014   1.00 29.25 ? 130 ASP X CA    1 
ATOM   1050 C C     . ASP A 1 130 ? 4.521   17.901  0.759   1.00 28.17 ? 130 ASP X C     1 
ATOM   1051 O O     . ASP A 1 130 ? 5.616   17.337  0.652   1.00 30.02 ? 130 ASP X O     1 
ATOM   1052 C CB    . ASP A 1 130 ? 4.152   17.735  3.203   1.00 33.55 ? 130 ASP X CB    1 
ATOM   1053 C CG    . ASP A 1 130 ? 4.164   18.440  4.537   1.00 41.52 ? 130 ASP X CG    1 
ATOM   1054 O OD1   . ASP A 1 130 ? 4.693   19.574  4.600   1.00 36.54 ? 130 ASP X OD1   1 
ATOM   1055 O OD2   . ASP A 1 130 ? 3.661   17.846  5.523   1.00 34.98 ? 130 ASP X OD2   1 
ATOM   1056 N N     . TRP A 1 131 ? 3.580   17.840  -0.185  1.00 29.84 ? 131 TRP X N     1 
ATOM   1057 C CA    . TRP A 1 131 ? 3.621   16.881  -1.282  1.00 25.71 ? 131 TRP X CA    1 
ATOM   1058 C C     . TRP A 1 131 ? 3.175   17.552  -2.565  1.00 29.87 ? 131 TRP X C     1 
ATOM   1059 O O     . TRP A 1 131 ? 2.090   18.135  -2.610  1.00 30.93 ? 131 TRP X O     1 
ATOM   1060 C CB    . TRP A 1 131 ? 2.701   15.689  -1.002  1.00 23.73 ? 131 TRP X CB    1 
ATOM   1061 C CG    . TRP A 1 131 ? 3.062   14.935  0.219   1.00 23.95 ? 131 TRP X CG    1 
ATOM   1062 C CD1   . TRP A 1 131 ? 2.609   15.152  1.491   1.00 21.09 ? 131 TRP X CD1   1 
ATOM   1063 C CD2   . TRP A 1 131 ? 3.955   13.828  0.292   1.00 17.95 ? 131 TRP X CD2   1 
ATOM   1064 N NE1   . TRP A 1 131 ? 3.168   14.244  2.350   1.00 20.22 ? 131 TRP X NE1   1 
ATOM   1065 C CE2   . TRP A 1 131 ? 4.004   13.420  1.643   1.00 19.40 ? 131 TRP X CE2   1 
ATOM   1066 C CE3   . TRP A 1 131 ? 4.728   13.144  -0.652  1.00 18.20 ? 131 TRP X CE3   1 
ATOM   1067 C CZ2   . TRP A 1 131 ? 4.793   12.362  2.069   1.00 19.24 ? 131 TRP X CZ2   1 
ATOM   1068 C CZ3   . TRP A 1 131 ? 5.515   12.087  -0.229  1.00 15.25 ? 131 TRP X CZ3   1 
ATOM   1069 C CH2   . TRP A 1 131 ? 5.541   11.706  1.122   1.00 20.95 ? 131 TRP X CH2   1 
ATOM   1070 N N     . GLU A 1 132 ? 3.987   17.444  -3.611  1.00 23.68 ? 132 GLU X N     1 
ATOM   1071 C CA    . GLU A 1 132 ? 3.585   17.932  -4.916  1.00 23.73 ? 132 GLU X CA    1 
ATOM   1072 C C     . GLU A 1 132 ? 2.824   16.843  -5.664  1.00 21.18 ? 132 GLU X C     1 
ATOM   1073 O O     . GLU A 1 132 ? 3.091   15.654  -5.499  1.00 21.80 ? 132 GLU X O     1 
ATOM   1074 C CB    . GLU A 1 132 ? 4.804   18.375  -5.715  1.00 25.56 ? 132 GLU X CB    1 
ATOM   1075 C CG    . GLU A 1 132 ? 4.467   19.010  -7.031  1.00 30.43 ? 132 GLU X CG    1 
ATOM   1076 C CD    . GLU A 1 132 ? 5.682   19.556  -7.721  1.00 34.47 ? 132 GLU X CD    1 
ATOM   1077 O OE1   . GLU A 1 132 ? 6.743   19.603  -7.067  1.00 38.61 ? 132 GLU X OE1   1 
ATOM   1078 O OE2   . GLU A 1 132 ? 5.573   19.941  -8.906  1.00 45.91 ? 132 GLU X OE2   1 
ATOM   1079 N N     . VAL A 1 133 ? 1.872   17.264  -6.497  1.00 21.75 ? 133 VAL X N     1 
ATOM   1080 C CA    . VAL A 1 133 ? 1.050   16.349  -7.288  1.00 19.02 ? 133 VAL X CA    1 
ATOM   1081 C C     . VAL A 1 133 ? 1.785   16.095  -8.605  1.00 21.92 ? 133 VAL X C     1 
ATOM   1082 O O     . VAL A 1 133 ? 1.709   16.897  -9.539  1.00 19.62 ? 133 VAL X O     1 
ATOM   1083 C CB    . VAL A 1 133 ? -0.355  16.916  -7.513  1.00 19.79 ? 133 VAL X CB    1 
ATOM   1084 C CG1   . VAL A 1 133 ? -1.214  15.942  -8.307  1.00 21.99 ? 133 VAL X CG1   1 
ATOM   1085 C CG2   . VAL A 1 133 ? -1.027  17.236  -6.170  1.00 16.95 ? 133 VAL X CG2   1 
ATOM   1086 N N     . ALA A 1 134 ? 2.523   14.978  -8.675  1.00 15.86 ? 134 ALA X N     1 
ATOM   1087 C CA    . ALA A 1 134 ? 3.203   14.618  -9.921  1.00 18.54 ? 134 ALA X CA    1 
ATOM   1088 C C     . ALA A 1 134 ? 2.213   14.259  -11.010 1.00 17.56 ? 134 ALA X C     1 
ATOM   1089 O O     . ALA A 1 134 ? 2.479   14.509  -12.196 1.00 18.64 ? 134 ALA X O     1 
ATOM   1090 C CB    . ALA A 1 134 ? 4.167   13.449  -9.712  1.00 17.15 ? 134 ALA X CB    1 
ATOM   1091 N N     . SER A 1 135 ? 1.081   13.682  -10.622 1.00 15.82 ? 135 SER X N     1 
ATOM   1092 C CA    . SER A 1 135 ? 0.029   13.258  -11.535 1.00 17.97 ? 135 SER X CA    1 
ATOM   1093 C C     . SER A 1 135 ? -1.220  12.936  -10.729 1.00 21.82 ? 135 SER X C     1 
ATOM   1094 O O     . SER A 1 135 ? -1.147  12.571  -9.549  1.00 19.55 ? 135 SER X O     1 
ATOM   1095 C CB    . SER A 1 135 ? 0.451   12.045  -12.361 1.00 13.60 ? 135 SER X CB    1 
ATOM   1096 O OG    . SER A 1 135 ? 0.795   10.943  -11.532 1.00 17.37 ? 135 SER X OG    1 
ATOM   1097 N N     . SER A 1 136 ? -2.365  13.102  -11.383 1.00 16.93 ? 136 SER X N     1 
ATOM   1098 C CA    . SER A 1 136 ? -3.670  12.805  -10.810 1.00 20.43 ? 136 SER X CA    1 
ATOM   1099 C C     . SER A 1 136 ? -4.569  12.406  -11.966 1.00 23.22 ? 136 SER X C     1 
ATOM   1100 O O     . SER A 1 136 ? -4.797  13.213  -12.880 1.00 18.51 ? 136 SER X O     1 
ATOM   1101 C CB    . SER A 1 136 ? -4.243  14.002  -10.054 1.00 17.58 ? 136 SER X CB    1 
ATOM   1102 O OG    . SER A 1 136 ? -5.616  13.781  -9.739  1.00 21.45 ? 136 SER X OG    1 
ATOM   1103 N N     . VAL A 1 137 ? -5.040  11.161  -11.938 1.00 18.54 ? 137 VAL X N     1 
ATOM   1104 C CA    . VAL A 1 137 ? -5.746  10.532  -13.047 1.00 15.22 ? 137 VAL X CA    1 
ATOM   1105 C C     . VAL A 1 137 ? -7.020  9.892   -12.510 1.00 21.19 ? 137 VAL X C     1 
ATOM   1106 O O     . VAL A 1 137 ? -6.959  8.980   -11.674 1.00 20.88 ? 137 VAL X O     1 
ATOM   1107 C CB    . VAL A 1 137 ? -4.889  9.472   -13.756 1.00 18.33 ? 137 VAL X CB    1 
ATOM   1108 C CG1   . VAL A 1 137 ? -5.586  9.001   -15.047 1.00 19.40 ? 137 VAL X CG1   1 
ATOM   1109 C CG2   . VAL A 1 137 ? -3.517  10.012  -14.068 1.00 16.69 ? 137 VAL X CG2   1 
ATOM   1110 N N     . GLU A 1 138 ? -8.167  10.355  -13.003 1.00 20.84 ? 138 GLU X N     1 
ATOM   1111 C CA    . GLU A 1 138 ? -9.439  9.763   -12.638 1.00 22.67 ? 138 GLU X CA    1 
ATOM   1112 C C     . GLU A 1 138 ? -9.549  8.347   -13.173 1.00 21.11 ? 138 GLU X C     1 
ATOM   1113 O O     . GLU A 1 138 ? -9.263  8.074   -14.341 1.00 23.86 ? 138 GLU X O     1 
ATOM   1114 C CB    . GLU A 1 138 ? -10.588 10.598  -13.176 1.00 28.17 ? 138 GLU X CB    1 
ATOM   1115 C CG    . GLU A 1 138 ? -10.694 11.944  -12.533 1.00 28.81 ? 138 GLU X CG    1 
ATOM   1116 C CD    . GLU A 1 138 ? -12.001 12.613  -12.876 1.00 46.06 ? 138 GLU X CD    1 
ATOM   1117 O OE1   . GLU A 1 138 ? -11.999 13.821  -13.185 1.00 46.99 ? 138 GLU X OE1   1 
ATOM   1118 O OE2   . GLU A 1 138 ? -13.042 11.920  -12.855 1.00 53.34 ? 138 GLU X OE2   1 
ATOM   1119 N N     . GLY A 1 139 ? -9.987  7.447   -12.309 1.00 19.06 ? 139 GLY X N     1 
ATOM   1120 C CA    . GLY A 1 139 ? -10.227 6.089   -12.729 1.00 18.59 ? 139 GLY X CA    1 
ATOM   1121 C C     . GLY A 1 139 ? -11.510 5.976   -13.525 1.00 25.27 ? 139 GLY X C     1 
ATOM   1122 O O     . GLY A 1 139 ? -12.479 6.697   -13.295 1.00 22.85 ? 139 GLY X O     1 
ATOM   1123 N N     . LYS A 1 140 ? -11.493 5.064   -14.495 1.00 26.31 ? 140 LYS X N     1 
ATOM   1124 C CA    . LYS A 1 140 ? -12.618 4.892   -15.398 1.00 30.57 ? 140 LYS X CA    1 
ATOM   1125 C C     . LYS A 1 140 ? -13.651 3.959   -14.780 1.00 25.79 ? 140 LYS X C     1 
ATOM   1126 O O     . LYS A 1 140 ? -13.307 2.908   -14.221 1.00 28.70 ? 140 LYS X O     1 
ATOM   1127 C CB    . LYS A 1 140 ? -12.126 4.363   -16.744 1.00 35.96 ? 140 LYS X CB    1 
ATOM   1128 C CG    . LYS A 1 140 ? -11.158 5.326   -17.452 1.00 39.84 ? 140 LYS X CG    1 
ATOM   1129 C CD    . LYS A 1 140 ? -11.828 6.673   -17.694 1.00 37.11 ? 140 LYS X CD    1 
ATOM   1130 C CE    . LYS A 1 140 ? -10.933 7.650   -18.450 1.00 38.97 ? 140 LYS X CE    1 
ATOM   1131 N NZ    . LYS A 1 140 ? -10.660 7.242   -19.863 1.00 31.53 ? 140 LYS X NZ    1 
ATOM   1132 N N     . LEU A 1 141 ? -14.913 4.362   -14.847 1.00 28.21 ? 141 LEU X N     1 
ATOM   1133 C CA    . LEU A 1 141 ? -16.003 3.616   -14.236 1.00 29.94 ? 141 LEU X CA    1 
ATOM   1134 C C     . LEU A 1 141 ? -16.667 2.718   -15.271 1.00 33.58 ? 141 LEU X C     1 
ATOM   1135 O O     . LEU A 1 141 ? -16.837 3.116   -16.428 1.00 33.90 ? 141 LEU X O     1 
ATOM   1136 C CB    . LEU A 1 141 ? -17.044 4.559   -13.638 1.00 25.91 ? 141 LEU X CB    1 
ATOM   1137 C CG    . LEU A 1 141 ? -16.721 5.319   -12.352 1.00 23.78 ? 141 LEU X CG    1 
ATOM   1138 C CD1   . LEU A 1 141 ? -18.005 5.594   -11.606 1.00 26.61 ? 141 LEU X CD1   1 
ATOM   1139 C CD2   . LEU A 1 141 ? -15.762 4.523   -11.497 1.00 27.81 ? 141 LEU X CD2   1 
ATOM   1140 N N     . ASP A 1 142 ? -17.055 1.518   -14.844 1.00 31.06 ? 142 ASP X N     1 
ATOM   1141 C CA    . ASP A 1 142 ? -17.717 0.549   -15.715 1.00 28.53 ? 142 ASP X CA    1 
ATOM   1142 C C     . ASP A 1 142 ? -18.516 -0.425  -14.846 1.00 36.98 ? 142 ASP X C     1 
ATOM   1143 O O     . ASP A 1 142 ? -18.707 -0.203  -13.645 1.00 35.22 ? 142 ASP X O     1 
ATOM   1144 C CB    . ASP A 1 142 ? -16.697 -0.164  -16.612 1.00 34.12 ? 142 ASP X CB    1 
ATOM   1145 C CG    . ASP A 1 142 ? -15.719 -1.041  -15.833 1.00 34.79 ? 142 ASP X CG    1 
ATOM   1146 O OD1   . ASP A 1 142 ? -14.724 -1.483  -16.434 1.00 42.95 ? 142 ASP X OD1   1 
ATOM   1147 O OD2   . ASP A 1 142 ? -15.933 -1.305  -14.633 1.00 39.40 ? 142 ASP X OD2   1 
ATOM   1148 N N     . GLU A 1 143 ? -18.949 -1.534  -15.456 1.00 43.09 ? 143 GLU X N     1 
ATOM   1149 C CA    . GLU A 1 143 ? -19.754 -2.526  -14.746 1.00 46.41 ? 143 GLU X CA    1 
ATOM   1150 C C     . GLU A 1 143 ? -19.036 -3.051  -13.504 1.00 41.02 ? 143 GLU X C     1 
ATOM   1151 O O     . GLU A 1 143 ? -19.629 -3.147  -12.423 1.00 38.22 ? 143 GLU X O     1 
ATOM   1152 C CB    . GLU A 1 143 ? -20.112 -3.679  -15.691 1.00 47.58 ? 143 GLU X CB    1 
ATOM   1153 C CG    . GLU A 1 143 ? -21.256 -4.569  -15.194 1.00 53.67 ? 143 GLU X CG    1 
ATOM   1154 C CD    . GLU A 1 143 ? -20.953 -6.057  -15.318 1.00 58.43 ? 143 GLU X CD    1 
ATOM   1155 O OE1   . GLU A 1 143 ? -21.796 -6.867  -14.878 1.00 65.29 ? 143 GLU X OE1   1 
ATOM   1156 O OE2   . GLU A 1 143 ? -19.878 -6.418  -15.854 1.00 55.17 ? 143 GLU X OE2   1 
ATOM   1157 N N     . LYS A 1 144 ? -17.756 -3.389  -13.636 1.00 41.69 ? 144 LYS X N     1 
ATOM   1158 C CA    . LYS A 1 144 ? -17.020 -4.019  -12.547 1.00 39.14 ? 144 LYS X CA    1 
ATOM   1159 C C     . LYS A 1 144 ? -16.265 -3.030  -11.663 1.00 35.84 ? 144 LYS X C     1 
ATOM   1160 O O     . LYS A 1 144 ? -15.673 -3.453  -10.667 1.00 31.82 ? 144 LYS X O     1 
ATOM   1161 C CB    . LYS A 1 144 ? -16.041 -5.058  -13.107 1.00 38.88 ? 144 LYS X CB    1 
ATOM   1162 C CG    . LYS A 1 144 ? -16.728 -6.249  -13.776 1.00 47.63 ? 144 LYS X CG    1 
ATOM   1163 C CD    . LYS A 1 144 ? -15.847 -7.490  -13.783 1.00 54.50 ? 144 LYS X CD    1 
ATOM   1164 C CE    . LYS A 1 144 ? -16.453 -8.573  -14.656 1.00 55.06 ? 144 LYS X CE    1 
ATOM   1165 N NZ    . LYS A 1 144 ? -16.725 -8.049  -16.024 1.00 54.90 ? 144 LYS X NZ    1 
ATOM   1166 N N     . ASN A 1 145 ? -16.266 -1.737  -12.000 1.00 30.90 ? 145 ASN X N     1 
ATOM   1167 C CA    . ASN A 1 145 ? -15.548 -0.694  -11.253 1.00 31.56 ? 145 ASN X CA    1 
ATOM   1168 C C     . ASN A 1 145 ? -16.515 0.466   -11.087 1.00 32.92 ? 145 ASN X C     1 
ATOM   1169 O O     . ASN A 1 145 ? -16.563 1.346   -11.950 1.00 30.76 ? 145 ASN X O     1 
ATOM   1170 C CB    . ASN A 1 145 ? -14.283 -0.235  -11.972 1.00 29.26 ? 145 ASN X CB    1 
ATOM   1171 C CG    . ASN A 1 145 ? -13.299 -1.346  -12.177 1.00 31.40 ? 145 ASN X CG    1 
ATOM   1172 O OD1   . ASN A 1 145 ? -12.385 -1.526  -11.375 1.00 31.97 ? 145 ASN X OD1   1 
ATOM   1173 N ND2   . ASN A 1 145 ? -13.473 -2.102  -13.255 1.00 31.46 ? 145 ASN X ND2   1 
ATOM   1174 N N     . THR A 1 146 ? -17.266 0.466   -9.988  1.00 23.84 ? 146 THR X N     1 
ATOM   1175 C CA    . THR A 1 146 ? -18.442 1.306   -9.860  1.00 26.77 ? 146 THR X CA    1 
ATOM   1176 C C     . THR A 1 146 ? -18.308 2.375   -8.786  1.00 27.25 ? 146 THR X C     1 
ATOM   1177 O O     . THR A 1 146 ? -19.265 3.121   -8.552  1.00 26.02 ? 146 THR X O     1 
ATOM   1178 C CB    . THR A 1 146 ? -19.672 0.435   -9.574  1.00 31.17 ? 146 THR X CB    1 
ATOM   1179 O OG1   . THR A 1 146 ? -19.404 -0.423  -8.461  1.00 32.55 ? 146 THR X OG1   1 
ATOM   1180 C CG2   . THR A 1 146 ? -19.996 -0.424  -10.772 1.00 41.16 ? 146 THR X CG2   1 
ATOM   1181 N N     . ILE A 1 147 ? -17.168 2.455   -8.116  1.00 29.17 ? 147 ILE X N     1 
ATOM   1182 C CA    . ILE A 1 147 ? -16.885 3.491   -7.127  1.00 22.97 ? 147 ILE X CA    1 
ATOM   1183 C C     . ILE A 1 147 ? -15.898 4.463   -7.756  1.00 20.88 ? 147 ILE X C     1 
ATOM   1184 O O     . ILE A 1 147 ? -14.861 4.024   -8.268  1.00 18.13 ? 147 ILE X O     1 
ATOM   1185 C CB    . ILE A 1 147 ? -16.310 2.900   -5.821  1.00 22.87 ? 147 ILE X CB    1 
ATOM   1186 C CG1   . ILE A 1 147 ? -17.210 1.767   -5.314  1.00 31.05 ? 147 ILE X CG1   1 
ATOM   1187 C CG2   . ILE A 1 147 ? -16.200 3.972   -4.754  1.00 21.94 ? 147 ILE X CG2   1 
ATOM   1188 C CD1   . ILE A 1 147 ? -16.485 0.450   -5.056  1.00 30.76 ? 147 ILE X CD1   1 
ATOM   1189 N N     . PRO A 1 148 ? -16.170 5.769   -7.745  1.00 19.44 ? 148 PRO X N     1 
ATOM   1190 C CA    . PRO A 1 148 ? -15.222 6.712   -8.340  1.00 18.30 ? 148 PRO X CA    1 
ATOM   1191 C C     . PRO A 1 148 ? -13.911 6.695   -7.576  1.00 22.10 ? 148 PRO X C     1 
ATOM   1192 O O     . PRO A 1 148 ? -13.887 6.542   -6.349  1.00 17.75 ? 148 PRO X O     1 
ATOM   1193 C CB    . PRO A 1 148 ? -15.928 8.069   -8.220  1.00 19.16 ? 148 PRO X CB    1 
ATOM   1194 C CG    . PRO A 1 148 ? -17.326 7.760   -7.734  1.00 20.26 ? 148 PRO X CG    1 
ATOM   1195 C CD    . PRO A 1 148 ? -17.275 6.454   -7.054  1.00 18.49 ? 148 PRO X CD    1 
ATOM   1196 N N     . HIS A 1 149 ? -12.813 6.834   -8.319  1.00 16.75 ? 149 HIS X N     1 
ATOM   1197 C CA    . HIS A 1 149 ? -11.499 6.728   -7.702  1.00 17.42 ? 149 HIS X CA    1 
ATOM   1198 C C     . HIS A 1 149 ? -10.481 7.482   -8.545  1.00 16.71 ? 149 HIS X C     1 
ATOM   1199 O O     . HIS A 1 149 ? -10.639 7.613   -9.769  1.00 19.24 ? 149 HIS X O     1 
ATOM   1200 C CB    . HIS A 1 149 ? -11.082 5.263   -7.537  1.00 14.92 ? 149 HIS X CB    1 
ATOM   1201 C CG    . HIS A 1 149 ? -11.120 4.484   -8.815  1.00 16.32 ? 149 HIS X CG    1 
ATOM   1202 N ND1   . HIS A 1 149 ? -12.298 4.102   -9.419  1.00 19.19 ? 149 HIS X ND1   1 
ATOM   1203 C CD2   . HIS A 1 149 ? -10.123 4.026   -9.608  1.00 18.80 ? 149 HIS X CD2   1 
ATOM   1204 C CE1   . HIS A 1 149 ? -12.024 3.442   -10.531 1.00 23.38 ? 149 HIS X CE1   1 
ATOM   1205 N NE2   . HIS A 1 149 ? -10.711 3.382   -10.668 1.00 21.63 ? 149 HIS X NE2   1 
ATOM   1206 N N     . THR A 1 150 ? -9.435  7.959   -7.871  1.00 12.75 ? 150 THR X N     1 
ATOM   1207 C CA    . THR A 1 150 ? -8.396  8.786   -8.474  1.00 16.51 ? 150 THR X CA    1 
ATOM   1208 C C     . THR A 1 150 ? -7.023  8.278   -8.068  1.00 18.96 ? 150 THR X C     1 
ATOM   1209 O O     . THR A 1 150 ? -6.757  8.074   -6.881  1.00 17.45 ? 150 THR X O     1 
ATOM   1210 C CB    . THR A 1 150 ? -8.558  10.246  -8.054  1.00 20.32 ? 150 THR X CB    1 
ATOM   1211 O OG1   . THR A 1 150 ? -9.892  10.652  -8.346  1.00 19.96 ? 150 THR X OG1   1 
ATOM   1212 C CG2   . THR A 1 150 ? -7.581  11.153  -8.796  1.00 14.85 ? 150 THR X CG2   1 
ATOM   1213 N N     . PHE A 1 151 ? -6.156  8.095   -9.061  1.00 15.02 ? 151 PHE X N     1 
ATOM   1214 C CA    . PHE A 1 151 ? -4.775  7.667   -8.865  1.00 15.42 ? 151 PHE X CA    1 
ATOM   1215 C C     . PHE A 1 151 ? -3.871  8.886   -8.736  1.00 20.03 ? 151 PHE X C     1 
ATOM   1216 O O     . PHE A 1 151 ? -3.655  9.613   -9.707  1.00 18.33 ? 151 PHE X O     1 
ATOM   1217 C CB    . PHE A 1 151 ? -4.317  6.807   -10.041 1.00 15.16 ? 151 PHE X CB    1 
ATOM   1218 C CG    . PHE A 1 151 ? -5.164  5.586   -10.278 1.00 14.07 ? 151 PHE X CG    1 
ATOM   1219 C CD1   . PHE A 1 151 ? -5.099  4.501   -9.416  1.00 14.32 ? 151 PHE X CD1   1 
ATOM   1220 C CD2   . PHE A 1 151 ? -6.006  5.509   -11.379 1.00 14.04 ? 151 PHE X CD2   1 
ATOM   1221 C CE1   . PHE A 1 151 ? -5.852  3.370   -9.636  1.00 15.17 ? 151 PHE X CE1   1 
ATOM   1222 C CE2   . PHE A 1 151 ? -6.778  4.382   -11.593 1.00 12.55 ? 151 PHE X CE2   1 
ATOM   1223 C CZ    . PHE A 1 151 ? -6.690  3.302   -10.717 1.00 15.30 ? 151 PHE X CZ    1 
ATOM   1224 N N     . LEU A 1 152 ? -3.324  9.097   -7.549  1.00 14.53 ? 152 LEU X N     1 
ATOM   1225 C CA    . LEU A 1 152 ? -2.401  10.188  -7.294  1.00 17.18 ? 152 LEU X CA    1 
ATOM   1226 C C     . LEU A 1 152 ? -0.986  9.645   -7.215  1.00 19.24 ? 152 LEU X C     1 
ATOM   1227 O O     . LEU A 1 152 ? -0.752  8.588   -6.622  1.00 20.89 ? 152 LEU X O     1 
ATOM   1228 C CB    . LEU A 1 152 ? -2.721  10.886  -5.975  1.00 15.53 ? 152 LEU X CB    1 
ATOM   1229 C CG    . LEU A 1 152 ? -4.103  11.473  -5.762  1.00 21.16 ? 152 LEU X CG    1 
ATOM   1230 C CD1   . LEU A 1 152 ? -4.197  11.989  -4.338  1.00 19.16 ? 152 LEU X CD1   1 
ATOM   1231 C CD2   . LEU A 1 152 ? -4.354  12.580  -6.764  1.00 17.73 ? 152 LEU X CD2   1 
ATOM   1232 N N     . HIS A 1 153 ? -0.040  10.382  -7.788  1.00 20.37 ? 153 HIS X N     1 
ATOM   1233 C CA    . HIS A 1 153 ? 1.380   10.191  -7.514  1.00 17.31 ? 153 HIS X CA    1 
ATOM   1234 C C     . HIS A 1 153 ? 1.873   11.460  -6.841  1.00 18.96 ? 153 HIS X C     1 
ATOM   1235 O O     . HIS A 1 153 ? 1.963   12.511  -7.489  1.00 17.08 ? 153 HIS X O     1 
ATOM   1236 C CB    . HIS A 1 153 ? 2.183   9.910   -8.780  1.00 22.15 ? 153 HIS X CB    1 
ATOM   1237 C CG    . HIS A 1 153 ? 3.621   9.592   -8.511  1.00 22.81 ? 153 HIS X CG    1 
ATOM   1238 N ND1   . HIS A 1 153 ? 4.599   9.678   -9.482  1.00 17.97 ? 153 HIS X ND1   1 
ATOM   1239 C CD2   . HIS A 1 153 ? 4.243   9.179   -7.380  1.00 16.86 ? 153 HIS X CD2   1 
ATOM   1240 C CE1   . HIS A 1 153 ? 5.763   9.339   -8.955  1.00 18.82 ? 153 HIS X CE1   1 
ATOM   1241 N NE2   . HIS A 1 153 ? 5.574   9.032   -7.683  1.00 18.13 ? 153 HIS X NE2   1 
ATOM   1242 N N     . LEU A 1 154 ? 2.167   11.356  -5.552  1.00 13.29 ? 154 LEU X N     1 
ATOM   1243 C CA    . LEU A 1 154 ? 2.626   12.464  -4.709  1.00 21.48 ? 154 LEU X CA    1 
ATOM   1244 C C     . LEU A 1 154 ? 4.122   12.327  -4.440  1.00 16.63 ? 154 LEU X C     1 
ATOM   1245 O O     . LEU A 1 154 ? 4.593   11.245  -4.078  1.00 18.12 ? 154 LEU X O     1 
ATOM   1246 C CB    . LEU A 1 154 ? 1.863   12.471  -3.378  1.00 20.31 ? 154 LEU X CB    1 
ATOM   1247 C CG    . LEU A 1 154 ? 0.594   13.307  -3.191  1.00 30.12 ? 154 LEU X CG    1 
ATOM   1248 C CD1   . LEU A 1 154 ? -0.305  13.296  -4.432  1.00 23.89 ? 154 LEU X CD1   1 
ATOM   1249 C CD2   . LEU A 1 154 ? -0.158  12.770  -1.969  1.00 21.76 ? 154 LEU X CD2   1 
ATOM   1250 N N     . ILE A 1 155 ? 4.863   13.417  -4.604  1.00 18.41 ? 155 ILE X N     1 
ATOM   1251 C CA    . ILE A 1 155 ? 6.300   13.413  -4.369  1.00 21.04 ? 155 ILE X CA    1 
ATOM   1252 C C     . ILE A 1 155 ? 6.590   14.431  -3.282  1.00 20.84 ? 155 ILE X C     1 
ATOM   1253 O O     . ILE A 1 155 ? 6.000   15.518  -3.266  1.00 19.79 ? 155 ILE X O     1 
ATOM   1254 C CB    . ILE A 1 155 ? 7.105   13.712  -5.655  1.00 25.97 ? 155 ILE X CB    1 
ATOM   1255 C CG1   . ILE A 1 155 ? 6.775   12.682  -6.742  1.00 20.56 ? 155 ILE X CG1   1 
ATOM   1256 C CG2   . ILE A 1 155 ? 8.601   13.664  -5.378  1.00 27.43 ? 155 ILE X CG2   1 
ATOM   1257 C CD1   . ILE A 1 155 ? 7.291   13.067  -8.101  1.00 27.36 ? 155 ILE X CD1   1 
ATOM   1258 N N     . ARG A 1 156 ? 7.449   14.056  -2.336  1.00 24.10 ? 156 ARG X N     1 
ATOM   1259 C CA    . ARG A 1 156 ? 7.718   14.932  -1.204  1.00 24.17 ? 156 ARG X CA    1 
ATOM   1260 C C     . ARG A 1 156 ? 8.393   16.207  -1.692  1.00 27.25 ? 156 ARG X C     1 
ATOM   1261 O O     . ARG A 1 156 ? 9.292   16.164  -2.536  1.00 31.12 ? 156 ARG X O     1 
ATOM   1262 C CB    . ARG A 1 156 ? 8.600   14.215  -0.174  1.00 28.56 ? 156 ARG X CB    1 
ATOM   1263 C CG    . ARG A 1 156 ? 8.774   14.953  1.140   1.00 29.67 ? 156 ARG X CG    1 
ATOM   1264 C CD    . ARG A 1 156 ? 9.804   14.248  2.019   1.00 32.12 ? 156 ARG X CD    1 
ATOM   1265 N NE    . ARG A 1 156 ? 9.424   12.870  2.316   1.00 30.74 ? 156 ARG X NE    1 
ATOM   1266 C CZ    . ARG A 1 156 ? 8.624   12.510  3.317   1.00 28.91 ? 156 ARG X CZ    1 
ATOM   1267 N NH1   . ARG A 1 156 ? 8.099   13.424  4.126   1.00 27.77 ? 156 ARG X NH1   1 
ATOM   1268 N NH2   . ARG A 1 156 ? 8.340   11.230  3.499   1.00 26.63 ? 156 ARG X NH2   1 
ATOM   1269 N N     . LYS A 1 157 ? 7.952   17.344  -1.170  1.00 27.07 ? 157 LYS X N     1 
ATOM   1270 C CA    . LYS A 1 157 ? 8.539   18.623  -1.556  1.00 33.14 ? 157 LYS X CA    1 
ATOM   1271 C C     . LYS A 1 157 ? 9.898   18.845  -0.897  1.00 39.48 ? 157 LYS X C     1 
ATOM   1272 O O     . LYS A 1 157 ? 10.809  19.412  -1.509  1.00 42.80 ? 157 LYS X O     1 
ATOM   1273 C CB    . LYS A 1 157 ? 7.600   19.770  -1.207  1.00 29.25 ? 157 LYS X CB    1 
ATOM   1274 C CG    . LYS A 1 157 ? 6.404   19.873  -2.129  1.00 31.12 ? 157 LYS X CG    1 
ATOM   1275 C CD    . LYS A 1 157 ? 5.522   21.041  -1.743  1.00 28.56 ? 157 LYS X CD    1 
ATOM   1276 C CE    . LYS A 1 157 ? 4.319   21.140  -2.646  1.00 32.97 ? 157 LYS X CE    1 
ATOM   1277 N NZ    . LYS A 1 157 ? 3.456   22.280  -2.231  1.00 43.02 ? 157 LYS X NZ    1 
ATOM   1278 O OXT   . LYS A 1 157 ? 10.118  18.458  0.253   1.00 38.67 ? 157 LYS X OXT   1 
HETATM 1279 C C4    . O71 B 2 .   ? -4.504  -1.964  -2.736  1.00 16.83 ? 201 O71 X C4    1 
HETATM 1280 C C5    . O71 B 2 .   ? -3.501  -2.181  -1.796  1.00 16.81 ? 201 O71 X C5    1 
HETATM 1281 C C6    . O71 B 2 .   ? -2.475  -1.243  -1.705  1.00 17.72 ? 201 O71 X C6    1 
HETATM 1282 N N1    . O71 B 2 .   ? -2.447  -0.170  -2.501  1.00 15.96 ? 201 O71 X N1    1 
HETATM 1283 N N3    . O71 B 2 .   ? -4.433  -0.869  -3.510  1.00 16.94 ? 201 O71 X N3    1 
HETATM 1284 C C2    . O71 B 2 .   ? -3.430  0.020   -3.393  1.00 17.06 ? 201 O71 X C2    1 
HETATM 1285 C CAI   . O71 B 2 .   ? -5.576  -2.844  -2.901  1.00 18.38 ? 201 O71 X CAI   1 
HETATM 1286 C CAJ   . O71 B 2 .   ? -5.408  -3.672  -4.188  1.00 20.29 ? 201 O71 X CAJ   1 
HETATM 1287 C CAK   . O71 B 2 .   ? -3.531  -3.356  -0.943  1.00 19.11 ? 201 O71 X CAK   1 
HETATM 1288 C CAL   . O71 B 2 .   ? -3.616  -4.305  -0.304  1.00 19.37 ? 201 O71 X CAL   1 
HETATM 1289 C CAM   . O71 B 2 .   ? -3.787  -5.593  0.460   1.00 21.24 ? 201 O71 X CAM   1 
HETATM 1290 C CAN   . O71 B 2 .   ? -4.391  -6.500  -0.429  1.00 23.27 ? 201 O71 X CAN   1 
HETATM 1291 C CAO   . O71 B 2 .   ? -4.018  -6.585  -1.776  1.00 20.83 ? 201 O71 X CAO   1 
HETATM 1292 C CAP   . O71 B 2 .   ? -4.653  -7.504  -2.625  1.00 29.27 ? 201 O71 X CAP   1 
HETATM 1293 C CAQ   . O71 B 2 .   ? -5.613  -8.296  -2.111  1.00 36.36 ? 201 O71 X CAQ   1 
HETATM 1294 C CAR   . O71 B 2 .   ? -5.974  -8.211  -0.818  1.00 37.32 ? 201 O71 X CAR   1 
HETATM 1295 C CAS   . O71 B 2 .   ? -5.399  -7.340  0.012   1.00 24.67 ? 201 O71 X CAS   1 
HETATM 1296 C CAT   . O71 B 2 .   ? -4.267  -7.599  -3.989  1.00 30.99 ? 201 O71 X CAT   1 
HETATM 1297 C CAU   . O71 B 2 .   ? -3.599  -6.538  -4.611  1.00 21.87 ? 201 O71 X CAU   1 
HETATM 1298 C CAV   . O71 B 2 .   ? -3.201  -6.606  -5.948  1.00 25.06 ? 201 O71 X CAV   1 
HETATM 1299 C CAW   . O71 B 2 .   ? -3.445  -7.752  -6.701  1.00 21.60 ? 201 O71 X CAW   1 
HETATM 1300 C CAX   . O71 B 2 .   ? -4.116  -8.816  -6.108  1.00 26.69 ? 201 O71 X CAX   1 
HETATM 1301 C CAY   . O71 B 2 .   ? -4.508  -8.738  -4.771  1.00 29.44 ? 201 O71 X CAY   1 
HETATM 1302 C CAZ   . O71 B 2 .   ? -3.055  -7.801  -8.045  1.00 26.02 ? 201 O71 X CAZ   1 
HETATM 1303 C CBA   . O71 B 2 .   ? -1.582  -8.231  -8.249  1.00 31.89 ? 201 O71 X CBA   1 
HETATM 1304 C CBE   . O71 B 2 .   ? -6.830  -10.054 -1.596  1.00 36.88 ? 201 O71 X CBE   1 
HETATM 1305 C CBG   . O71 B 2 .   ? -4.627  -5.425  1.713   1.00 24.50 ? 201 O71 X CBG   1 
HETATM 1306 N NAG   . O71 B 2 .   ? -1.525  -1.450  -0.809  1.00 17.24 ? 201 O71 X NAG   1 
HETATM 1307 N NAH   . O71 B 2 .   ? -3.405  1.100   -4.175  1.00 19.35 ? 201 O71 X NAH   1 
HETATM 1308 O OBB   . O71 B 2 .   ? -1.393  -9.359  -8.781  1.00 30.17 ? 201 O71 X OBB   1 
HETATM 1309 O OBC   . O71 B 2 .   ? -0.687  -7.394  -7.951  1.00 25.53 ? 201 O71 X OBC   1 
HETATM 1310 O OBD   . O71 B 2 .   ? -6.377  -9.247  -2.715  1.00 47.23 ? 201 O71 X OBD   1 
HETATM 1311 O OBF   . O71 B 2 .   ? -6.969  -9.102  -0.532  1.00 41.65 ? 201 O71 X OBF   1 
HETATM 1312 O "O3'" B XNP C 3 .   ? -6.727  -5.487  10.443  0.39 21.48 ? 202 XNP X "O3'" 1 
HETATM 1313 C "C3'" B XNP C 3 .   ? -5.379  -5.588  9.963   0.39 20.36 ? 202 XNP X "C3'" 1 
HETATM 1314 C "C2'" B XNP C 3 .   ? -5.291  -5.769  8.469   0.39 21.51 ? 202 XNP X "C2'" 1 
HETATM 1315 O "O2'" B XNP C 3 .   ? -6.527  -5.726  7.731   0.39 21.12 ? 202 XNP X "O2'" 1 
HETATM 1316 C CAA   B XNP C 3 .   ? -6.201  -4.788  6.666   0.39 20.05 ? 202 XNP X CAA   1 
HETATM 1317 C CAB   B XNP C 3 .   ? -6.727  -5.161  5.319   0.39 20.53 ? 202 XNP X CAB   1 
HETATM 1318 C CAC   B XNP C 3 .   ? -6.337  -4.001  4.414   0.39 18.94 ? 202 XNP X CAC   1 
HETATM 1319 C CAD   B XNP C 3 .   ? -5.008  -3.596  4.628   0.39 18.99 ? 202 XNP X CAD   1 
HETATM 1320 C CBT   B XNP C 3 .   ? -4.410  -2.734  3.724   0.39 18.33 ? 202 XNP X CBT   1 
HETATM 1321 O OBV   B XNP C 3 .   ? -3.255  -2.353  3.907   0.39 18.73 ? 202 XNP X OBV   1 
HETATM 1322 N NBU   B XNP C 3 .   ? -5.168  -2.369  2.694   0.39 18.54 ? 202 XNP X NBU   1 
HETATM 1323 C CAE   B XNP C 3 .   ? -4.272  -3.940  5.765   0.39 18.54 ? 202 XNP X CAE   1 
HETATM 1324 N NAF   B XNP C 3 .   ? -4.738  -4.803  6.652   0.39 19.53 ? 202 XNP X NAF   1 
HETATM 1325 C "C1'" B XNP C 3 .   ? -4.742  -4.426  8.062   0.39 19.87 ? 202 XNP X "C1'" 1 
HETATM 1326 O "O4'" B XNP C 3 .   ? -3.687  -4.285  9.008   0.39 19.31 ? 202 XNP X "O4'" 1 
HETATM 1327 C "C4'" B XNP C 3 .   ? -4.645  -4.250  10.115  0.39 18.81 ? 202 XNP X "C4'" 1 
HETATM 1328 C "C5'" B XNP C 3 .   ? -4.105  -4.155  11.540  0.39 19.28 ? 202 XNP X "C5'" 1 
HETATM 1329 O "O5'" B XNP C 3 .   ? -3.366  -2.962  11.676  0.39 19.70 ? 202 XNP X "O5'" 1 
HETATM 1330 P PAN   B XNP C 3 .   ? -1.804  -2.925  11.337  0.39 17.81 ? 202 XNP X PAN   1 
HETATM 1331 O OBP   B XNP C 3 .   ? -1.484  -1.729  10.523  0.39 18.71 ? 202 XNP X OBP   1 
HETATM 1332 O OBO   B XNP C 3 .   ? -1.081  -2.916  12.768  0.39 18.01 ? 202 XNP X OBO   1 
HETATM 1333 O OAO   B XNP C 3 .   ? -1.334  -4.283  10.623  0.39 19.33 ? 202 XNP X OAO   1 
HETATM 1334 P PAP   B XNP C 3 .   ? -0.127  -4.192  9.506   0.39 19.08 ? 202 XNP X PAP   1 
HETATM 1335 O OBQ   B XNP C 3 .   ? -0.097  -5.496  8.503   0.39 16.85 ? 202 XNP X OBQ   1 
HETATM 1336 O OBR   B XNP C 3 .   ? 1.131   -3.434  9.806   0.39 18.44 ? 202 XNP X OBR   1 
HETATM 1337 O OAQ   B XNP C 3 .   ? 0.564   -5.348  10.454  0.39 17.64 ? 202 XNP X OAQ   1 
HETATM 1338 C CAR   B XNP C 3 .   ? 0.877   -5.166  11.852  0.39 18.73 ? 202 XNP X CAR   1 
HETATM 1339 C CAS   B XNP C 3 .   ? 2.048   -6.074  12.279  0.39 19.71 ? 202 XNP X CAS   1 
HETATM 1340 O OAW   B XNP C 3 .   ? 3.282   -5.786  11.562  0.39 20.40 ? 202 XNP X OAW   1 
HETATM 1341 C CAT   B XNP C 3 .   ? 2.463   -5.829  13.713  0.39 20.06 ? 202 XNP X CAT   1 
HETATM 1342 O OAZ   B XNP C 3 .   ? 1.499   -6.357  14.630  0.39 18.85 ? 202 XNP X OAZ   1 
HETATM 1343 C CAU   B XNP C 3 .   ? 3.702   -6.676  13.688  0.39 19.84 ? 202 XNP X CAU   1 
HETATM 1344 O OAY   B XNP C 3 .   ? 3.363   -8.032  13.359  0.39 19.23 ? 202 XNP X OAY   1 
HETATM 1345 P PBA   B XNP C 3 .   ? 3.496   -9.136  14.546  0.39 18.00 ? 202 XNP X PBA   1 
HETATM 1346 O OBB   B XNP C 3 .   ? 3.187   -10.552 13.851  0.39 21.32 ? 202 XNP X OBB   1 
HETATM 1347 O OBC   B XNP C 3 .   ? 2.257   -8.848  15.537  0.39 17.28 ? 202 XNP X OBC   1 
HETATM 1348 O OBD   B XNP C 3 .   ? 4.822   -9.047  15.200  0.39 19.36 ? 202 XNP X OBD   1 
HETATM 1349 C CAV   B XNP C 3 .   ? 4.369   -5.983  12.515  0.39 19.77 ? 202 XNP X CAV   1 
HETATM 1350 N NAX   B XNP C 3 .   ? 4.909   -4.702  12.988  0.39 19.20 ? 202 XNP X NAX   1 
HETATM 1351 C CBE   B XNP C 3 .   ? 4.855   -3.609  12.004  0.39 20.19 ? 202 XNP X CBE   1 
HETATM 1352 N NBF   B XNP C 3 .   ? 5.857   -2.687  12.637  0.39 21.00 ? 202 XNP X NBF   1 
HETATM 1353 C CBG   B XNP C 3 .   ? 6.733   -3.456  13.300  0.39 21.21 ? 202 XNP X CBG   1 
HETATM 1354 C CBH   B XNP C 3 .   ? 6.370   -4.761  12.975  0.39 21.72 ? 202 XNP X CBH   1 
HETATM 1355 N NBL   B XNP C 3 .   ? 7.086   -5.829  13.713  0.39 21.43 ? 202 XNP X NBL   1 
HETATM 1356 C CBK   B XNP C 3 .   ? 8.232   -5.493  14.435  0.39 22.25 ? 202 XNP X CBK   1 
HETATM 1357 N NBJ   B XNP C 3 .   ? 8.561   -4.143  14.595  0.39 22.33 ? 202 XNP X NBJ   1 
HETATM 1358 C CBI   B XNP C 3 .   ? 7.809   -3.187  14.035  0.39 21.46 ? 202 XNP X CBI   1 
HETATM 1359 N NBM   B XNP C 3 .   ? 8.114   -1.903  14.188  0.39 21.61 ? 202 XNP X NBM   1 
HETATM 1360 P PA    A NAP D 4 .   ? -0.019  -4.085  9.717   0.64 18.71 ? 203 NAP X PA    1 
HETATM 1361 O O1A   A NAP D 4 .   ? 0.607   -2.742  9.620   0.64 14.92 ? 203 NAP X O1A   1 
HETATM 1362 O O2A   A NAP D 4 .   ? -0.250  -4.639  8.359   0.64 16.46 ? 203 NAP X O2A   1 
HETATM 1363 O O5B   A NAP D 4 .   ? 0.861   -5.129  10.594  0.64 17.60 ? 203 NAP X O5B   1 
HETATM 1364 C C5B   A NAP D 4 .   ? 1.237   -4.877  11.939  0.64 18.67 ? 203 NAP X C5B   1 
HETATM 1365 C C4B   A NAP D 4 .   ? 2.287   -5.906  12.337  0.64 19.83 ? 203 NAP X C4B   1 
HETATM 1366 O O4B   A NAP D 4 .   ? 3.467   -5.659  11.600  0.64 20.60 ? 203 NAP X O4B   1 
HETATM 1367 C C3B   A NAP D 4 .   ? 2.729   -5.898  13.795  0.64 20.23 ? 203 NAP X C3B   1 
HETATM 1368 O O3B   A NAP D 4 .   ? 1.884   -6.700  14.580  0.64 18.56 ? 203 NAP X O3B   1 
HETATM 1369 C C2B   A NAP D 4 .   ? 4.132   -6.469  13.702  0.64 19.56 ? 203 NAP X C2B   1 
HETATM 1370 O O2B   A NAP D 4 .   ? 4.068   -7.864  13.531  0.64 19.86 ? 203 NAP X O2B   1 
HETATM 1371 C C1B   A NAP D 4 .   ? 4.616   -5.948  12.363  0.64 19.66 ? 203 NAP X C1B   1 
HETATM 1372 N N9A   A NAP D 4 .   ? 5.429   -4.742  12.577  0.64 19.75 ? 203 NAP X N9A   1 
HETATM 1373 C C8A   A NAP D 4 .   ? 5.064   -3.429  12.399  0.64 20.05 ? 203 NAP X C8A   1 
HETATM 1374 N N7A   A NAP D 4 .   ? 6.134   -2.653  12.709  0.64 21.01 ? 203 NAP X N7A   1 
HETATM 1375 C C5A   A NAP D 4 .   ? 7.162   -3.454  13.086  0.64 20.74 ? 203 NAP X C5A   1 
HETATM 1376 C C6A   A NAP D 4 .   ? 8.461   -3.195  13.501  0.64 23.00 ? 203 NAP X C6A   1 
HETATM 1377 N N6A   A NAP D 4 .   ? 8.900   -1.943  13.592  0.64 22.17 ? 203 NAP X N6A   1 
HETATM 1378 N N1A   A NAP D 4 .   ? 9.300   -4.246  13.817  0.64 22.68 ? 203 NAP X N1A   1 
HETATM 1379 C C2A   A NAP D 4 .   ? 8.852   -5.547  13.722  0.64 21.44 ? 203 NAP X C2A   1 
HETATM 1380 N N3A   A NAP D 4 .   ? 7.560   -5.797  13.309  0.64 21.01 ? 203 NAP X N3A   1 
HETATM 1381 C C4A   A NAP D 4 .   ? 6.731   -4.766  13.004  0.64 22.04 ? 203 NAP X C4A   1 
HETATM 1382 O O3    A NAP D 4 .   ? -1.400  -4.031  10.538  0.64 19.03 ? 203 NAP X O3    1 
HETATM 1383 P PN    A NAP D 4 .   ? -2.647  -3.025  10.673  0.64 19.67 ? 203 NAP X PN    1 
HETATM 1384 O O1N   A NAP D 4 .   ? -3.652  -3.709  11.518  0.64 17.95 ? 203 NAP X O1N   1 
HETATM 1385 O O2N   A NAP D 4 .   ? -2.188  -1.682  11.073  0.64 17.29 ? 203 NAP X O2N   1 
HETATM 1386 O O5D   A NAP D 4 .   ? -3.184  -2.926  9.150   0.64 19.64 ? 203 NAP X O5D   1 
HETATM 1387 C C5D   A NAP D 4 .   ? -3.990  -3.934  8.582   0.64 18.94 ? 203 NAP X C5D   1 
HETATM 1388 C C4D   A NAP D 4 .   ? -5.153  -3.325  7.803   0.64 20.50 ? 203 NAP X C4D   1 
HETATM 1389 O O4D   A NAP D 4 .   ? -4.685  -2.487  6.751   0.64 16.75 ? 203 NAP X O4D   1 
HETATM 1390 C C3D   A NAP D 4 .   ? -5.998  -4.417  7.156   0.64 18.74 ? 203 NAP X C3D   1 
HETATM 1391 O O3D   A NAP D 4 .   ? -7.369  -4.142  7.341   0.64 18.57 ? 203 NAP X O3D   1 
HETATM 1392 C C2D   A NAP D 4 .   ? -5.686  -4.323  5.680   0.64 19.90 ? 203 NAP X C2D   1 
HETATM 1393 O O2D   A NAP D 4 .   ? -6.835  -4.607  4.919   0.64 21.70 ? 203 NAP X O2D   1 
HETATM 1394 C C1D   A NAP D 4 .   ? -5.328  -2.859  5.541   0.64 17.33 ? 203 NAP X C1D   1 
HETATM 1395 N N1N   A NAP D 4 .   ? -4.514  -2.576  4.339   0.64 19.85 ? 203 NAP X N1N   1 
HETATM 1396 C C2N   A NAP D 4 .   ? -5.067  -1.782  3.372   0.64 17.59 ? 203 NAP X C2N   1 
HETATM 1397 C C3N   A NAP D 4 .   ? -4.357  -1.461  2.226   0.64 20.56 ? 203 NAP X C3N   1 
HETATM 1398 C C7N   A NAP D 4 .   ? -4.889  -0.394  1.316   0.64 17.80 ? 203 NAP X C7N   1 
HETATM 1399 O O7N   A NAP D 4 .   ? -4.006  0.208   0.399   0.64 18.65 ? 203 NAP X O7N   1 
HETATM 1400 N N7N   A NAP D 4 .   ? -6.177  -0.046  1.398   0.64 18.41 ? 203 NAP X N7N   1 
HETATM 1401 C C4N   A NAP D 4 .   ? -3.063  -1.961  2.062   0.64 20.07 ? 203 NAP X C4N   1 
HETATM 1402 C C5N   A NAP D 4 .   ? -2.511  -2.763  3.059   0.64 16.15 ? 203 NAP X C5N   1 
HETATM 1403 C C6N   A NAP D 4 .   ? -3.248  -3.067  4.199   0.64 16.96 ? 203 NAP X C6N   1 
HETATM 1404 P P2B   A NAP D 4 .   ? 4.154   -8.906  14.748  0.64 20.65 ? 203 NAP X P2B   1 
HETATM 1405 O O1X   A NAP D 4 .   ? 3.040   -8.601  15.726  0.64 15.07 ? 203 NAP X O1X   1 
HETATM 1406 O O2X   A NAP D 4 .   ? 3.978   -10.290 14.172  0.64 20.89 ? 203 NAP X O2X   1 
HETATM 1407 O O3X   A NAP D 4 .   ? 5.512   -8.768  15.376  0.64 20.34 ? 203 NAP X O3X   1 
HETATM 1408 O O     B HOH E 5 .   ? -2.244  -1.046  2.486   0.49 18.50 ? 301 HOH X O     1 
HETATM 1409 O O     . HOH E 5 .   ? -20.297 4.624   4.856   1.00 30.30 ? 302 HOH X O     1 
HETATM 1410 O O     . HOH E 5 .   ? 13.061  -2.658  -8.460  1.00 29.54 ? 303 HOH X O     1 
HETATM 1411 O O     . HOH E 5 .   ? -1.880  -3.556  14.890  1.00 28.90 ? 304 HOH X O     1 
HETATM 1412 O O     . HOH E 5 .   ? 5.789   13.537  6.117   1.00 35.74 ? 305 HOH X O     1 
HETATM 1413 O O     . HOH E 5 .   ? -15.107 6.507   5.737   1.00 20.30 ? 306 HOH X O     1 
HETATM 1414 O O     . HOH E 5 .   ? 6.197   -3.423  -12.911 1.00 29.58 ? 307 HOH X O     1 
HETATM 1415 O O     . HOH E 5 .   ? -8.619  -1.291  -3.862  1.00 24.16 ? 308 HOH X O     1 
HETATM 1416 O O     B HOH E 5 .   ? -8.823  -4.318  9.614   0.94 21.68 ? 309 HOH X O     1 
HETATM 1417 O O     . HOH E 5 .   ? -7.655  14.263  -11.195 1.00 30.34 ? 310 HOH X O     1 
HETATM 1418 O O     . HOH E 5 .   ? -13.506 7.590   -11.111 1.00 16.33 ? 311 HOH X O     1 
HETATM 1419 O O     . HOH E 5 .   ? 12.396  -18.811 16.726  1.00 32.19 ? 312 HOH X O     1 
HETATM 1420 O O     . HOH E 5 .   ? 16.272  -8.924  9.838   1.00 36.86 ? 313 HOH X O     1 
HETATM 1421 O O     . HOH E 5 .   ? 9.833   0.946   -10.552 1.00 33.03 ? 314 HOH X O     1 
HETATM 1422 O O     . HOH E 5 .   ? 8.377   6.151   -7.804  1.00 22.17 ? 315 HOH X O     1 
HETATM 1423 O O     . HOH E 5 .   ? -1.296  9.293   -11.217 1.00 20.22 ? 316 HOH X O     1 
HETATM 1424 O O     . HOH E 5 .   ? 0.513   20.048  -3.652  1.00 34.40 ? 317 HOH X O     1 
HETATM 1425 O O     . HOH E 5 .   ? -16.772 -1.562  5.609   1.00 29.38 ? 318 HOH X O     1 
HETATM 1426 O O     . HOH E 5 .   ? -8.402  12.148  -15.036 1.00 24.60 ? 319 HOH X O     1 
HETATM 1427 O O     . HOH E 5 .   ? -18.653 0.738   4.382   1.00 23.79 ? 320 HOH X O     1 
HETATM 1428 O O     . HOH E 5 .   ? 3.010   -12.803 15.381  1.00 27.64 ? 321 HOH X O     1 
HETATM 1429 O O     . HOH E 5 .   ? -1.402  5.966   -7.624  1.00 16.99 ? 322 HOH X O     1 
HETATM 1430 O O     . HOH E 5 .   ? -3.134  6.148   10.749  1.00 15.85 ? 323 HOH X O     1 
HETATM 1431 O O     . HOH E 5 .   ? -11.263 -1.703  -16.580 1.00 35.58 ? 324 HOH X O     1 
HETATM 1432 O O     . HOH E 5 .   ? 8.336   -15.089 17.829  1.00 31.87 ? 325 HOH X O     1 
HETATM 1433 O O     . HOH E 5 .   ? -2.165  3.353   -5.596  1.00 15.22 ? 326 HOH X O     1 
HETATM 1434 O O     . HOH E 5 .   ? 0.757   -15.829 12.205  1.00 31.81 ? 327 HOH X O     1 
HETATM 1435 O O     . HOH E 5 .   ? -0.339  17.922  -11.222 1.00 22.36 ? 328 HOH X O     1 
HETATM 1436 O O     . HOH E 5 .   ? 3.225   -14.172 13.211  1.00 25.06 ? 329 HOH X O     1 
HETATM 1437 O O     . HOH E 5 .   ? 6.034   -15.352 -8.462  1.00 29.49 ? 330 HOH X O     1 
HETATM 1438 O O     . HOH E 5 .   ? 6.708   8.282   9.571   1.00 28.16 ? 331 HOH X O     1 
HETATM 1439 O O     . HOH E 5 .   ? 3.725   10.407  -12.151 1.00 19.99 ? 332 HOH X O     1 
HETATM 1440 O O     . HOH E 5 .   ? 2.467   -9.918  -11.629 1.00 31.05 ? 333 HOH X O     1 
HETATM 1441 O O     . HOH E 5 .   ? 4.654   12.911  -13.381 1.00 25.66 ? 334 HOH X O     1 
HETATM 1442 O O     . HOH E 5 .   ? -2.453  -8.161  17.431  1.00 26.88 ? 335 HOH X O     1 
HETATM 1443 O O     . HOH E 5 .   ? -6.115  15.439  -14.454 1.00 22.98 ? 336 HOH X O     1 
HETATM 1444 O O     . HOH E 5 .   ? -14.391 6.661   8.789   1.00 17.25 ? 337 HOH X O     1 
HETATM 1445 O O     A HOH E 5 .   ? -6.288  -5.231  11.545  0.96 25.72 ? 338 HOH X O     1 
HETATM 1446 O O     B HOH E 5 .   ? -4.678  0.070   0.934   0.51 17.27 ? 339 HOH X O     1 
HETATM 1447 O O     . HOH E 5 .   ? -5.268  13.916  5.663   1.00 25.12 ? 340 HOH X O     1 
HETATM 1448 O O     . HOH E 5 .   ? -0.147  7.087   -10.044 1.00 18.17 ? 341 HOH X O     1 
HETATM 1449 O O     . HOH E 5 .   ? -15.883 9.338   -11.888 1.00 28.71 ? 342 HOH X O     1 
HETATM 1450 O O     . HOH E 5 .   ? -13.295 8.932   10.096  1.00 20.17 ? 343 HOH X O     1 
HETATM 1451 O O     . HOH E 5 .   ? 5.337   4.949   14.552  1.00 34.84 ? 344 HOH X O     1 
HETATM 1452 O O     . HOH E 5 .   ? -14.978 -7.006  -7.784  1.00 33.24 ? 345 HOH X O     1 
# 
loop_
_pdbx_poly_seq_scheme.asym_id 
_pdbx_poly_seq_scheme.entity_id 
_pdbx_poly_seq_scheme.seq_id 
_pdbx_poly_seq_scheme.mon_id 
_pdbx_poly_seq_scheme.ndb_seq_num 
_pdbx_poly_seq_scheme.pdb_seq_num 
_pdbx_poly_seq_scheme.auth_seq_num 
_pdbx_poly_seq_scheme.pdb_mon_id 
_pdbx_poly_seq_scheme.auth_mon_id 
_pdbx_poly_seq_scheme.pdb_strand_id 
_pdbx_poly_seq_scheme.pdb_ins_code 
_pdbx_poly_seq_scheme.hetero 
A 1 1   THR 1   1   1   THR THR X . n 
A 1 2   LEU 2   2   2   LEU LEU X . n 
A 1 3   SER 3   3   3   SER SER X . n 
A 1 4   ILE 4   4   4   ILE ILE X . n 
A 1 5   LEU 5   5   5   LEU LEU X . n 
A 1 6   VAL 6   6   6   VAL VAL X . n 
A 1 7   ALA 7   7   7   ALA ALA X . n 
A 1 8   HIS 8   8   8   HIS HIS X . n 
A 1 9   ASP 9   9   9   ASP ASP X . n 
A 1 10  LEU 10  10  10  LEU LEU X . n 
A 1 11  GLN 11  11  11  GLN GLN X . n 
A 1 12  ARG 12  12  12  ARG ARG X . n 
A 1 13  VAL 13  13  13  VAL VAL X . n 
A 1 14  ILE 14  14  14  ILE ILE X . n 
A 1 15  GLY 15  15  15  GLY GLY X . n 
A 1 16  PHE 16  16  16  PHE PHE X . n 
A 1 17  GLU 17  17  17  GLU GLU X . n 
A 1 18  ASN 18  18  18  ASN ASN X . n 
A 1 19  GLN 19  19  19  GLN GLN X . n 
A 1 20  LEU 20  20  20  LEU LEU X . n 
A 1 21  PRO 21  21  21  PRO PRO X . n 
A 1 22  TRP 22  22  22  TRP TRP X . n 
A 1 23  HIS 23  23  23  HIS HIS X . n 
A 1 24  LEU 24  24  24  LEU LEU X . n 
A 1 25  PRO 25  25  25  PRO PRO X . n 
A 1 26  ASN 26  26  26  ASN ASN X . n 
A 1 27  ASP 27  27  27  ASP ASP X . n 
A 1 28  LEU 28  28  28  LEU LEU X . n 
A 1 29  LYS 29  29  29  LYS LYS X . n 
A 1 30  HIS 30  30  30  HIS HIS X . n 
A 1 31  VAL 31  31  31  VAL VAL X . n 
A 1 32  LYS 32  32  32  LYS LYS X . n 
A 1 33  LYS 33  33  33  LYS LYS X . n 
A 1 34  LEU 34  34  34  LEU LEU X . n 
A 1 35  SER 35  35  35  SER SER X . n 
A 1 36  THR 36  36  36  THR THR X . n 
A 1 37  GLY 37  37  37  GLY GLY X . n 
A 1 38  HIS 38  38  38  HIS HIS X . n 
A 1 39  THR 39  39  39  THR THR X . n 
A 1 40  LEU 40  40  40  LEU LEU X . n 
A 1 41  VAL 41  41  41  VAL VAL X . n 
A 1 42  MET 42  42  42  MET MET X . n 
A 1 43  GLY 43  43  43  GLY GLY X . n 
A 1 44  ARG 44  44  44  ARG ARG X . n 
A 1 45  LYS 45  45  45  LYS LYS X . n 
A 1 46  THR 46  46  46  THR THR X . n 
A 1 47  PHE 47  47  47  PHE PHE X . n 
A 1 48  GLU 48  48  48  GLU GLU X . n 
A 1 49  SER 49  49  49  SER SER X . n 
A 1 50  ILE 50  50  50  ILE ILE X . n 
A 1 51  GLY 51  51  51  GLY GLY X . n 
A 1 52  LYS 52  52  52  LYS LYS X . n 
A 1 53  PRO 53  53  53  PRO PRO X . n 
A 1 54  LEU 54  54  54  LEU LEU X . n 
A 1 55  PRO 55  55  55  PRO PRO X . n 
A 1 56  ASN 56  56  56  ASN ASN X . n 
A 1 57  ARG 57  57  57  ARG ARG X . n 
A 1 58  ARG 58  58  58  ARG ARG X . n 
A 1 59  ASN 59  59  59  ASN ASN X . n 
A 1 60  VAL 60  60  60  VAL VAL X . n 
A 1 61  VAL 61  61  61  VAL VAL X . n 
A 1 62  LEU 62  62  62  LEU LEU X . n 
A 1 63  THR 63  63  63  THR THR X . n 
A 1 64  SER 64  64  64  SER SER X . n 
A 1 65  ASP 65  65  65  ASP ASP X . n 
A 1 66  THR 66  66  66  THR THR X . n 
A 1 67  SER 67  67  67  SER SER X . n 
A 1 68  PHE 68  68  68  PHE PHE X . n 
A 1 69  ASN 69  69  69  ASN ASN X . n 
A 1 70  VAL 70  70  70  VAL VAL X . n 
A 1 71  GLU 71  71  71  GLU GLU X . n 
A 1 72  GLY 72  72  72  GLY GLY X . n 
A 1 73  VAL 73  73  73  VAL VAL X . n 
A 1 74  ASP 74  74  74  ASP ASP X . n 
A 1 75  VAL 75  75  75  VAL VAL X . n 
A 1 76  ILE 76  76  76  ILE ILE X . n 
A 1 77  HIS 77  77  77  HIS HIS X . n 
A 1 78  SER 78  78  78  SER SER X . n 
A 1 79  ILE 79  79  79  ILE ILE X . n 
A 1 80  GLU 80  80  80  GLU GLU X . n 
A 1 81  ASP 81  81  81  ASP ASP X . n 
A 1 82  ILE 82  82  82  ILE ILE X . n 
A 1 83  TYR 83  83  83  TYR TYR X . n 
A 1 84  GLN 84  84  84  GLN GLN X . n 
A 1 85  LEU 85  85  85  LEU LEU X . n 
A 1 86  PRO 86  86  86  PRO PRO X . n 
A 1 87  GLY 87  87  87  GLY GLY X . n 
A 1 88  HIS 88  88  88  HIS HIS X . n 
A 1 89  VAL 89  89  89  VAL VAL X . n 
A 1 90  PHE 90  90  90  PHE PHE X . n 
A 1 91  ILE 91  91  91  ILE ILE X . n 
A 1 92  PHE 92  92  92  PHE PHE X . n 
A 1 93  GLY 93  93  93  GLY GLY X . n 
A 1 94  GLY 94  94  94  GLY GLY X . n 
A 1 95  GLN 95  95  95  GLN GLN X . n 
A 1 96  THR 96  96  96  THR THR X . n 
A 1 97  LEU 97  97  97  LEU LEU X . n 
A 1 98  PHE 98  98  98  PHE PHE X . n 
A 1 99  GLU 99  99  99  GLU GLU X . n 
A 1 100 GLU 100 100 100 GLU GLU X . n 
A 1 101 MET 101 101 101 MET MET X . n 
A 1 102 ILE 102 102 102 ILE ILE X . n 
A 1 103 ASP 103 103 103 ASP ASP X . n 
A 1 104 LYS 104 104 104 LYS LYS X . n 
A 1 105 VAL 105 105 105 VAL VAL X . n 
A 1 106 ASP 106 106 106 ASP ASP X . n 
A 1 107 ASP 107 107 107 ASP ASP X . n 
A 1 108 MET 108 108 108 MET MET X . n 
A 1 109 TYR 109 109 109 TYR TYR X . n 
A 1 110 ILE 110 110 110 ILE ILE X . n 
A 1 111 THR 111 111 111 THR THR X . n 
A 1 112 VAL 112 112 112 VAL VAL X . n 
A 1 113 ILE 113 113 113 ILE ILE X . n 
A 1 114 GLU 114 114 114 GLU GLU X . n 
A 1 115 GLY 115 115 115 GLY GLY X . n 
A 1 116 LYS 116 116 116 LYS LYS X . n 
A 1 117 PHE 117 117 117 PHE PHE X . n 
A 1 118 ARG 118 118 118 ARG ARG X . n 
A 1 119 GLY 119 119 119 GLY GLY X . n 
A 1 120 ASP 120 120 120 ASP ASP X . n 
A 1 121 THR 121 121 121 THR THR X . n 
A 1 122 PHE 122 122 122 PHE PHE X . n 
A 1 123 PHE 123 123 123 PHE PHE X . n 
A 1 124 PRO 124 124 124 PRO PRO X . n 
A 1 125 PRO 125 125 125 PRO PRO X . n 
A 1 126 TYR 126 126 126 TYR TYR X . n 
A 1 127 THR 127 127 127 THR THR X . n 
A 1 128 PHE 128 128 128 PHE PHE X . n 
A 1 129 GLU 129 129 129 GLU GLU X . n 
A 1 130 ASP 130 130 130 ASP ASP X . n 
A 1 131 TRP 131 131 131 TRP TRP X . n 
A 1 132 GLU 132 132 132 GLU GLU X . n 
A 1 133 VAL 133 133 133 VAL VAL X . n 
A 1 134 ALA 134 134 134 ALA ALA X . n 
A 1 135 SER 135 135 135 SER SER X . n 
A 1 136 SER 136 136 136 SER SER X . n 
A 1 137 VAL 137 137 137 VAL VAL X . n 
A 1 138 GLU 138 138 138 GLU GLU X . n 
A 1 139 GLY 139 139 139 GLY GLY X . n 
A 1 140 LYS 140 140 140 LYS LYS X . n 
A 1 141 LEU 141 141 141 LEU LEU X . n 
A 1 142 ASP 142 142 142 ASP ASP X . n 
A 1 143 GLU 143 143 143 GLU GLU X . n 
A 1 144 LYS 144 144 144 LYS LYS X . n 
A 1 145 ASN 145 145 145 ASN ASN X . n 
A 1 146 THR 146 146 146 THR THR X . n 
A 1 147 ILE 147 147 147 ILE ILE X . n 
A 1 148 PRO 148 148 148 PRO PRO X . n 
A 1 149 HIS 149 149 149 HIS HIS X . n 
A 1 150 THR 150 150 150 THR THR X . n 
A 1 151 PHE 151 151 151 PHE PHE X . n 
A 1 152 LEU 152 152 152 LEU LEU X . n 
A 1 153 HIS 153 153 153 HIS HIS X . n 
A 1 154 LEU 154 154 154 LEU LEU X . n 
A 1 155 ILE 155 155 155 ILE ILE X . n 
A 1 156 ARG 156 156 156 ARG ARG X . n 
A 1 157 LYS 157 157 157 LYS LYS X . n 
# 
loop_
_pdbx_nonpoly_scheme.asym_id 
_pdbx_nonpoly_scheme.entity_id 
_pdbx_nonpoly_scheme.mon_id 
_pdbx_nonpoly_scheme.ndb_seq_num 
_pdbx_nonpoly_scheme.pdb_seq_num 
_pdbx_nonpoly_scheme.auth_seq_num 
_pdbx_nonpoly_scheme.pdb_mon_id 
_pdbx_nonpoly_scheme.auth_mon_id 
_pdbx_nonpoly_scheme.pdb_strand_id 
_pdbx_nonpoly_scheme.pdb_ins_code 
B 2 O71 1  201 1   O71 DRG X . 
C 3 XNP 1  202 1   XNP ANH X . 
D 4 NAP 1  203 208 NAP NAP X . 
E 5 HOH 1  301 5   HOH HOH X . 
E 5 HOH 2  302 40  HOH HOH X . 
E 5 HOH 3  303 26  HOH HOH X . 
E 5 HOH 4  304 27  HOH HOH X . 
E 5 HOH 5  305 32  HOH HOH X . 
E 5 HOH 6  306 6   HOH HOH X . 
E 5 HOH 7  307 18  HOH HOH X . 
E 5 HOH 8  308 13  HOH HOH X . 
E 5 HOH 9  309 2   HOH HOH X . 
E 5 HOH 10 310 38  HOH HOH X . 
E 5 HOH 11 311 9   HOH HOH X . 
E 5 HOH 12 312 37  HOH HOH X . 
E 5 HOH 13 313 25  HOH HOH X . 
E 5 HOH 14 314 29  HOH HOH X . 
E 5 HOH 15 315 8   HOH HOH X . 
E 5 HOH 16 316 20  HOH HOH X . 
E 5 HOH 17 317 33  HOH HOH X . 
E 5 HOH 18 318 31  HOH HOH X . 
E 5 HOH 19 319 34  HOH HOH X . 
E 5 HOH 20 320 21  HOH HOH X . 
E 5 HOH 21 321 14  HOH HOH X . 
E 5 HOH 22 322 3   HOH HOH X . 
E 5 HOH 23 323 5   HOH HOH X . 
E 5 HOH 24 324 42  HOH HOH X . 
E 5 HOH 25 325 23  HOH HOH X . 
E 5 HOH 26 326 2   HOH HOH X . 
E 5 HOH 27 327 35  HOH HOH X . 
E 5 HOH 28 328 16  HOH HOH X . 
E 5 HOH 29 329 19  HOH HOH X . 
E 5 HOH 30 330 30  HOH HOH X . 
E 5 HOH 31 331 28  HOH HOH X . 
E 5 HOH 32 332 7   HOH HOH X . 
E 5 HOH 33 333 24  HOH HOH X . 
E 5 HOH 34 334 15  HOH HOH X . 
E 5 HOH 35 335 22  HOH HOH X . 
E 5 HOH 36 336 17  HOH HOH X . 
E 5 HOH 37 337 10  HOH HOH X . 
E 5 HOH 38 338 1   HOH HOH X . 
E 5 HOH 39 339 4   HOH HOH X . 
E 5 HOH 40 340 4   HOH HOH X . 
E 5 HOH 41 341 12  HOH HOH X . 
E 5 HOH 42 342 36  HOH HOH X . 
E 5 HOH 43 343 11  HOH HOH X . 
E 5 HOH 44 344 41  HOH HOH X . 
E 5 HOH 45 345 39  HOH HOH X . 
# 
_pdbx_struct_assembly.id                   1 
_pdbx_struct_assembly.details              author_and_software_defined_assembly 
_pdbx_struct_assembly.method_details       PISA 
_pdbx_struct_assembly.oligomeric_details   monomeric 
_pdbx_struct_assembly.oligomeric_count     1 
# 
_pdbx_struct_assembly_gen.assembly_id       1 
_pdbx_struct_assembly_gen.oper_expression   1 
_pdbx_struct_assembly_gen.asym_id_list      A,B,C,D,E 
# 
_pdbx_struct_oper_list.id                   1 
_pdbx_struct_oper_list.type                 'identity operation' 
_pdbx_struct_oper_list.name                 1_555 
_pdbx_struct_oper_list.symmetry_operation   x,y,z 
_pdbx_struct_oper_list.matrix[1][1]         1.0000000000 
_pdbx_struct_oper_list.matrix[1][2]         0.0000000000 
_pdbx_struct_oper_list.matrix[1][3]         0.0000000000 
_pdbx_struct_oper_list.vector[1]            0.0000000000 
_pdbx_struct_oper_list.matrix[2][1]         0.0000000000 
_pdbx_struct_oper_list.matrix[2][2]         1.0000000000 
_pdbx_struct_oper_list.matrix[2][3]         0.0000000000 
_pdbx_struct_oper_list.vector[2]            0.0000000000 
_pdbx_struct_oper_list.matrix[3][1]         0.0000000000 
_pdbx_struct_oper_list.matrix[3][2]         0.0000000000 
_pdbx_struct_oper_list.matrix[3][3]         1.0000000000 
_pdbx_struct_oper_list.vector[3]            0.0000000000 
# 
loop_
_pdbx_audit_revision_history.ordinal 
_pdbx_audit_revision_history.data_content_type 
_pdbx_audit_revision_history.major_revision 
_pdbx_audit_revision_history.minor_revision 
_pdbx_audit_revision_history.revision_date 
1 'Structure model' 1 0 2019-10-23 
2 'Structure model' 1 1 2019-10-30 
3 'Structure model' 1 2 2019-11-20 
4 'Structure model' 1 3 2019-12-18 
5 'Structure model' 1 4 2021-09-22 
6 'Structure model' 1 5 2023-10-11 
# 
_pdbx_audit_revision_details.ordinal             1 
_pdbx_audit_revision_details.revision_ordinal    1 
_pdbx_audit_revision_details.data_content_type   'Structure model' 
_pdbx_audit_revision_details.provider            repository 
_pdbx_audit_revision_details.type                'Initial release' 
_pdbx_audit_revision_details.description         ? 
_pdbx_audit_revision_details.details             ? 
# 
loop_
_pdbx_audit_revision_group.ordinal 
_pdbx_audit_revision_group.revision_ordinal 
_pdbx_audit_revision_group.data_content_type 
_pdbx_audit_revision_group.group 
1 2 'Structure model' 'Data collection'            
2 2 'Structure model' 'Database references'        
3 3 'Structure model' 'Database references'        
4 4 'Structure model' 'Author supporting evidence' 
5 5 'Structure model' 'Data collection'            
6 5 'Structure model' 'Database references'        
7 5 'Structure model' 'Refinement description'     
8 6 'Structure model' 'Data collection'            
9 6 'Structure model' 'Refinement description'     
# 
loop_
_pdbx_audit_revision_category.ordinal 
_pdbx_audit_revision_category.revision_ordinal 
_pdbx_audit_revision_category.data_content_type 
_pdbx_audit_revision_category.category 
1  2 'Structure model' citation                      
2  2 'Structure model' citation_author               
3  3 'Structure model' citation                      
4  3 'Structure model' citation_author               
5  4 'Structure model' pdbx_audit_support            
6  5 'Structure model' database_2                    
7  5 'Structure model' refine_ls_shell               
8  5 'Structure model' reflns_shell                  
9  6 'Structure model' chem_comp_atom                
10 6 'Structure model' chem_comp_bond                
11 6 'Structure model' pdbx_initial_refinement_model 
# 
loop_
_pdbx_audit_revision_item.ordinal 
_pdbx_audit_revision_item.revision_ordinal 
_pdbx_audit_revision_item.data_content_type 
_pdbx_audit_revision_item.item 
1  2 'Structure model' '_citation.title'                          
2  2 'Structure model' '_citation_author.identifier_ORCID'        
3  2 'Structure model' '_citation_author.name'                    
4  3 'Structure model' '_citation.journal_volume'                 
5  3 'Structure model' '_citation.page_first'                     
6  3 'Structure model' '_citation.page_last'                      
7  3 'Structure model' '_citation_author.identifier_ORCID'        
8  4 'Structure model' '_pdbx_audit_support.funding_organization' 
9  5 'Structure model' '_database_2.pdbx_DOI'                     
10 5 'Structure model' '_database_2.pdbx_database_accession'      
11 5 'Structure model' '_refine_ls_shell.R_factor_R_free'         
12 5 'Structure model' '_refine_ls_shell.R_factor_R_work'         
13 5 'Structure model' '_refine_ls_shell.d_res_high'              
14 5 'Structure model' '_refine_ls_shell.d_res_low'               
15 5 'Structure model' '_refine_ls_shell.number_reflns_R_free'    
16 5 'Structure model' '_refine_ls_shell.percent_reflns_obs'      
17 5 'Structure model' '_reflns_shell.d_res_high'                 
18 5 'Structure model' '_reflns_shell.d_res_low'                  
# 
loop_
_software.citation_id 
_software.classification 
_software.compiler_name 
_software.compiler_version 
_software.contact_author 
_software.contact_author_email 
_software.date 
_software.description 
_software.dependencies 
_software.hardware 
_software.language 
_software.location 
_software.mods 
_software.name 
_software.os 
_software.os_version 
_software.type 
_software.version 
_software.pdbx_ordinal 
? refinement       ? ? ? ? ? ? ? ? ? ? ? PHENIX   ? ? ? '(1.11.1_2575: ???)' 1 
? 'data reduction' ? ? ? ? ? ? ? ? ? ? ? HKL-2000 ? ? ? .                    2 
? 'data scaling'   ? ? ? ? ? ? ? ? ? ? ? HKL-2000 ? ? ? .                    3 
? phasing          ? ? ? ? ? ? ? ? ? ? ? PHENIX   ? ? ? .                    4 
# 
_pdbx_entry_details.entry_id                 6PBO 
_pdbx_entry_details.has_ligand_of_interest   Y 
_pdbx_entry_details.compound_details         ? 
_pdbx_entry_details.source_details           ? 
_pdbx_entry_details.nonpolymer_details       ? 
_pdbx_entry_details.sequence_details         ? 
# 
loop_
_pdbx_validate_torsion.id 
_pdbx_validate_torsion.PDB_model_num 
_pdbx_validate_torsion.auth_comp_id 
_pdbx_validate_torsion.auth_asym_id 
_pdbx_validate_torsion.auth_seq_id 
_pdbx_validate_torsion.PDB_ins_code 
_pdbx_validate_torsion.label_alt_id 
_pdbx_validate_torsion.phi 
_pdbx_validate_torsion.psi 
1 1 HIS X 38 ? ? -127.00 -148.70 
2 1 ASN X 69 ? ? -164.73 116.93  
# 
loop_
_chem_comp_atom.comp_id 
_chem_comp_atom.atom_id 
_chem_comp_atom.type_symbol 
_chem_comp_atom.pdbx_aromatic_flag 
_chem_comp_atom.pdbx_stereo_config 
_chem_comp_atom.pdbx_ordinal 
ALA N     N N N 1   
ALA CA    C N S 2   
ALA C     C N N 3   
ALA O     O N N 4   
ALA CB    C N N 5   
ALA OXT   O N N 6   
ALA H     H N N 7   
ALA H2    H N N 8   
ALA HA    H N N 9   
ALA HB1   H N N 10  
ALA HB2   H N N 11  
ALA HB3   H N N 12  
ALA HXT   H N N 13  
ARG N     N N N 14  
ARG CA    C N S 15  
ARG C     C N N 16  
ARG O     O N N 17  
ARG CB    C N N 18  
ARG CG    C N N 19  
ARG CD    C N N 20  
ARG NE    N N N 21  
ARG CZ    C N N 22  
ARG NH1   N N N 23  
ARG NH2   N N N 24  
ARG OXT   O N N 25  
ARG H     H N N 26  
ARG H2    H N N 27  
ARG HA    H N N 28  
ARG HB2   H N N 29  
ARG HB3   H N N 30  
ARG HG2   H N N 31  
ARG HG3   H N N 32  
ARG HD2   H N N 33  
ARG HD3   H N N 34  
ARG HE    H N N 35  
ARG HH11  H N N 36  
ARG HH12  H N N 37  
ARG HH21  H N N 38  
ARG HH22  H N N 39  
ARG HXT   H N N 40  
ASN N     N N N 41  
ASN CA    C N S 42  
ASN C     C N N 43  
ASN O     O N N 44  
ASN CB    C N N 45  
ASN CG    C N N 46  
ASN OD1   O N N 47  
ASN ND2   N N N 48  
ASN OXT   O N N 49  
ASN H     H N N 50  
ASN H2    H N N 51  
ASN HA    H N N 52  
ASN HB2   H N N 53  
ASN HB3   H N N 54  
ASN HD21  H N N 55  
ASN HD22  H N N 56  
ASN HXT   H N N 57  
ASP N     N N N 58  
ASP CA    C N S 59  
ASP C     C N N 60  
ASP O     O N N 61  
ASP CB    C N N 62  
ASP CG    C N N 63  
ASP OD1   O N N 64  
ASP OD2   O N N 65  
ASP OXT   O N N 66  
ASP H     H N N 67  
ASP H2    H N N 68  
ASP HA    H N N 69  
ASP HB2   H N N 70  
ASP HB3   H N N 71  
ASP HD2   H N N 72  
ASP HXT   H N N 73  
GLN N     N N N 74  
GLN CA    C N S 75  
GLN C     C N N 76  
GLN O     O N N 77  
GLN CB    C N N 78  
GLN CG    C N N 79  
GLN CD    C N N 80  
GLN OE1   O N N 81  
GLN NE2   N N N 82  
GLN OXT   O N N 83  
GLN H     H N N 84  
GLN H2    H N N 85  
GLN HA    H N N 86  
GLN HB2   H N N 87  
GLN HB3   H N N 88  
GLN HG2   H N N 89  
GLN HG3   H N N 90  
GLN HE21  H N N 91  
GLN HE22  H N N 92  
GLN HXT   H N N 93  
GLU N     N N N 94  
GLU CA    C N S 95  
GLU C     C N N 96  
GLU O     O N N 97  
GLU CB    C N N 98  
GLU CG    C N N 99  
GLU CD    C N N 100 
GLU OE1   O N N 101 
GLU OE2   O N N 102 
GLU OXT   O N N 103 
GLU H     H N N 104 
GLU H2    H N N 105 
GLU HA    H N N 106 
GLU HB2   H N N 107 
GLU HB3   H N N 108 
GLU HG2   H N N 109 
GLU HG3   H N N 110 
GLU HE2   H N N 111 
GLU HXT   H N N 112 
GLY N     N N N 113 
GLY CA    C N N 114 
GLY C     C N N 115 
GLY O     O N N 116 
GLY OXT   O N N 117 
GLY H     H N N 118 
GLY H2    H N N 119 
GLY HA2   H N N 120 
GLY HA3   H N N 121 
GLY HXT   H N N 122 
HIS N     N N N 123 
HIS CA    C N S 124 
HIS C     C N N 125 
HIS O     O N N 126 
HIS CB    C N N 127 
HIS CG    C Y N 128 
HIS ND1   N Y N 129 
HIS CD2   C Y N 130 
HIS CE1   C Y N 131 
HIS NE2   N Y N 132 
HIS OXT   O N N 133 
HIS H     H N N 134 
HIS H2    H N N 135 
HIS HA    H N N 136 
HIS HB2   H N N 137 
HIS HB3   H N N 138 
HIS HD1   H N N 139 
HIS HD2   H N N 140 
HIS HE1   H N N 141 
HIS HE2   H N N 142 
HIS HXT   H N N 143 
HOH O     O N N 144 
HOH H1    H N N 145 
HOH H2    H N N 146 
ILE N     N N N 147 
ILE CA    C N S 148 
ILE C     C N N 149 
ILE O     O N N 150 
ILE CB    C N S 151 
ILE CG1   C N N 152 
ILE CG2   C N N 153 
ILE CD1   C N N 154 
ILE OXT   O N N 155 
ILE H     H N N 156 
ILE H2    H N N 157 
ILE HA    H N N 158 
ILE HB    H N N 159 
ILE HG12  H N N 160 
ILE HG13  H N N 161 
ILE HG21  H N N 162 
ILE HG22  H N N 163 
ILE HG23  H N N 164 
ILE HD11  H N N 165 
ILE HD12  H N N 166 
ILE HD13  H N N 167 
ILE HXT   H N N 168 
LEU N     N N N 169 
LEU CA    C N S 170 
LEU C     C N N 171 
LEU O     O N N 172 
LEU CB    C N N 173 
LEU CG    C N N 174 
LEU CD1   C N N 175 
LEU CD2   C N N 176 
LEU OXT   O N N 177 
LEU H     H N N 178 
LEU H2    H N N 179 
LEU HA    H N N 180 
LEU HB2   H N N 181 
LEU HB3   H N N 182 
LEU HG    H N N 183 
LEU HD11  H N N 184 
LEU HD12  H N N 185 
LEU HD13  H N N 186 
LEU HD21  H N N 187 
LEU HD22  H N N 188 
LEU HD23  H N N 189 
LEU HXT   H N N 190 
LYS N     N N N 191 
LYS CA    C N S 192 
LYS C     C N N 193 
LYS O     O N N 194 
LYS CB    C N N 195 
LYS CG    C N N 196 
LYS CD    C N N 197 
LYS CE    C N N 198 
LYS NZ    N N N 199 
LYS OXT   O N N 200 
LYS H     H N N 201 
LYS H2    H N N 202 
LYS HA    H N N 203 
LYS HB2   H N N 204 
LYS HB3   H N N 205 
LYS HG2   H N N 206 
LYS HG3   H N N 207 
LYS HD2   H N N 208 
LYS HD3   H N N 209 
LYS HE2   H N N 210 
LYS HE3   H N N 211 
LYS HZ1   H N N 212 
LYS HZ2   H N N 213 
LYS HZ3   H N N 214 
LYS HXT   H N N 215 
MET N     N N N 216 
MET CA    C N S 217 
MET C     C N N 218 
MET O     O N N 219 
MET CB    C N N 220 
MET CG    C N N 221 
MET SD    S N N 222 
MET CE    C N N 223 
MET OXT   O N N 224 
MET H     H N N 225 
MET H2    H N N 226 
MET HA    H N N 227 
MET HB2   H N N 228 
MET HB3   H N N 229 
MET HG2   H N N 230 
MET HG3   H N N 231 
MET HE1   H N N 232 
MET HE2   H N N 233 
MET HE3   H N N 234 
MET HXT   H N N 235 
NAP PA    P N R 236 
NAP O1A   O N N 237 
NAP O2A   O N N 238 
NAP O5B   O N N 239 
NAP C5B   C N N 240 
NAP C4B   C N R 241 
NAP O4B   O N N 242 
NAP C3B   C N R 243 
NAP O3B   O N N 244 
NAP C2B   C N R 245 
NAP O2B   O N N 246 
NAP C1B   C N R 247 
NAP N9A   N Y N 248 
NAP C8A   C Y N 249 
NAP N7A   N Y N 250 
NAP C5A   C Y N 251 
NAP C6A   C Y N 252 
NAP N6A   N N N 253 
NAP N1A   N Y N 254 
NAP C2A   C Y N 255 
NAP N3A   N Y N 256 
NAP C4A   C Y N 257 
NAP O3    O N N 258 
NAP PN    P N N 259 
NAP O1N   O N N 260 
NAP O2N   O N N 261 
NAP O5D   O N N 262 
NAP C5D   C N N 263 
NAP C4D   C N R 264 
NAP O4D   O N N 265 
NAP C3D   C N S 266 
NAP O3D   O N N 267 
NAP C2D   C N R 268 
NAP O2D   O N N 269 
NAP C1D   C N R 270 
NAP N1N   N Y N 271 
NAP C2N   C Y N 272 
NAP C3N   C Y N 273 
NAP C7N   C N N 274 
NAP O7N   O N N 275 
NAP N7N   N N N 276 
NAP C4N   C Y N 277 
NAP C5N   C Y N 278 
NAP C6N   C Y N 279 
NAP P2B   P N N 280 
NAP O1X   O N N 281 
NAP O2X   O N N 282 
NAP O3X   O N N 283 
NAP HOA2  H N N 284 
NAP H51A  H N N 285 
NAP H52A  H N N 286 
NAP H4B   H N N 287 
NAP H3B   H N N 288 
NAP HO3A  H N N 289 
NAP H2B   H N N 290 
NAP H1B   H N N 291 
NAP H8A   H N N 292 
NAP H61A  H N N 293 
NAP H62A  H N N 294 
NAP H2A   H N N 295 
NAP H51N  H N N 296 
NAP H52N  H N N 297 
NAP H4D   H N N 298 
NAP H3D   H N N 299 
NAP HO3N  H N N 300 
NAP H2D   H N N 301 
NAP HO2N  H N N 302 
NAP H1D   H N N 303 
NAP H2N   H N N 304 
NAP H71N  H N N 305 
NAP H72N  H N N 306 
NAP H4N   H N N 307 
NAP H5N   H N N 308 
NAP H6N   H N N 309 
NAP HOP2  H N N 310 
NAP HOP3  H N N 311 
O71 C4    C Y N 312 
O71 C5    C Y N 313 
O71 C6    C Y N 314 
O71 N1    N Y N 315 
O71 N3    N Y N 316 
O71 C2    C Y N 317 
O71 CAI   C N N 318 
O71 CAJ   C N N 319 
O71 CAK   C N N 320 
O71 CAL   C N N 321 
O71 CAM   C N S 322 
O71 CAN   C Y N 323 
O71 CAO   C Y N 324 
O71 CAP   C Y N 325 
O71 CAQ   C Y N 326 
O71 CAR   C Y N 327 
O71 CAS   C Y N 328 
O71 CAT   C Y N 329 
O71 CAU   C Y N 330 
O71 CAV   C Y N 331 
O71 CAW   C Y N 332 
O71 CAX   C Y N 333 
O71 CAY   C Y N 334 
O71 CAZ   C N N 335 
O71 CBA   C N N 336 
O71 CBE   C N N 337 
O71 CBG   C N N 338 
O71 NAG   N N N 339 
O71 NAH   N N N 340 
O71 OBB   O N N 341 
O71 OBC   O N N 342 
O71 OBD   O N N 343 
O71 OBF   O N N 344 
O71 H1    H N N 345 
O71 H2    H N N 346 
O71 H3    H N N 347 
O71 H4    H N N 348 
O71 H5    H N N 349 
O71 H6    H N N 350 
O71 H7    H N N 351 
O71 H8    H N N 352 
O71 H9    H N N 353 
O71 H10   H N N 354 
O71 H11   H N N 355 
O71 H12   H N N 356 
O71 H13   H N N 357 
O71 H14   H N N 358 
O71 H15   H N N 359 
O71 H16   H N N 360 
O71 H17   H N N 361 
O71 H18   H N N 362 
O71 H19   H N N 363 
O71 H20   H N N 364 
O71 H21   H N N 365 
O71 H22   H N N 366 
O71 H23   H N N 367 
O71 H24   H N N 368 
PHE N     N N N 369 
PHE CA    C N S 370 
PHE C     C N N 371 
PHE O     O N N 372 
PHE CB    C N N 373 
PHE CG    C Y N 374 
PHE CD1   C Y N 375 
PHE CD2   C Y N 376 
PHE CE1   C Y N 377 
PHE CE2   C Y N 378 
PHE CZ    C Y N 379 
PHE OXT   O N N 380 
PHE H     H N N 381 
PHE H2    H N N 382 
PHE HA    H N N 383 
PHE HB2   H N N 384 
PHE HB3   H N N 385 
PHE HD1   H N N 386 
PHE HD2   H N N 387 
PHE HE1   H N N 388 
PHE HE2   H N N 389 
PHE HZ    H N N 390 
PHE HXT   H N N 391 
PRO N     N N N 392 
PRO CA    C N S 393 
PRO C     C N N 394 
PRO O     O N N 395 
PRO CB    C N N 396 
PRO CG    C N N 397 
PRO CD    C N N 398 
PRO OXT   O N N 399 
PRO H     H N N 400 
PRO HA    H N N 401 
PRO HB2   H N N 402 
PRO HB3   H N N 403 
PRO HG2   H N N 404 
PRO HG3   H N N 405 
PRO HD2   H N N 406 
PRO HD3   H N N 407 
PRO HXT   H N N 408 
SER N     N N N 409 
SER CA    C N S 410 
SER C     C N N 411 
SER O     O N N 412 
SER CB    C N N 413 
SER OG    O N N 414 
SER OXT   O N N 415 
SER H     H N N 416 
SER H2    H N N 417 
SER HA    H N N 418 
SER HB2   H N N 419 
SER HB3   H N N 420 
SER HG    H N N 421 
SER HXT   H N N 422 
THR N     N N N 423 
THR CA    C N S 424 
THR C     C N N 425 
THR O     O N N 426 
THR CB    C N R 427 
THR OG1   O N N 428 
THR CG2   C N N 429 
THR OXT   O N N 430 
THR H     H N N 431 
THR H2    H N N 432 
THR HA    H N N 433 
THR HB    H N N 434 
THR HG1   H N N 435 
THR HG21  H N N 436 
THR HG22  H N N 437 
THR HG23  H N N 438 
THR HXT   H N N 439 
TRP N     N N N 440 
TRP CA    C N S 441 
TRP C     C N N 442 
TRP O     O N N 443 
TRP CB    C N N 444 
TRP CG    C Y N 445 
TRP CD1   C Y N 446 
TRP CD2   C Y N 447 
TRP NE1   N Y N 448 
TRP CE2   C Y N 449 
TRP CE3   C Y N 450 
TRP CZ2   C Y N 451 
TRP CZ3   C Y N 452 
TRP CH2   C Y N 453 
TRP OXT   O N N 454 
TRP H     H N N 455 
TRP H2    H N N 456 
TRP HA    H N N 457 
TRP HB2   H N N 458 
TRP HB3   H N N 459 
TRP HD1   H N N 460 
TRP HE1   H N N 461 
TRP HE3   H N N 462 
TRP HZ2   H N N 463 
TRP HZ3   H N N 464 
TRP HH2   H N N 465 
TRP HXT   H N N 466 
TYR N     N N N 467 
TYR CA    C N S 468 
TYR C     C N N 469 
TYR O     O N N 470 
TYR CB    C N N 471 
TYR CG    C Y N 472 
TYR CD1   C Y N 473 
TYR CD2   C Y N 474 
TYR CE1   C Y N 475 
TYR CE2   C Y N 476 
TYR CZ    C Y N 477 
TYR OH    O N N 478 
TYR OXT   O N N 479 
TYR H     H N N 480 
TYR H2    H N N 481 
TYR HA    H N N 482 
TYR HB2   H N N 483 
TYR HB3   H N N 484 
TYR HD1   H N N 485 
TYR HD2   H N N 486 
TYR HE1   H N N 487 
TYR HE2   H N N 488 
TYR HH    H N N 489 
TYR HXT   H N N 490 
VAL N     N N N 491 
VAL CA    C N S 492 
VAL C     C N N 493 
VAL O     O N N 494 
VAL CB    C N N 495 
VAL CG1   C N N 496 
VAL CG2   C N N 497 
VAL OXT   O N N 498 
VAL H     H N N 499 
VAL H2    H N N 500 
VAL HA    H N N 501 
VAL HB    H N N 502 
VAL HG11  H N N 503 
VAL HG12  H N N 504 
VAL HG13  H N N 505 
VAL HG21  H N N 506 
VAL HG22  H N N 507 
VAL HG23  H N N 508 
VAL HXT   H N N 509 
XNP "O3'" O N N 510 
XNP "C3'" C N R 511 
XNP "C2'" C N R 512 
XNP "O2'" O N N 513 
XNP CAA   C N R 514 
XNP CAB   C N N 515 
XNP CAC   C N N 516 
XNP CAD   C N N 517 
XNP CBT   C N N 518 
XNP OBV   O N N 519 
XNP NBU   N N N 520 
XNP CAE   C N N 521 
XNP NAF   N N N 522 
XNP "C1'" C N R 523 
XNP "O4'" O N N 524 
XNP "C4'" C N R 525 
XNP "C5'" C N N 526 
XNP "O5'" O N N 527 
XNP PAN   P N N 528 
XNP OBP   O N N 529 
XNP OBO   O N N 530 
XNP OAO   O N N 531 
XNP PAP   P N N 532 
XNP OBQ   O N N 533 
XNP OBR   O N N 534 
XNP OAQ   O N N 535 
XNP CAR   C N N 536 
XNP CAS   C N R 537 
XNP OAW   O N N 538 
XNP CAT   C N R 539 
XNP OAZ   O N N 540 
XNP CAU   C N R 541 
XNP OAY   O N N 542 
XNP PBA   P N N 543 
XNP OBB   O N N 544 
XNP OBC   O N N 545 
XNP OBD   O N N 546 
XNP CAV   C N R 547 
XNP NAX   N Y N 548 
XNP CBE   C Y N 549 
XNP NBF   N Y N 550 
XNP CBG   C Y N 551 
XNP CBH   C Y N 552 
XNP NBL   N Y N 553 
XNP CBK   C Y N 554 
XNP NBJ   N Y N 555 
XNP CBI   C Y N 556 
XNP NBM   N N N 557 
XNP H1    H N N 558 
XNP H2    H N N 559 
XNP H3    H N N 560 
XNP H4    H N N 561 
XNP H5    H N N 562 
XNP H6    H N N 563 
XNP H7    H N N 564 
XNP H8    H N N 565 
XNP H9    H N N 566 
XNP H10   H N N 567 
XNP H11   H N N 568 
XNP H12   H N N 569 
XNP H13   H N N 570 
XNP H14   H N N 571 
XNP H15   H N N 572 
XNP H16   H N N 573 
XNP H17   H N N 574 
XNP H18   H N N 575 
XNP H19   H N N 576 
XNP H20   H N N 577 
XNP H21   H N N 578 
XNP H22   H N N 579 
XNP H23   H N N 580 
XNP H24   H N N 581 
XNP H25   H N N 582 
XNP H26   H N N 583 
XNP H27   H N N 584 
XNP H30   H N N 585 
XNP H31   H N N 586 
XNP H32   H N N 587 
# 
loop_
_chem_comp_bond.comp_id 
_chem_comp_bond.atom_id_1 
_chem_comp_bond.atom_id_2 
_chem_comp_bond.value_order 
_chem_comp_bond.pdbx_aromatic_flag 
_chem_comp_bond.pdbx_stereo_config 
_chem_comp_bond.pdbx_ordinal 
ALA N     CA    sing N N 1   
ALA N     H     sing N N 2   
ALA N     H2    sing N N 3   
ALA CA    C     sing N N 4   
ALA CA    CB    sing N N 5   
ALA CA    HA    sing N N 6   
ALA C     O     doub N N 7   
ALA C     OXT   sing N N 8   
ALA CB    HB1   sing N N 9   
ALA CB    HB2   sing N N 10  
ALA CB    HB3   sing N N 11  
ALA OXT   HXT   sing N N 12  
ARG N     CA    sing N N 13  
ARG N     H     sing N N 14  
ARG N     H2    sing N N 15  
ARG CA    C     sing N N 16  
ARG CA    CB    sing N N 17  
ARG CA    HA    sing N N 18  
ARG C     O     doub N N 19  
ARG C     OXT   sing N N 20  
ARG CB    CG    sing N N 21  
ARG CB    HB2   sing N N 22  
ARG CB    HB3   sing N N 23  
ARG CG    CD    sing N N 24  
ARG CG    HG2   sing N N 25  
ARG CG    HG3   sing N N 26  
ARG CD    NE    sing N N 27  
ARG CD    HD2   sing N N 28  
ARG CD    HD3   sing N N 29  
ARG NE    CZ    sing N N 30  
ARG NE    HE    sing N N 31  
ARG CZ    NH1   sing N N 32  
ARG CZ    NH2   doub N N 33  
ARG NH1   HH11  sing N N 34  
ARG NH1   HH12  sing N N 35  
ARG NH2   HH21  sing N N 36  
ARG NH2   HH22  sing N N 37  
ARG OXT   HXT   sing N N 38  
ASN N     CA    sing N N 39  
ASN N     H     sing N N 40  
ASN N     H2    sing N N 41  
ASN CA    C     sing N N 42  
ASN CA    CB    sing N N 43  
ASN CA    HA    sing N N 44  
ASN C     O     doub N N 45  
ASN C     OXT   sing N N 46  
ASN CB    CG    sing N N 47  
ASN CB    HB2   sing N N 48  
ASN CB    HB3   sing N N 49  
ASN CG    OD1   doub N N 50  
ASN CG    ND2   sing N N 51  
ASN ND2   HD21  sing N N 52  
ASN ND2   HD22  sing N N 53  
ASN OXT   HXT   sing N N 54  
ASP N     CA    sing N N 55  
ASP N     H     sing N N 56  
ASP N     H2    sing N N 57  
ASP CA    C     sing N N 58  
ASP CA    CB    sing N N 59  
ASP CA    HA    sing N N 60  
ASP C     O     doub N N 61  
ASP C     OXT   sing N N 62  
ASP CB    CG    sing N N 63  
ASP CB    HB2   sing N N 64  
ASP CB    HB3   sing N N 65  
ASP CG    OD1   doub N N 66  
ASP CG    OD2   sing N N 67  
ASP OD2   HD2   sing N N 68  
ASP OXT   HXT   sing N N 69  
GLN N     CA    sing N N 70  
GLN N     H     sing N N 71  
GLN N     H2    sing N N 72  
GLN CA    C     sing N N 73  
GLN CA    CB    sing N N 74  
GLN CA    HA    sing N N 75  
GLN C     O     doub N N 76  
GLN C     OXT   sing N N 77  
GLN CB    CG    sing N N 78  
GLN CB    HB2   sing N N 79  
GLN CB    HB3   sing N N 80  
GLN CG    CD    sing N N 81  
GLN CG    HG2   sing N N 82  
GLN CG    HG3   sing N N 83  
GLN CD    OE1   doub N N 84  
GLN CD    NE2   sing N N 85  
GLN NE2   HE21  sing N N 86  
GLN NE2   HE22  sing N N 87  
GLN OXT   HXT   sing N N 88  
GLU N     CA    sing N N 89  
GLU N     H     sing N N 90  
GLU N     H2    sing N N 91  
GLU CA    C     sing N N 92  
GLU CA    CB    sing N N 93  
GLU CA    HA    sing N N 94  
GLU C     O     doub N N 95  
GLU C     OXT   sing N N 96  
GLU CB    CG    sing N N 97  
GLU CB    HB2   sing N N 98  
GLU CB    HB3   sing N N 99  
GLU CG    CD    sing N N 100 
GLU CG    HG2   sing N N 101 
GLU CG    HG3   sing N N 102 
GLU CD    OE1   doub N N 103 
GLU CD    OE2   sing N N 104 
GLU OE2   HE2   sing N N 105 
GLU OXT   HXT   sing N N 106 
GLY N     CA    sing N N 107 
GLY N     H     sing N N 108 
GLY N     H2    sing N N 109 
GLY CA    C     sing N N 110 
GLY CA    HA2   sing N N 111 
GLY CA    HA3   sing N N 112 
GLY C     O     doub N N 113 
GLY C     OXT   sing N N 114 
GLY OXT   HXT   sing N N 115 
HIS N     CA    sing N N 116 
HIS N     H     sing N N 117 
HIS N     H2    sing N N 118 
HIS CA    C     sing N N 119 
HIS CA    CB    sing N N 120 
HIS CA    HA    sing N N 121 
HIS C     O     doub N N 122 
HIS C     OXT   sing N N 123 
HIS CB    CG    sing N N 124 
HIS CB    HB2   sing N N 125 
HIS CB    HB3   sing N N 126 
HIS CG    ND1   sing Y N 127 
HIS CG    CD2   doub Y N 128 
HIS ND1   CE1   doub Y N 129 
HIS ND1   HD1   sing N N 130 
HIS CD2   NE2   sing Y N 131 
HIS CD2   HD2   sing N N 132 
HIS CE1   NE2   sing Y N 133 
HIS CE1   HE1   sing N N 134 
HIS NE2   HE2   sing N N 135 
HIS OXT   HXT   sing N N 136 
HOH O     H1    sing N N 137 
HOH O     H2    sing N N 138 
ILE N     CA    sing N N 139 
ILE N     H     sing N N 140 
ILE N     H2    sing N N 141 
ILE CA    C     sing N N 142 
ILE CA    CB    sing N N 143 
ILE CA    HA    sing N N 144 
ILE C     O     doub N N 145 
ILE C     OXT   sing N N 146 
ILE CB    CG1   sing N N 147 
ILE CB    CG2   sing N N 148 
ILE CB    HB    sing N N 149 
ILE CG1   CD1   sing N N 150 
ILE CG1   HG12  sing N N 151 
ILE CG1   HG13  sing N N 152 
ILE CG2   HG21  sing N N 153 
ILE CG2   HG22  sing N N 154 
ILE CG2   HG23  sing N N 155 
ILE CD1   HD11  sing N N 156 
ILE CD1   HD12  sing N N 157 
ILE CD1   HD13  sing N N 158 
ILE OXT   HXT   sing N N 159 
LEU N     CA    sing N N 160 
LEU N     H     sing N N 161 
LEU N     H2    sing N N 162 
LEU CA    C     sing N N 163 
LEU CA    CB    sing N N 164 
LEU CA    HA    sing N N 165 
LEU C     O     doub N N 166 
LEU C     OXT   sing N N 167 
LEU CB    CG    sing N N 168 
LEU CB    HB2   sing N N 169 
LEU CB    HB3   sing N N 170 
LEU CG    CD1   sing N N 171 
LEU CG    CD2   sing N N 172 
LEU CG    HG    sing N N 173 
LEU CD1   HD11  sing N N 174 
LEU CD1   HD12  sing N N 175 
LEU CD1   HD13  sing N N 176 
LEU CD2   HD21  sing N N 177 
LEU CD2   HD22  sing N N 178 
LEU CD2   HD23  sing N N 179 
LEU OXT   HXT   sing N N 180 
LYS N     CA    sing N N 181 
LYS N     H     sing N N 182 
LYS N     H2    sing N N 183 
LYS CA    C     sing N N 184 
LYS CA    CB    sing N N 185 
LYS CA    HA    sing N N 186 
LYS C     O     doub N N 187 
LYS C     OXT   sing N N 188 
LYS CB    CG    sing N N 189 
LYS CB    HB2   sing N N 190 
LYS CB    HB3   sing N N 191 
LYS CG    CD    sing N N 192 
LYS CG    HG2   sing N N 193 
LYS CG    HG3   sing N N 194 
LYS CD    CE    sing N N 195 
LYS CD    HD2   sing N N 196 
LYS CD    HD3   sing N N 197 
LYS CE    NZ    sing N N 198 
LYS CE    HE2   sing N N 199 
LYS CE    HE3   sing N N 200 
LYS NZ    HZ1   sing N N 201 
LYS NZ    HZ2   sing N N 202 
LYS NZ    HZ3   sing N N 203 
LYS OXT   HXT   sing N N 204 
MET N     CA    sing N N 205 
MET N     H     sing N N 206 
MET N     H2    sing N N 207 
MET CA    C     sing N N 208 
MET CA    CB    sing N N 209 
MET CA    HA    sing N N 210 
MET C     O     doub N N 211 
MET C     OXT   sing N N 212 
MET CB    CG    sing N N 213 
MET CB    HB2   sing N N 214 
MET CB    HB3   sing N N 215 
MET CG    SD    sing N N 216 
MET CG    HG2   sing N N 217 
MET CG    HG3   sing N N 218 
MET SD    CE    sing N N 219 
MET CE    HE1   sing N N 220 
MET CE    HE2   sing N N 221 
MET CE    HE3   sing N N 222 
MET OXT   HXT   sing N N 223 
NAP PA    O1A   doub N N 224 
NAP PA    O2A   sing N N 225 
NAP PA    O5B   sing N N 226 
NAP PA    O3    sing N N 227 
NAP O2A   HOA2  sing N N 228 
NAP O5B   C5B   sing N N 229 
NAP C5B   C4B   sing N N 230 
NAP C5B   H51A  sing N N 231 
NAP C5B   H52A  sing N N 232 
NAP C4B   O4B   sing N N 233 
NAP C4B   C3B   sing N N 234 
NAP C4B   H4B   sing N N 235 
NAP O4B   C1B   sing N N 236 
NAP C3B   O3B   sing N N 237 
NAP C3B   C2B   sing N N 238 
NAP C3B   H3B   sing N N 239 
NAP O3B   HO3A  sing N N 240 
NAP C2B   O2B   sing N N 241 
NAP C2B   C1B   sing N N 242 
NAP C2B   H2B   sing N N 243 
NAP O2B   P2B   sing N N 244 
NAP C1B   N9A   sing N N 245 
NAP C1B   H1B   sing N N 246 
NAP N9A   C8A   sing Y N 247 
NAP N9A   C4A   sing Y N 248 
NAP C8A   N7A   doub Y N 249 
NAP C8A   H8A   sing N N 250 
NAP N7A   C5A   sing Y N 251 
NAP C5A   C6A   sing Y N 252 
NAP C5A   C4A   doub Y N 253 
NAP C6A   N6A   sing N N 254 
NAP C6A   N1A   doub Y N 255 
NAP N6A   H61A  sing N N 256 
NAP N6A   H62A  sing N N 257 
NAP N1A   C2A   sing Y N 258 
NAP C2A   N3A   doub Y N 259 
NAP C2A   H2A   sing N N 260 
NAP N3A   C4A   sing Y N 261 
NAP O3    PN    sing N N 262 
NAP PN    O1N   doub N N 263 
NAP PN    O2N   sing N N 264 
NAP PN    O5D   sing N N 265 
NAP O5D   C5D   sing N N 266 
NAP C5D   C4D   sing N N 267 
NAP C5D   H51N  sing N N 268 
NAP C5D   H52N  sing N N 269 
NAP C4D   O4D   sing N N 270 
NAP C4D   C3D   sing N N 271 
NAP C4D   H4D   sing N N 272 
NAP O4D   C1D   sing N N 273 
NAP C3D   O3D   sing N N 274 
NAP C3D   C2D   sing N N 275 
NAP C3D   H3D   sing N N 276 
NAP O3D   HO3N  sing N N 277 
NAP C2D   O2D   sing N N 278 
NAP C2D   C1D   sing N N 279 
NAP C2D   H2D   sing N N 280 
NAP O2D   HO2N  sing N N 281 
NAP C1D   N1N   sing N N 282 
NAP C1D   H1D   sing N N 283 
NAP N1N   C2N   sing Y N 284 
NAP N1N   C6N   doub Y N 285 
NAP C2N   C3N   doub Y N 286 
NAP C2N   H2N   sing N N 287 
NAP C3N   C7N   sing N N 288 
NAP C3N   C4N   sing Y N 289 
NAP C7N   O7N   doub N N 290 
NAP C7N   N7N   sing N N 291 
NAP N7N   H71N  sing N N 292 
NAP N7N   H72N  sing N N 293 
NAP C4N   C5N   doub Y N 294 
NAP C4N   H4N   sing N N 295 
NAP C5N   C6N   sing Y N 296 
NAP C5N   H5N   sing N N 297 
NAP C6N   H6N   sing N N 298 
NAP P2B   O1X   doub N N 299 
NAP P2B   O2X   sing N N 300 
NAP P2B   O3X   sing N N 301 
NAP O2X   HOP2  sing N N 302 
NAP O3X   HOP3  sing N N 303 
O71 OBC   CBA   doub N N 304 
O71 OBB   CBA   sing N N 305 
O71 CBA   CAZ   sing N N 306 
O71 CAZ   CAW   sing N N 307 
O71 NAG   C6    sing N N 308 
O71 CAV   CAW   doub Y N 309 
O71 CAV   CAU   sing Y N 310 
O71 CAW   CAX   sing Y N 311 
O71 N1    C6    doub Y N 312 
O71 N1    C2    sing Y N 313 
O71 NAH   C2    sing N N 314 
O71 C6    C5    sing Y N 315 
O71 C2    N3    doub Y N 316 
O71 CAU   CAT   doub Y N 317 
O71 CAX   CAY   doub Y N 318 
O71 C5    CAK   sing N N 319 
O71 C5    C4    doub Y N 320 
O71 N3    C4    sing Y N 321 
O71 CAT   CAY   sing Y N 322 
O71 CAT   CAP   sing N N 323 
O71 CAK   CAL   trip N N 324 
O71 C4    CAI   sing N N 325 
O71 CAL   CAM   sing N N 326 
O71 CAO   CAP   doub Y N 327 
O71 CAO   CAN   sing Y N 328 
O71 CAJ   CAI   sing N N 329 
O71 CAP   CAQ   sing Y N 330 
O71 CAM   CAN   sing N N 331 
O71 CAM   CBG   sing N N 332 
O71 CAN   CAS   doub Y N 333 
O71 CAQ   OBD   sing N N 334 
O71 CAQ   CAR   doub Y N 335 
O71 CAS   CAR   sing Y N 336 
O71 OBD   CBE   sing N N 337 
O71 CAR   OBF   sing N N 338 
O71 CBE   OBF   sing N N 339 
O71 CAI   H1    sing N N 340 
O71 CAI   H2    sing N N 341 
O71 CAJ   H3    sing N N 342 
O71 CAJ   H4    sing N N 343 
O71 CAJ   H5    sing N N 344 
O71 CAM   H6    sing N N 345 
O71 CAO   H7    sing N N 346 
O71 CAS   H8    sing N N 347 
O71 CAU   H9    sing N N 348 
O71 CAV   H10   sing N N 349 
O71 CAX   H11   sing N N 350 
O71 CAY   H12   sing N N 351 
O71 CAZ   H13   sing N N 352 
O71 CAZ   H14   sing N N 353 
O71 CBE   H15   sing N N 354 
O71 CBE   H16   sing N N 355 
O71 CBG   H17   sing N N 356 
O71 CBG   H18   sing N N 357 
O71 CBG   H19   sing N N 358 
O71 NAG   H20   sing N N 359 
O71 NAG   H21   sing N N 360 
O71 NAH   H22   sing N N 361 
O71 NAH   H23   sing N N 362 
O71 OBB   H24   sing N N 363 
PHE N     CA    sing N N 364 
PHE N     H     sing N N 365 
PHE N     H2    sing N N 366 
PHE CA    C     sing N N 367 
PHE CA    CB    sing N N 368 
PHE CA    HA    sing N N 369 
PHE C     O     doub N N 370 
PHE C     OXT   sing N N 371 
PHE CB    CG    sing N N 372 
PHE CB    HB2   sing N N 373 
PHE CB    HB3   sing N N 374 
PHE CG    CD1   doub Y N 375 
PHE CG    CD2   sing Y N 376 
PHE CD1   CE1   sing Y N 377 
PHE CD1   HD1   sing N N 378 
PHE CD2   CE2   doub Y N 379 
PHE CD2   HD2   sing N N 380 
PHE CE1   CZ    doub Y N 381 
PHE CE1   HE1   sing N N 382 
PHE CE2   CZ    sing Y N 383 
PHE CE2   HE2   sing N N 384 
PHE CZ    HZ    sing N N 385 
PHE OXT   HXT   sing N N 386 
PRO N     CA    sing N N 387 
PRO N     CD    sing N N 388 
PRO N     H     sing N N 389 
PRO CA    C     sing N N 390 
PRO CA    CB    sing N N 391 
PRO CA    HA    sing N N 392 
PRO C     O     doub N N 393 
PRO C     OXT   sing N N 394 
PRO CB    CG    sing N N 395 
PRO CB    HB2   sing N N 396 
PRO CB    HB3   sing N N 397 
PRO CG    CD    sing N N 398 
PRO CG    HG2   sing N N 399 
PRO CG    HG3   sing N N 400 
PRO CD    HD2   sing N N 401 
PRO CD    HD3   sing N N 402 
PRO OXT   HXT   sing N N 403 
SER N     CA    sing N N 404 
SER N     H     sing N N 405 
SER N     H2    sing N N 406 
SER CA    C     sing N N 407 
SER CA    CB    sing N N 408 
SER CA    HA    sing N N 409 
SER C     O     doub N N 410 
SER C     OXT   sing N N 411 
SER CB    OG    sing N N 412 
SER CB    HB2   sing N N 413 
SER CB    HB3   sing N N 414 
SER OG    HG    sing N N 415 
SER OXT   HXT   sing N N 416 
THR N     CA    sing N N 417 
THR N     H     sing N N 418 
THR N     H2    sing N N 419 
THR CA    C     sing N N 420 
THR CA    CB    sing N N 421 
THR CA    HA    sing N N 422 
THR C     O     doub N N 423 
THR C     OXT   sing N N 424 
THR CB    OG1   sing N N 425 
THR CB    CG2   sing N N 426 
THR CB    HB    sing N N 427 
THR OG1   HG1   sing N N 428 
THR CG2   HG21  sing N N 429 
THR CG2   HG22  sing N N 430 
THR CG2   HG23  sing N N 431 
THR OXT   HXT   sing N N 432 
TRP N     CA    sing N N 433 
TRP N     H     sing N N 434 
TRP N     H2    sing N N 435 
TRP CA    C     sing N N 436 
TRP CA    CB    sing N N 437 
TRP CA    HA    sing N N 438 
TRP C     O     doub N N 439 
TRP C     OXT   sing N N 440 
TRP CB    CG    sing N N 441 
TRP CB    HB2   sing N N 442 
TRP CB    HB3   sing N N 443 
TRP CG    CD1   doub Y N 444 
TRP CG    CD2   sing Y N 445 
TRP CD1   NE1   sing Y N 446 
TRP CD1   HD1   sing N N 447 
TRP CD2   CE2   doub Y N 448 
TRP CD2   CE3   sing Y N 449 
TRP NE1   CE2   sing Y N 450 
TRP NE1   HE1   sing N N 451 
TRP CE2   CZ2   sing Y N 452 
TRP CE3   CZ3   doub Y N 453 
TRP CE3   HE3   sing N N 454 
TRP CZ2   CH2   doub Y N 455 
TRP CZ2   HZ2   sing N N 456 
TRP CZ3   CH2   sing Y N 457 
TRP CZ3   HZ3   sing N N 458 
TRP CH2   HH2   sing N N 459 
TRP OXT   HXT   sing N N 460 
TYR N     CA    sing N N 461 
TYR N     H     sing N N 462 
TYR N     H2    sing N N 463 
TYR CA    C     sing N N 464 
TYR CA    CB    sing N N 465 
TYR CA    HA    sing N N 466 
TYR C     O     doub N N 467 
TYR C     OXT   sing N N 468 
TYR CB    CG    sing N N 469 
TYR CB    HB2   sing N N 470 
TYR CB    HB3   sing N N 471 
TYR CG    CD1   doub Y N 472 
TYR CG    CD2   sing Y N 473 
TYR CD1   CE1   sing Y N 474 
TYR CD1   HD1   sing N N 475 
TYR CD2   CE2   doub Y N 476 
TYR CD2   HD2   sing N N 477 
TYR CE1   CZ    doub Y N 478 
TYR CE1   HE1   sing N N 479 
TYR CE2   CZ    sing Y N 480 
TYR CE2   HE2   sing N N 481 
TYR CZ    OH    sing N N 482 
TYR OH    HH    sing N N 483 
TYR OXT   HXT   sing N N 484 
VAL N     CA    sing N N 485 
VAL N     H     sing N N 486 
VAL N     H2    sing N N 487 
VAL CA    C     sing N N 488 
VAL CA    CB    sing N N 489 
VAL CA    HA    sing N N 490 
VAL C     O     doub N N 491 
VAL C     OXT   sing N N 492 
VAL CB    CG1   sing N N 493 
VAL CB    CG2   sing N N 494 
VAL CB    HB    sing N N 495 
VAL CG1   HG11  sing N N 496 
VAL CG1   HG12  sing N N 497 
VAL CG1   HG13  sing N N 498 
VAL CG2   HG21  sing N N 499 
VAL CG2   HG22  sing N N 500 
VAL CG2   HG23  sing N N 501 
VAL OXT   HXT   sing N N 502 
XNP "O3'" "C3'" sing N N 503 
XNP "C3'" "C2'" sing N N 504 
XNP "C3'" "C4'" sing N N 505 
XNP "C2'" "O2'" sing N N 506 
XNP "C2'" "C1'" sing N N 507 
XNP "O2'" CAA   sing N N 508 
XNP CAA   CAB   sing N N 509 
XNP CAA   NAF   sing N N 510 
XNP CAB   CAC   sing N N 511 
XNP CAC   CAD   sing N N 512 
XNP CAD   CBT   sing N N 513 
XNP CAD   CAE   doub N N 514 
XNP CBT   OBV   doub N N 515 
XNP CBT   NBU   sing N N 516 
XNP CAE   NAF   sing N N 517 
XNP NAF   "C1'" sing N N 518 
XNP "C1'" "O4'" sing N N 519 
XNP "O4'" "C4'" sing N N 520 
XNP "C4'" "C5'" sing N N 521 
XNP "C5'" "O5'" sing N N 522 
XNP "O5'" PAN   sing N N 523 
XNP PAN   OBP   doub N N 524 
XNP PAN   OBO   sing N N 525 
XNP PAN   OAO   sing N N 526 
XNP OAO   PAP   sing N N 527 
XNP PAP   OBQ   doub N N 528 
XNP PAP   OBR   sing N N 529 
XNP PAP   OAQ   sing N N 530 
XNP OAQ   CAR   sing N N 531 
XNP CAR   CAS   sing N N 532 
XNP CAS   OAW   sing N N 533 
XNP CAS   CAT   sing N N 534 
XNP OAW   CAV   sing N N 535 
XNP CAT   OAZ   sing N N 536 
XNP CAT   CAU   sing N N 537 
XNP CAU   OAY   sing N N 538 
XNP CAU   CAV   sing N N 539 
XNP OAY   PBA   sing N N 540 
XNP PBA   OBB   doub N N 541 
XNP PBA   OBC   sing N N 542 
XNP PBA   OBD   sing N N 543 
XNP CAV   NAX   sing N N 544 
XNP NAX   CBE   sing Y N 545 
XNP NAX   CBH   sing Y N 546 
XNP CBE   NBF   doub Y N 547 
XNP NBF   CBG   sing Y N 548 
XNP CBG   CBH   doub Y N 549 
XNP CBG   CBI   sing Y N 550 
XNP CBH   NBL   sing Y N 551 
XNP NBL   CBK   doub Y N 552 
XNP CBK   NBJ   sing Y N 553 
XNP NBJ   CBI   doub Y N 554 
XNP CBI   NBM   sing N N 555 
XNP "O3'" H1    sing N N 556 
XNP "C3'" H2    sing N N 557 
XNP "C2'" H3    sing N N 558 
XNP CAA   H4    sing N N 559 
XNP CAB   H5    sing N N 560 
XNP CAB   H6    sing N N 561 
XNP CAC   H7    sing N N 562 
XNP CAC   H8    sing N N 563 
XNP NBU   H9    sing N N 564 
XNP NBU   H10   sing N N 565 
XNP CAE   H11   sing N N 566 
XNP "C1'" H12   sing N N 567 
XNP "C4'" H13   sing N N 568 
XNP "C5'" H14   sing N N 569 
XNP "C5'" H15   sing N N 570 
XNP OBO   H16   sing N N 571 
XNP OBR   H17   sing N N 572 
XNP CAR   H18   sing N N 573 
XNP CAR   H19   sing N N 574 
XNP CAS   H20   sing N N 575 
XNP CAT   H21   sing N N 576 
XNP OAZ   H22   sing N N 577 
XNP CAU   H23   sing N N 578 
XNP OBC   H24   sing N N 579 
XNP OBD   H25   sing N N 580 
XNP CAV   H26   sing N N 581 
XNP CBE   H27   sing N N 582 
XNP CBK   H30   sing N N 583 
XNP NBM   H31   sing N N 584 
XNP NBM   H32   sing N N 585 
# 
_pdbx_audit_support.funding_organization   
'National Institutes of Health/National Institute Of Allergy and Infectious Diseases (NIH/NIAID)' 
_pdbx_audit_support.country                'United States' 
_pdbx_audit_support.grant_number           'R01 A1104841' 
_pdbx_audit_support.ordinal                1 
# 
_pdbx_entity_instance_feature.ordinal        1 
_pdbx_entity_instance_feature.comp_id        O71 
_pdbx_entity_instance_feature.asym_id        ? 
_pdbx_entity_instance_feature.seq_num        ? 
_pdbx_entity_instance_feature.auth_comp_id   O71 
_pdbx_entity_instance_feature.auth_asym_id   ? 
_pdbx_entity_instance_feature.auth_seq_num   ? 
_pdbx_entity_instance_feature.feature_type   'SUBJECT OF INVESTIGATION' 
_pdbx_entity_instance_feature.details        ? 
# 
loop_
_pdbx_entity_nonpoly.entity_id 
_pdbx_entity_nonpoly.name 
_pdbx_entity_nonpoly.comp_id 
2 '(4-{6-[(2S)-4-(2,4-diamino-6-ethylpyrimidin-5-yl)but-3-yn-2-yl]-2H-1,3-benzodioxol-4-yl}phenyl)acetic acid' O71 
3 'Tricyclic NADPH'                                                                                            XNP 
4 'NADP NICOTINAMIDE-ADENINE-DINUCLEOTIDE PHOSPHATE'                                                           NAP 
5 water                                                                                                        HOH 
# 
_pdbx_initial_refinement_model.id               1 
_pdbx_initial_refinement_model.entity_id_list   ? 
_pdbx_initial_refinement_model.type             'experimental model' 
_pdbx_initial_refinement_model.source_name      PDB 
_pdbx_initial_refinement_model.accession_code   3F0Q 
_pdbx_initial_refinement_model.details          ? 
# 
_pdbx_struct_assembly_auth_evidence.id                     1 
_pdbx_struct_assembly_auth_evidence.assembly_id            1 
_pdbx_struct_assembly_auth_evidence.experimental_support   none 
_pdbx_struct_assembly_auth_evidence.details                ? 
# 
